data_7BH2
#
_entry.id   7BH2
#
_cell.length_a   1.00
_cell.length_b   1.00
_cell.length_c   1.00
_cell.angle_alpha   90.00
_cell.angle_beta   90.00
_cell.angle_gamma   90.00
#
_symmetry.space_group_name_H-M   'P 1'
#
loop_
_entity.id
_entity.type
_entity.pdbx_description
1 polymer 'Potassium-transporting ATPase potassium-binding subunit'
2 polymer 'Potassium-transporting ATPase ATP-binding subunit'
3 polymer 'Potassium-transporting ATPase KdpC subunit'
4 polymer 'Potassium-transporting ATPase KdpF subunit'
5 non-polymer 'POTASSIUM ION'
6 non-polymer '(2R)-3-(((2-aminoethoxy)(hydroxy)phosphoryl)oxy)-2-(palmitoyloxy)propyl (E)-octadec-9-enoate'
7 non-polymer 'MAGNESIUM ION'
8 non-polymer 'BERYLLIUM TRIFLUORIDE ION'
9 water water
#
loop_
_entity_poly.entity_id
_entity_poly.type
_entity_poly.pdbx_seq_one_letter_code
_entity_poly.pdbx_strand_id
1 'polypeptide(L)'
;MAAQGFLLIATFLLVLMVLARPLGSGLARLINDIPLPGTTGVERVLFRALGVSDREMNWKQYLCAILGLNMLGLAVLFFM
LLGQHYLPLNPQQLPGLSWDLALNTAVSFVTNTNWRSYSGETTLSYFSQMAGLTVQNFLSAASGIAVIFALIRAFTRQSM
STLGNAWVDLLRITLWVLVPVALLIALFFIQQGALQNFLPYQAVNTVEGAQQLLPMGPVASQEAIKMLGTNGGGFFNANS
SHPFENPTALTNFVQMLAIFLIPTALCFAFGEVMGDRRQGRMLLWAMSVIFVICVGVVMWAEVQGNPHLLALGTDSSINM
EGKESRFGVLVSSLFAVVTTAASCGAVIAMHDSFTALGGMVPMWLMQIGEVVFGGVGSGLYGMMLFVLLAVFIAGLMIGR
TPEYLGKKIDVREMKLTALAILVTPTLVLMGAALAMMTDAGRSAMLNPGPHGFSEVLYAVSSAANNNGSAFAGLSANSPF
WNCLLAFCMFVGRFGVIIPVMAIAGSLVSKKSQAASSGTLPTHGPLFVGLLIGTVLLVGALTFIPALALGPVAEYLS
;
A
2 'polypeptide(L)'
;MSRKQLALFEPTLVVQALKEAVKKLNPQAQWRNPVMFIVWIGSLLTTCISIAMASGAMPGNALFSAAISGWLWITVLFAN
FAEALAEGRSKAQANSLKGVKKTAFARKLREPKYGAAADKVPADQLRKGDIVLVEAGDIIPCDGEVIEGGASVDESAITG
EAAPVIRESGGDFASVTGGTRILSDWLVIECSVNPGETFLDRMIAMVEGAQRRKTPNEIALTILLIALTIVFLLATATLW
PFSAWGGNAVSVTVLVALLVCLIPTTIGGLLSAIGVAGMSRMLGANVIATSGRAVEAAGDVDVLLLDKTGTITLGNRQAS
EFIPAQGVDEKTLADAAQLASLADETPEGRSIVILAKQRFNLRERDVQSLHATFVPFTAQSRMSGINIDNRMIRKGSVDA
IRRHVEANGGHFPTDVDQKVDQVARQGATPLVVVEGSRVLGVIALKDIVKGGIKERFAQLRKMGIKTVMITGDNRLTAAA
IAAEAGVDDFLAEATPEAKLALIRQYQAEGRLVAMTGDGTNDAPALAQADVAVAMNSGTQAAKEAGNMVDLDSNPTKLIE
VVHIGKQMLMTRGSLTTFSIANDVAKYFAIIPAAFAATYPQLNALNIMCLHSPDSAILSAVIFNALIIVFLIPLALKGVS
YKPLTASAMLRRNLWIYGLGGLLVPFIGIKVIDLLLTVCGLV
;
B
3 'polypeptide(L)'
;MSGLRPALSTFIFLLLITGGVYPLLTTVLGQWWFPWQANGSLIREGDTVRGSALIGQNFTGNGYFHGRPSATAEMPYNPQ
ASGGSNLAVSNPELDKLIAARVAALRAANPDASASVPVELVTASASGLDNNITPQAAAWQIPRVAKARNLSVEQLTQLIA
KYSQQPLVKYIGQPVVNIVELNLALDKLDEGTGLVPRGSSHHHHHHHH
;
C
4 'polypeptide(L)' MSAGVITGVLLVFLLLGYLVYALINAEAF D
#
loop_
_chem_comp.id
_chem_comp.type
_chem_comp.name
_chem_comp.formula
9Y0 non-polymer '(2R)-3-(((2-aminoethoxy)(hydroxy)phosphoryl)oxy)-2-(palmitoyloxy)propyl (E)-octadec-9-enoate' 'C39 H76 N O8 P'
BEF non-polymer 'BERYLLIUM TRIFLUORIDE ION' 'Be F3 -1'
K non-polymer 'POTASSIUM ION' 'K 1'
MG non-polymer 'MAGNESIUM ION' 'Mg 2'
#
# COMPACT_ATOMS: atom_id res chain seq x y z
N MET A 1 -36.75 -14.91 -20.39
CA MET A 1 -36.75 -13.68 -19.55
C MET A 1 -35.33 -13.15 -19.39
N ALA A 2 -34.55 -13.26 -20.46
CA ALA A 2 -33.25 -12.60 -20.53
C ALA A 2 -33.33 -11.26 -21.23
N ALA A 3 -34.24 -11.11 -22.20
CA ALA A 3 -34.48 -9.80 -22.79
C ALA A 3 -34.91 -8.80 -21.73
N GLN A 4 -35.76 -9.24 -20.79
CA GLN A 4 -36.22 -8.34 -19.74
C GLN A 4 -35.07 -7.96 -18.81
N GLY A 5 -34.21 -8.91 -18.47
CA GLY A 5 -33.07 -8.57 -17.64
C GLY A 5 -32.14 -7.58 -18.32
N PHE A 6 -31.84 -7.82 -19.59
CA PHE A 6 -30.98 -6.90 -20.33
C PHE A 6 -31.61 -5.52 -20.40
N LEU A 7 -32.91 -5.45 -20.71
CA LEU A 7 -33.56 -4.14 -20.80
C LEU A 7 -33.57 -3.42 -19.47
N LEU A 8 -33.80 -4.16 -18.38
CA LEU A 8 -33.79 -3.54 -17.06
C LEU A 8 -32.43 -2.94 -16.76
N ILE A 9 -31.35 -3.71 -16.96
CA ILE A 9 -30.02 -3.19 -16.67
C ILE A 9 -29.69 -2.01 -17.57
N ALA A 10 -30.02 -2.12 -18.86
CA ALA A 10 -29.70 -1.06 -19.80
C ALA A 10 -30.40 0.24 -19.41
N THR A 11 -31.71 0.16 -19.14
CA THR A 11 -32.44 1.38 -18.78
C THR A 11 -31.93 1.96 -17.47
N PHE A 12 -31.64 1.11 -16.48
CA PHE A 12 -31.08 1.60 -15.23
C PHE A 12 -29.82 2.42 -15.49
N LEU A 13 -28.84 1.82 -16.16
CA LEU A 13 -27.57 2.52 -16.35
C LEU A 13 -27.74 3.76 -17.22
N LEU A 14 -28.61 3.71 -18.23
CA LEU A 14 -28.78 4.84 -19.12
C LEU A 14 -29.36 6.04 -18.38
N VAL A 15 -30.47 5.83 -17.67
CA VAL A 15 -31.06 6.93 -16.90
C VAL A 15 -30.08 7.42 -15.85
N LEU A 16 -29.30 6.51 -15.28
CA LEU A 16 -28.35 6.92 -14.24
C LEU A 16 -27.32 7.87 -14.80
N MET A 17 -26.74 7.54 -15.96
CA MET A 17 -25.73 8.43 -16.52
C MET A 17 -26.35 9.77 -16.88
N VAL A 18 -27.55 9.76 -17.44
CA VAL A 18 -28.18 11.02 -17.83
C VAL A 18 -28.36 11.91 -16.62
N LEU A 19 -28.93 11.37 -15.54
CA LEU A 19 -29.16 12.18 -14.33
C LEU A 19 -27.87 12.63 -13.67
N ALA A 20 -26.85 11.77 -13.64
CA ALA A 20 -25.63 12.07 -12.89
C ALA A 20 -24.67 12.98 -13.63
N ARG A 21 -24.67 13.02 -14.95
CA ARG A 21 -23.73 13.92 -15.62
C ARG A 21 -23.96 15.38 -15.27
N PRO A 22 -25.19 15.90 -15.27
CA PRO A 22 -25.40 17.29 -14.83
C PRO A 22 -25.04 17.59 -13.38
N LEU A 23 -25.29 16.67 -12.46
CA LEU A 23 -24.95 16.92 -11.06
C LEU A 23 -23.45 16.95 -10.83
N GLY A 24 -22.68 16.23 -11.65
CA GLY A 24 -21.25 16.24 -11.50
C GLY A 24 -20.66 17.62 -11.68
N SER A 25 -21.27 18.45 -12.54
CA SER A 25 -20.81 19.82 -12.70
C SER A 25 -21.01 20.61 -11.42
N GLY A 26 -22.16 20.44 -10.76
CA GLY A 26 -22.37 21.10 -9.49
C GLY A 26 -21.35 20.69 -8.45
N LEU A 27 -21.14 19.40 -8.30
CA LEU A 27 -20.14 18.95 -7.34
C LEU A 27 -18.76 19.46 -7.69
N ALA A 28 -18.47 19.66 -8.98
CA ALA A 28 -17.18 20.22 -9.36
C ALA A 28 -17.08 21.69 -8.97
N ARG A 29 -18.18 22.42 -9.08
CA ARG A 29 -18.18 23.79 -8.57
C ARG A 29 -17.96 23.82 -7.07
N LEU A 30 -18.45 22.81 -6.36
CA LEU A 30 -18.24 22.77 -4.92
C LEU A 30 -16.80 22.39 -4.57
N ILE A 31 -16.19 21.48 -5.34
CA ILE A 31 -14.83 21.07 -5.02
C ILE A 31 -13.83 22.16 -5.35
N ASN A 32 -14.16 23.05 -6.29
CA ASN A 32 -13.33 24.19 -6.61
C ASN A 32 -13.61 25.41 -5.75
N ASP A 33 -14.34 25.23 -4.64
CA ASP A 33 -14.63 26.30 -3.70
C ASP A 33 -15.38 27.46 -4.33
N ILE A 34 -16.02 27.25 -5.47
CA ILE A 34 -16.79 28.28 -6.14
C ILE A 34 -18.21 28.23 -5.59
N PRO A 35 -18.85 29.36 -5.29
CA PRO A 35 -20.23 29.29 -4.81
C PRO A 35 -21.19 28.98 -5.93
N LEU A 36 -22.22 28.19 -5.61
CA LEU A 36 -23.24 27.82 -6.57
C LEU A 36 -23.92 29.08 -7.09
N PRO A 37 -24.73 28.98 -8.16
CA PRO A 37 -25.16 30.19 -8.86
C PRO A 37 -25.78 31.29 -7.99
N GLY A 38 -26.86 30.99 -7.30
CA GLY A 38 -27.62 32.01 -6.60
C GLY A 38 -27.36 32.14 -5.13
N THR A 39 -26.45 31.36 -4.57
CA THR A 39 -26.22 31.30 -3.14
C THR A 39 -24.81 31.82 -2.84
N THR A 40 -24.70 33.14 -2.77
CA THR A 40 -23.44 33.78 -2.39
C THR A 40 -23.59 34.91 -1.41
N GLY A 41 -24.80 35.43 -1.18
CA GLY A 41 -25.03 36.37 -0.11
C GLY A 41 -25.64 35.66 1.08
N VAL A 42 -26.58 34.76 0.80
CA VAL A 42 -27.06 33.84 1.81
C VAL A 42 -25.88 33.15 2.49
N GLU A 43 -24.91 32.72 1.69
CA GLU A 43 -23.76 32.02 2.23
C GLU A 43 -22.93 32.94 3.12
N ARG A 44 -22.75 34.19 2.71
CA ARG A 44 -21.98 35.12 3.52
C ARG A 44 -22.64 35.35 4.87
N VAL A 45 -23.94 35.67 4.87
CA VAL A 45 -24.62 35.94 6.13
C VAL A 45 -24.62 34.70 7.01
N LEU A 46 -24.84 33.52 6.41
CA LEU A 46 -24.91 32.31 7.20
C LEU A 46 -23.57 31.97 7.82
N PHE A 47 -22.49 32.13 7.08
CA PHE A 47 -21.18 31.80 7.64
C PHE A 47 -20.76 32.83 8.67
N ARG A 48 -21.04 34.12 8.44
CA ARG A 48 -20.72 35.10 9.45
C ARG A 48 -21.47 34.82 10.75
N ALA A 49 -22.77 34.48 10.63
CA ALA A 49 -23.57 34.20 11.83
C ALA A 49 -23.06 32.97 12.55
N LEU A 50 -22.68 31.93 11.82
CA LEU A 50 -22.19 30.71 12.45
C LEU A 50 -20.76 30.84 12.94
N GLY A 51 -20.05 31.88 12.51
CA GLY A 51 -18.70 32.10 12.95
C GLY A 51 -17.73 31.15 12.29
N VAL A 52 -17.85 31.04 10.97
CA VAL A 52 -17.03 30.12 10.19
C VAL A 52 -16.24 30.91 9.16
N SER A 53 -15.85 32.13 9.50
CA SER A 53 -15.10 32.96 8.58
C SER A 53 -13.97 32.17 7.94
N ASP A 54 -13.90 32.24 6.61
CA ASP A 54 -13.04 31.35 5.85
C ASP A 54 -11.59 31.43 6.31
N ARG A 55 -11.02 30.27 6.57
CA ARG A 55 -9.60 30.14 6.87
C ARG A 55 -9.27 28.66 6.70
N GLU A 56 -8.34 28.36 5.81
CA GLU A 56 -8.14 26.99 5.34
C GLU A 56 -7.67 26.07 6.46
N MET A 57 -7.52 24.78 6.15
CA MET A 57 -7.15 23.77 7.12
C MET A 57 -6.17 22.80 6.47
N ASN A 58 -5.11 22.44 7.20
CA ASN A 58 -4.22 21.39 6.74
C ASN A 58 -4.92 20.06 6.99
N TRP A 59 -4.22 18.94 6.81
CA TRP A 59 -4.91 17.66 6.92
C TRP A 59 -5.24 17.32 8.37
N LYS A 60 -4.39 17.69 9.32
CA LYS A 60 -4.66 17.42 10.72
C LYS A 60 -5.92 18.15 11.17
N GLN A 61 -6.04 19.42 10.83
CA GLN A 61 -7.19 20.20 11.26
C GLN A 61 -8.46 19.71 10.59
N TYR A 62 -8.40 19.38 9.31
CA TYR A 62 -9.56 18.82 8.60
C TYR A 62 -10.02 17.53 9.26
N LEU A 63 -9.10 16.60 9.48
CA LEU A 63 -9.43 15.33 10.09
C LEU A 63 -10.05 15.54 11.47
N CYS A 64 -9.45 16.40 12.28
CA CYS A 64 -9.98 16.62 13.61
C CYS A 64 -11.36 17.23 13.57
N ALA A 65 -11.62 18.12 12.61
CA ALA A 65 -12.96 18.70 12.49
C ALA A 65 -13.99 17.62 12.20
N ILE A 66 -13.70 16.76 11.23
CA ILE A 66 -14.65 15.69 10.89
C ILE A 66 -14.90 14.79 12.10
N LEU A 67 -13.82 14.36 12.75
CA LEU A 67 -13.98 13.44 13.89
C LEU A 67 -14.71 14.11 15.03
N GLY A 68 -14.49 15.40 15.25
CA GLY A 68 -15.20 16.08 16.32
C GLY A 68 -16.68 16.16 16.06
N LEU A 69 -17.07 16.52 14.84
CA LEU A 69 -18.48 16.51 14.50
C LEU A 69 -19.08 15.14 14.73
N ASN A 70 -18.38 14.08 14.31
CA ASN A 70 -18.94 12.73 14.44
C ASN A 70 -19.08 12.33 15.91
N MET A 71 -18.10 12.65 16.75
CA MET A 71 -18.21 12.27 18.16
C MET A 71 -19.31 13.04 18.86
N LEU A 72 -19.49 14.31 18.53
CA LEU A 72 -20.58 15.06 19.11
C LEU A 72 -21.92 14.44 18.72
N GLY A 73 -22.08 14.10 17.45
CA GLY A 73 -23.31 13.44 17.03
C GLY A 73 -23.52 12.11 17.73
N LEU A 74 -22.46 11.35 17.94
CA LEU A 74 -22.56 10.07 18.60
C LEU A 74 -23.06 10.23 20.03
N ALA A 75 -22.44 11.13 20.79
CA ALA A 75 -22.90 11.35 22.16
C ALA A 75 -24.37 11.76 22.18
N VAL A 76 -24.76 12.67 21.30
CA VAL A 76 -26.14 13.17 21.31
C VAL A 76 -27.11 12.03 21.00
N LEU A 77 -26.85 11.25 19.96
CA LEU A 77 -27.78 10.19 19.59
C LEU A 77 -27.85 9.10 20.65
N PHE A 78 -26.71 8.74 21.25
CA PHE A 78 -26.72 7.76 22.33
C PHE A 78 -27.66 8.22 23.43
N PHE A 79 -27.38 9.38 24.02
CA PHE A 79 -28.20 9.81 25.15
C PHE A 79 -29.64 10.00 24.73
N MET A 80 -29.90 10.42 23.50
CA MET A 80 -31.27 10.61 23.05
C MET A 80 -32.02 9.30 23.07
N LEU A 81 -31.40 8.23 22.56
CA LEU A 81 -32.05 6.94 22.53
C LEU A 81 -32.28 6.39 23.93
N LEU A 82 -31.31 6.58 24.82
CA LEU A 82 -31.48 6.08 26.19
C LEU A 82 -32.66 6.73 26.88
N GLY A 83 -32.88 8.02 26.67
CA GLY A 83 -33.92 8.72 27.38
C GLY A 83 -35.12 9.09 26.56
N GLN A 84 -35.61 8.20 25.70
CA GLN A 84 -36.73 8.54 24.84
C GLN A 84 -38.07 8.44 25.54
N HIS A 85 -38.12 8.15 26.82
CA HIS A 85 -39.37 8.21 27.56
C HIS A 85 -39.55 9.55 28.25
N TYR A 86 -38.70 10.54 27.93
CA TYR A 86 -38.87 11.91 28.38
C TYR A 86 -39.09 12.89 27.26
N LEU A 87 -38.80 12.54 26.06
CA LEU A 87 -38.88 13.40 24.91
C LEU A 87 -40.27 13.34 24.28
N PRO A 88 -40.70 14.39 23.58
CA PRO A 88 -42.08 14.43 23.08
C PRO A 88 -42.30 13.53 21.88
N LEU A 89 -43.47 13.63 21.26
CA LEU A 89 -43.81 12.88 20.06
C LEU A 89 -43.65 11.38 20.32
N ASN A 90 -44.40 10.89 21.30
CA ASN A 90 -44.37 9.50 21.70
C ASN A 90 -45.81 9.06 21.91
N PRO A 91 -46.50 8.67 20.84
CA PRO A 91 -47.91 8.29 20.99
C PRO A 91 -48.08 6.98 21.76
N GLN A 92 -47.34 5.96 21.36
CA GLN A 92 -47.28 4.72 22.11
C GLN A 92 -46.15 4.85 23.13
N GLN A 93 -46.49 4.79 24.40
CA GLN A 93 -45.51 5.19 25.40
C GLN A 93 -44.40 4.17 25.47
N LEU A 94 -43.52 4.17 24.48
CA LEU A 94 -42.42 3.23 24.45
C LEU A 94 -41.35 3.63 25.46
N PRO A 95 -40.62 2.68 26.01
CA PRO A 95 -39.57 2.99 26.97
C PRO A 95 -38.21 3.19 26.30
N GLY A 96 -37.27 3.71 27.08
CA GLY A 96 -35.95 3.97 26.55
C GLY A 96 -35.19 2.69 26.27
N LEU A 97 -34.35 2.73 25.24
CA LEU A 97 -33.63 1.54 24.82
C LEU A 97 -32.67 1.08 25.91
N SER A 98 -32.01 -0.05 25.68
CA SER A 98 -31.02 -0.57 26.61
C SER A 98 -29.70 0.18 26.42
N TRP A 99 -28.67 -0.21 27.16
CA TRP A 99 -27.36 0.40 26.94
C TRP A 99 -26.67 -0.25 25.75
N ASP A 100 -26.78 -1.56 25.60
CA ASP A 100 -26.12 -2.24 24.49
C ASP A 100 -26.79 -1.93 23.17
N LEU A 101 -28.13 -1.94 23.14
CA LEU A 101 -28.84 -1.64 21.91
C LEU A 101 -28.70 -0.17 21.54
N ALA A 102 -28.79 0.72 22.52
CA ALA A 102 -28.58 2.14 22.23
C ALA A 102 -27.16 2.39 21.73
N LEU A 103 -26.17 1.73 22.31
CA LEU A 103 -24.80 1.91 21.85
C LEU A 103 -24.64 1.43 20.42
N ASN A 104 -25.17 0.25 20.11
CA ASN A 104 -25.04 -0.26 18.75
C ASN A 104 -25.75 0.64 17.76
N THR A 105 -26.95 1.13 18.11
CA THR A 105 -27.70 1.99 17.20
C THR A 105 -26.98 3.32 16.98
N ALA A 106 -26.47 3.92 18.05
CA ALA A 106 -25.73 5.17 17.90
C ALA A 106 -24.53 4.97 17.00
N VAL A 107 -23.68 3.99 17.32
CA VAL A 107 -22.49 3.76 16.52
C VAL A 107 -22.85 3.47 15.07
N SER A 108 -23.88 2.67 14.84
CA SER A 108 -24.22 2.30 13.48
C SER A 108 -24.66 3.51 12.67
N PHE A 109 -25.58 4.31 13.21
CA PHE A 109 -26.05 5.46 12.45
C PHE A 109 -24.96 6.51 12.27
N VAL A 110 -24.11 6.72 13.28
CA VAL A 110 -23.09 7.76 13.15
C VAL A 110 -22.05 7.40 12.10
N THR A 111 -21.85 6.10 11.82
CA THR A 111 -20.82 5.67 10.89
C THR A 111 -21.41 5.23 9.56
N ASN A 112 -22.60 5.69 9.22
CA ASN A 112 -23.22 5.44 7.94
C ASN A 112 -23.47 3.96 7.70
N THR A 113 -23.59 3.16 8.75
CA THR A 113 -23.89 1.74 8.59
C THR A 113 -25.39 1.49 8.62
N ASN A 114 -26.07 2.03 9.61
CA ASN A 114 -27.50 1.79 9.80
C ASN A 114 -27.78 0.30 9.88
N TRP A 115 -27.05 -0.37 10.77
CA TRP A 115 -27.30 -1.75 11.11
C TRP A 115 -28.43 -1.81 12.12
N ARG A 116 -29.40 -2.69 11.87
CA ARG A 116 -30.63 -2.76 12.65
C ARG A 116 -30.68 -4.10 13.35
N SER A 117 -30.62 -4.09 14.67
CA SER A 117 -30.81 -5.28 15.48
C SER A 117 -32.05 -5.12 16.37
N TYR A 118 -33.02 -4.34 15.91
CA TYR A 118 -34.23 -4.05 16.65
C TYR A 118 -35.39 -4.07 15.65
N SER A 119 -36.55 -3.60 16.09
CA SER A 119 -37.73 -3.48 15.25
C SER A 119 -38.27 -2.06 15.41
N GLY A 120 -38.21 -1.27 14.34
CA GLY A 120 -38.55 0.14 14.44
C GLY A 120 -40.00 0.40 14.77
N GLU A 121 -40.90 -0.54 14.49
CA GLU A 121 -42.31 -0.33 14.75
C GLU A 121 -42.64 -0.35 16.23
N THR A 122 -41.81 -1.00 17.04
CA THR A 122 -42.09 -1.20 18.45
C THR A 122 -40.90 -0.83 19.33
N THR A 123 -39.97 -0.02 18.82
CA THR A 123 -38.80 0.35 19.60
C THR A 123 -38.57 1.86 19.64
N LEU A 124 -38.59 2.52 18.49
CA LEU A 124 -38.38 3.96 18.37
C LEU A 124 -39.71 4.70 18.30
N SER A 125 -39.65 6.03 18.50
CA SER A 125 -40.84 6.79 18.87
C SER A 125 -40.95 8.15 18.19
N TYR A 126 -40.83 8.20 16.86
CA TYR A 126 -41.17 9.40 16.10
C TYR A 126 -40.26 10.60 16.37
N PHE A 127 -39.41 10.51 17.35
CA PHE A 127 -38.48 11.55 17.72
C PHE A 127 -37.06 11.05 17.70
N SER A 128 -36.87 9.79 18.08
CA SER A 128 -35.64 9.11 17.75
C SER A 128 -35.51 8.98 16.24
N GLN A 129 -36.61 8.68 15.56
CA GLN A 129 -36.58 8.58 14.11
C GLN A 129 -36.37 9.94 13.47
N MET A 130 -37.13 10.94 13.91
CA MET A 130 -37.14 12.26 13.27
C MET A 130 -35.90 13.07 13.64
N ALA A 131 -35.70 13.35 14.93
CA ALA A 131 -34.60 14.21 15.35
C ALA A 131 -33.33 13.46 15.70
N GLY A 132 -33.26 12.16 15.42
CA GLY A 132 -32.06 11.39 15.67
C GLY A 132 -31.47 10.69 14.47
N LEU A 133 -32.13 9.61 14.07
CA LEU A 133 -31.64 8.77 12.98
C LEU A 133 -31.52 9.53 11.66
N THR A 134 -32.48 10.37 11.31
CA THR A 134 -32.35 11.05 10.02
C THR A 134 -31.41 12.25 10.08
N VAL A 135 -31.25 12.86 11.25
CA VAL A 135 -30.22 13.88 11.36
C VAL A 135 -28.86 13.24 11.16
N GLN A 136 -28.70 12.01 11.62
CA GLN A 136 -27.42 11.35 11.41
C GLN A 136 -27.30 10.85 9.99
N ASN A 137 -28.40 10.62 9.30
CA ASN A 137 -28.30 10.27 7.89
C ASN A 137 -27.69 11.43 7.13
N PHE A 138 -28.19 12.64 7.37
CA PHE A 138 -27.66 13.81 6.69
C PHE A 138 -26.21 14.06 7.07
N LEU A 139 -25.88 13.95 8.37
CA LEU A 139 -24.54 14.33 8.80
C LEU A 139 -23.50 13.30 8.38
N SER A 140 -23.77 12.00 8.54
CA SER A 140 -22.81 11.01 8.10
C SER A 140 -22.61 11.07 6.58
N ALA A 141 -23.69 11.32 5.82
CA ALA A 141 -23.53 11.42 4.38
C ALA A 141 -22.66 12.61 4.00
N ALA A 142 -22.78 13.72 4.74
CA ALA A 142 -21.98 14.88 4.36
C ALA A 142 -20.55 14.73 4.84
N SER A 143 -20.32 14.03 5.94
CA SER A 143 -18.95 13.79 6.37
C SER A 143 -18.23 12.94 5.34
N GLY A 144 -18.92 11.94 4.79
CA GLY A 144 -18.31 11.12 3.76
C GLY A 144 -18.04 11.89 2.49
N ILE A 145 -18.95 12.79 2.09
CA ILE A 145 -18.70 13.56 0.87
C ILE A 145 -17.57 14.57 1.09
N ALA A 146 -17.36 15.01 2.33
CA ALA A 146 -16.34 16.01 2.56
C ALA A 146 -14.95 15.40 2.54
N VAL A 147 -14.80 14.19 3.09
CA VAL A 147 -13.48 13.56 3.03
C VAL A 147 -13.03 13.41 1.58
N ILE A 148 -13.93 13.01 0.69
CA ILE A 148 -13.55 12.84 -0.70
C ILE A 148 -13.31 14.18 -1.37
N PHE A 149 -14.00 15.24 -0.96
CA PHE A 149 -13.65 16.56 -1.47
C PHE A 149 -12.20 16.88 -1.14
N ALA A 150 -11.81 16.62 0.11
CA ALA A 150 -10.43 16.89 0.51
C ALA A 150 -9.44 16.05 -0.30
N LEU A 151 -9.80 14.82 -0.63
CA LEU A 151 -8.84 14.00 -1.37
C LEU A 151 -8.70 14.45 -2.82
N ILE A 152 -9.80 14.87 -3.46
CA ILE A 152 -9.67 15.38 -4.81
C ILE A 152 -8.89 16.68 -4.82
N ARG A 153 -9.08 17.51 -3.79
CA ARG A 153 -8.31 18.74 -3.70
C ARG A 153 -6.83 18.44 -3.55
N ALA A 154 -6.49 17.40 -2.79
CA ALA A 154 -5.09 17.03 -2.68
C ALA A 154 -4.54 16.62 -4.04
N PHE A 155 -5.32 15.88 -4.81
CA PHE A 155 -4.84 15.49 -6.13
C PHE A 155 -4.67 16.65 -7.10
N THR A 156 -5.47 17.72 -7.00
CA THR A 156 -5.39 18.78 -8.01
C THR A 156 -4.67 20.06 -7.56
N ARG A 157 -4.24 20.16 -6.31
CA ARG A 157 -3.56 21.36 -5.82
C ARG A 157 -2.05 21.19 -5.87
N GLN A 158 -1.37 22.16 -6.46
CA GLN A 158 0.07 22.09 -6.73
C GLN A 158 0.82 22.84 -5.64
N SER A 159 1.61 22.13 -4.85
CA SER A 159 2.49 22.71 -3.86
C SER A 159 1.75 23.67 -2.93
N MET A 160 0.80 23.11 -2.18
CA MET A 160 0.10 23.87 -1.15
C MET A 160 0.20 23.12 0.16
N SER A 161 -0.52 23.58 1.18
CA SER A 161 -0.53 22.91 2.47
C SER A 161 -1.93 22.74 3.05
N THR A 162 -2.94 23.39 2.49
CA THR A 162 -4.26 23.43 3.07
C THR A 162 -5.29 22.85 2.11
N LEU A 163 -6.25 22.10 2.66
CA LEU A 163 -7.26 21.39 1.90
C LEU A 163 -8.62 22.06 1.96
N GLY A 164 -8.69 23.32 2.39
CA GLY A 164 -9.95 24.03 2.45
C GLY A 164 -10.69 23.78 3.74
N ASN A 165 -11.68 24.63 3.99
CA ASN A 165 -12.43 24.59 5.24
C ASN A 165 -13.39 23.42 5.25
N ALA A 166 -13.48 22.74 6.40
CA ALA A 166 -14.37 21.59 6.54
C ALA A 166 -15.79 21.98 6.88
N TRP A 167 -15.94 23.00 7.72
CA TRP A 167 -17.27 23.42 8.13
C TRP A 167 -18.05 23.96 6.94
N VAL A 168 -17.39 24.72 6.07
CA VAL A 168 -18.05 25.23 4.87
C VAL A 168 -18.39 24.09 3.93
N ASP A 169 -17.54 23.08 3.84
CA ASP A 169 -17.85 21.92 3.02
C ASP A 169 -19.10 21.22 3.51
N LEU A 170 -19.18 20.96 4.83
CA LEU A 170 -20.37 20.31 5.37
C LEU A 170 -21.62 21.13 5.11
N LEU A 171 -21.55 22.43 5.37
CA LEU A 171 -22.75 23.25 5.19
C LEU A 171 -23.17 23.31 3.73
N ARG A 172 -22.24 23.52 2.82
CA ARG A 172 -22.57 23.53 1.39
C ARG A 172 -23.19 22.21 0.96
N ILE A 173 -22.49 21.10 1.24
CA ILE A 173 -23.01 19.78 0.86
C ILE A 173 -24.45 19.62 1.36
N THR A 174 -24.64 19.72 2.68
CA THR A 174 -25.96 19.49 3.25
C THR A 174 -27.00 20.42 2.63
N LEU A 175 -26.84 21.73 2.83
CA LEU A 175 -27.89 22.66 2.42
C LEU A 175 -28.17 22.59 0.93
N TRP A 176 -27.14 22.67 0.10
CA TRP A 176 -27.35 22.88 -1.33
C TRP A 176 -27.51 21.60 -2.13
N VAL A 177 -27.24 20.43 -1.55
CA VAL A 177 -27.30 19.19 -2.30
C VAL A 177 -28.28 18.22 -1.66
N LEU A 178 -28.09 17.92 -0.38
CA LEU A 178 -28.80 16.80 0.21
C LEU A 178 -30.23 17.14 0.60
N VAL A 179 -30.53 18.39 0.92
CA VAL A 179 -31.86 18.75 1.39
C VAL A 179 -32.84 18.94 0.23
N PRO A 180 -32.50 19.67 -0.85
CA PRO A 180 -33.47 19.84 -1.94
C PRO A 180 -33.79 18.55 -2.68
N VAL A 181 -32.74 17.80 -3.04
CA VAL A 181 -32.96 16.52 -3.71
C VAL A 181 -33.81 15.60 -2.85
N ALA A 182 -33.49 15.55 -1.54
CA ALA A 182 -34.25 14.69 -0.65
C ALA A 182 -35.69 15.15 -0.54
N LEU A 183 -35.92 16.47 -0.56
CA LEU A 183 -37.29 16.96 -0.49
C LEU A 183 -38.09 16.54 -1.71
N LEU A 184 -37.50 16.64 -2.90
CA LEU A 184 -38.22 16.24 -4.10
C LEU A 184 -38.51 14.75 -4.09
N ILE A 185 -37.51 13.94 -3.74
CA ILE A 185 -37.74 12.50 -3.67
C ILE A 185 -38.82 12.17 -2.66
N ALA A 186 -38.80 12.84 -1.51
CA ALA A 186 -39.79 12.56 -0.48
C ALA A 186 -41.19 12.90 -0.95
N LEU A 187 -41.35 14.03 -1.61
CA LEU A 187 -42.68 14.39 -2.11
C LEU A 187 -43.17 13.39 -3.15
N PHE A 188 -42.28 12.91 -4.01
CA PHE A 188 -42.67 11.87 -4.94
C PHE A 188 -43.17 10.63 -4.19
N PHE A 189 -42.38 10.13 -3.26
CA PHE A 189 -42.76 8.93 -2.53
C PHE A 189 -44.11 9.12 -1.85
N ILE A 190 -44.32 10.25 -1.20
CA ILE A 190 -45.61 10.49 -0.55
C ILE A 190 -46.72 10.48 -1.59
N GLN A 191 -46.44 10.97 -2.79
CA GLN A 191 -47.45 10.93 -3.83
C GLN A 191 -47.80 9.51 -4.22
N GLN A 192 -46.82 8.60 -4.16
CA GLN A 192 -47.06 7.23 -4.60
C GLN A 192 -47.70 6.34 -3.54
N GLY A 193 -47.68 6.74 -2.28
CA GLY A 193 -48.34 5.98 -1.23
C GLY A 193 -47.66 5.94 0.11
N ALA A 194 -46.43 6.44 0.21
CA ALA A 194 -45.71 6.41 1.48
C ALA A 194 -46.36 7.36 2.48
N LEU A 195 -46.01 7.19 3.75
CA LEU A 195 -46.63 7.95 4.83
C LEU A 195 -45.85 9.21 5.15
N GLN A 196 -46.57 10.21 5.65
CA GLN A 196 -45.93 11.35 6.29
C GLN A 196 -46.96 11.98 7.23
N ASN A 197 -46.87 11.65 8.51
CA ASN A 197 -47.82 12.13 9.50
C ASN A 197 -47.33 11.71 10.87
N PHE A 198 -47.88 12.37 11.89
CA PHE A 198 -47.53 12.08 13.28
C PHE A 198 -48.75 11.62 14.05
N LEU A 199 -49.51 10.70 13.48
CA LEU A 199 -50.74 10.22 14.10
C LEU A 199 -50.46 9.02 14.97
N PRO A 200 -51.32 8.74 15.94
CA PRO A 200 -51.20 7.47 16.68
C PRO A 200 -51.53 6.29 15.79
N TYR A 201 -51.14 5.12 16.24
CA TYR A 201 -51.32 3.92 15.43
C TYR A 201 -52.79 3.66 15.19
N GLN A 202 -53.13 3.33 13.95
CA GLN A 202 -54.51 3.19 13.52
C GLN A 202 -55.06 1.81 13.85
N ALA A 203 -56.28 1.77 14.35
CA ALA A 203 -56.93 0.54 14.75
C ALA A 203 -57.90 0.11 13.65
N VAL A 204 -57.56 -0.94 12.94
CA VAL A 204 -58.35 -1.46 11.83
C VAL A 204 -59.15 -2.66 12.30
N ASN A 205 -60.32 -2.87 11.72
CA ASN A 205 -61.06 -4.11 11.89
C ASN A 205 -61.24 -4.75 10.52
N THR A 206 -60.53 -5.85 10.29
CA THR A 206 -60.43 -6.52 9.00
C THR A 206 -61.80 -6.82 8.41
N VAL A 207 -61.85 -7.12 7.11
CA VAL A 207 -63.10 -7.53 6.48
C VAL A 207 -63.74 -8.67 7.25
N GLU A 208 -62.94 -9.66 7.62
CA GLU A 208 -63.38 -10.72 8.50
C GLU A 208 -63.34 -10.19 9.93
N GLY A 209 -63.42 -11.06 10.92
CA GLY A 209 -63.49 -10.61 12.29
C GLY A 209 -62.18 -10.15 12.90
N ALA A 210 -61.06 -10.29 12.19
CA ALA A 210 -59.75 -10.05 12.78
C ALA A 210 -59.58 -8.59 13.16
N GLN A 211 -58.43 -8.28 13.75
CA GLN A 211 -58.05 -6.93 14.13
C GLN A 211 -56.64 -6.64 13.61
N GLN A 212 -56.37 -5.36 13.40
CA GLN A 212 -55.05 -4.91 12.96
C GLN A 212 -54.72 -3.60 13.64
N LEU A 213 -53.44 -3.29 13.75
CA LEU A 213 -52.97 -2.01 14.28
C LEU A 213 -51.86 -1.52 13.36
N LEU A 214 -52.15 -0.53 12.59
CA LEU A 214 -51.20 -0.05 11.60
C LEU A 214 -50.28 1.00 12.19
N PRO A 215 -48.97 0.91 12.01
CA PRO A 215 -48.08 2.01 12.42
C PRO A 215 -48.14 3.18 11.44
N MET A 216 -48.01 4.39 11.97
CA MET A 216 -48.31 5.61 11.23
C MET A 216 -47.25 6.68 11.44
N GLY A 217 -45.98 6.35 11.27
CA GLY A 217 -44.94 7.34 11.47
C GLY A 217 -44.72 8.22 10.27
N PRO A 218 -43.81 9.19 10.41
CA PRO A 218 -43.37 10.02 9.27
C PRO A 218 -42.30 9.35 8.41
N VAL A 219 -42.75 8.49 7.50
CA VAL A 219 -41.85 7.56 6.86
C VAL A 219 -41.12 8.15 5.66
N ALA A 220 -41.74 9.09 4.94
CA ALA A 220 -41.24 9.44 3.62
C ALA A 220 -39.96 10.26 3.68
N SER A 221 -39.86 11.19 4.61
CA SER A 221 -38.65 12.00 4.70
C SER A 221 -37.43 11.14 4.96
N GLN A 222 -37.52 10.25 5.95
CA GLN A 222 -36.41 9.36 6.22
C GLN A 222 -36.17 8.40 5.08
N GLU A 223 -37.21 7.98 4.35
CA GLU A 223 -36.99 7.14 3.19
C GLU A 223 -36.13 7.85 2.15
N ALA A 224 -36.49 9.10 1.85
CA ALA A 224 -35.79 9.85 0.83
C ALA A 224 -34.33 10.03 1.20
N ILE A 225 -34.05 10.55 2.40
CA ILE A 225 -32.66 10.79 2.74
C ILE A 225 -31.90 9.48 2.90
N LYS A 226 -32.53 8.41 3.38
CA LYS A 226 -31.79 7.17 3.56
C LYS A 226 -31.29 6.68 2.22
N MET A 227 -32.14 6.70 1.21
CA MET A 227 -31.68 6.22 -0.09
C MET A 227 -30.67 7.18 -0.70
N LEU A 228 -30.97 8.48 -0.68
CA LEU A 228 -30.12 9.44 -1.40
C LEU A 228 -28.69 9.46 -0.89
N GLY A 229 -28.48 9.23 0.41
CA GLY A 229 -27.15 9.33 0.97
C GLY A 229 -26.58 7.97 1.31
N THR A 230 -27.06 6.93 0.64
CA THR A 230 -26.68 5.54 0.87
C THR A 230 -26.46 5.26 2.34
N ASN A 231 -27.50 5.51 3.13
CA ASN A 231 -27.51 5.11 4.53
C ASN A 231 -28.17 3.75 4.67
N GLY A 232 -29.43 3.65 4.27
CA GLY A 232 -30.11 2.37 4.27
C GLY A 232 -30.67 1.95 5.60
N GLY A 233 -31.15 2.90 6.41
CA GLY A 233 -31.75 2.56 7.69
C GLY A 233 -33.26 2.64 7.65
N GLY A 234 -33.91 1.49 7.62
CA GLY A 234 -35.34 1.48 7.44
C GLY A 234 -36.10 2.04 8.62
N PHE A 235 -37.33 2.49 8.34
CA PHE A 235 -38.22 2.95 9.39
C PHE A 235 -38.90 1.79 10.09
N PHE A 236 -39.14 0.69 9.38
CA PHE A 236 -39.80 -0.50 9.90
C PHE A 236 -38.82 -1.66 9.94
N ASN A 237 -39.31 -2.83 10.33
CA ASN A 237 -38.43 -3.99 10.46
C ASN A 237 -38.01 -4.52 9.08
N ALA A 238 -38.97 -4.96 8.28
CA ALA A 238 -38.71 -5.21 6.87
C ALA A 238 -38.28 -3.90 6.23
N ASN A 239 -37.04 -3.85 5.76
CA ASN A 239 -36.40 -2.57 5.53
C ASN A 239 -37.13 -1.71 4.52
N SER A 240 -37.13 -2.13 3.25
CA SER A 240 -37.64 -1.32 2.15
C SER A 240 -38.60 -2.12 1.29
N SER A 241 -39.12 -3.21 1.82
CA SER A 241 -40.19 -3.98 1.20
C SER A 241 -41.54 -3.69 1.83
N HIS A 242 -41.58 -2.97 2.94
CA HIS A 242 -42.84 -2.66 3.57
C HIS A 242 -43.70 -1.85 2.60
N PRO A 243 -45.00 -2.13 2.48
CA PRO A 243 -45.84 -1.38 1.54
C PRO A 243 -45.93 0.11 1.83
N PHE A 244 -45.45 0.58 2.97
CA PHE A 244 -45.47 2.00 3.31
C PHE A 244 -44.14 2.69 3.03
N GLU A 245 -43.11 1.95 2.66
CA GLU A 245 -41.83 2.52 2.28
C GLU A 245 -41.51 2.38 0.80
N ASN A 246 -42.02 1.34 0.15
CA ASN A 246 -41.81 1.11 -1.27
C ASN A 246 -43.18 0.81 -1.87
N PRO A 247 -44.02 1.82 -2.05
CA PRO A 247 -45.42 1.55 -2.40
C PRO A 247 -45.62 0.86 -3.73
N THR A 248 -44.86 1.23 -4.76
CA THR A 248 -45.10 0.74 -6.12
C THR A 248 -43.76 0.35 -6.73
N ALA A 249 -43.77 0.12 -8.03
CA ALA A 249 -42.55 -0.18 -8.77
C ALA A 249 -41.80 1.06 -9.21
N LEU A 250 -42.51 2.16 -9.46
CA LEU A 250 -41.85 3.42 -9.79
C LEU A 250 -40.98 3.91 -8.64
N THR A 251 -41.49 3.83 -7.41
CA THR A 251 -40.69 4.25 -6.28
C THR A 251 -39.47 3.36 -6.12
N ASN A 252 -39.62 2.07 -6.41
CA ASN A 252 -38.46 1.18 -6.33
C ASN A 252 -37.42 1.56 -7.37
N PHE A 253 -37.84 1.86 -8.59
CA PHE A 253 -36.87 2.27 -9.60
C PHE A 253 -36.18 3.57 -9.19
N VAL A 254 -36.94 4.53 -8.67
CA VAL A 254 -36.33 5.80 -8.28
C VAL A 254 -35.39 5.60 -7.09
N GLN A 255 -35.67 4.64 -6.21
CA GLN A 255 -34.75 4.36 -5.13
C GLN A 255 -33.46 3.73 -5.65
N MET A 256 -33.57 2.79 -6.58
CA MET A 256 -32.38 2.23 -7.20
C MET A 256 -31.54 3.34 -7.84
N LEU A 257 -32.18 4.32 -8.47
CA LEU A 257 -31.41 5.43 -9.04
C LEU A 257 -30.75 6.25 -7.93
N ALA A 258 -31.54 6.66 -6.94
CA ALA A 258 -31.04 7.52 -5.87
C ALA A 258 -29.78 6.94 -5.26
N ILE A 259 -29.77 5.63 -5.01
CA ILE A 259 -28.61 5.03 -4.36
C ILE A 259 -27.34 5.33 -5.16
N PHE A 260 -27.33 4.94 -6.42
CA PHE A 260 -26.19 5.10 -7.32
C PHE A 260 -26.00 6.51 -7.83
N LEU A 261 -26.80 7.48 -7.38
CA LEU A 261 -26.72 8.82 -7.95
C LEU A 261 -25.42 9.54 -7.58
N ILE A 262 -25.19 9.82 -6.30
CA ILE A 262 -24.03 10.61 -5.91
C ILE A 262 -22.69 9.90 -6.11
N PRO A 263 -22.54 8.61 -5.85
CA PRO A 263 -21.33 7.91 -6.33
C PRO A 263 -20.92 8.28 -7.76
N THR A 264 -21.84 8.05 -8.71
CA THR A 264 -21.53 8.31 -10.10
C THR A 264 -21.25 9.79 -10.35
N ALA A 265 -22.02 10.66 -9.68
CA ALA A 265 -21.79 12.08 -9.84
C ALA A 265 -20.40 12.45 -9.35
N LEU A 266 -19.95 11.84 -8.25
CA LEU A 266 -18.61 12.11 -7.75
C LEU A 266 -17.56 11.61 -8.72
N CYS A 267 -17.86 10.57 -9.50
CA CYS A 267 -16.85 10.12 -10.46
C CYS A 267 -16.77 11.09 -11.63
N PHE A 268 -17.92 11.55 -12.11
CA PHE A 268 -17.89 12.55 -13.19
C PHE A 268 -17.23 13.83 -12.71
N ALA A 269 -17.46 14.20 -11.45
CA ALA A 269 -16.88 15.42 -10.91
C ALA A 269 -15.38 15.27 -10.75
N PHE A 270 -14.92 14.10 -10.32
CA PHE A 270 -13.49 13.90 -10.19
C PHE A 270 -12.83 14.05 -11.55
N GLY A 271 -13.47 13.50 -12.58
CA GLY A 271 -12.93 13.66 -13.91
C GLY A 271 -12.88 15.11 -14.36
N GLU A 272 -13.94 15.86 -14.06
CA GLU A 272 -14.01 17.27 -14.48
C GLU A 272 -13.06 18.18 -13.71
N VAL A 273 -12.70 17.84 -12.47
CA VAL A 273 -11.89 18.75 -11.67
C VAL A 273 -10.42 18.71 -12.07
N MET A 274 -9.97 17.61 -12.68
CA MET A 274 -8.61 17.51 -13.18
C MET A 274 -8.47 18.06 -14.59
N GLY A 275 -9.56 18.48 -15.22
CA GLY A 275 -9.52 18.91 -16.59
C GLY A 275 -9.43 17.79 -17.60
N ASP A 276 -9.32 16.54 -17.15
CA ASP A 276 -9.22 15.37 -18.01
C ASP A 276 -10.37 14.45 -17.70
N ARG A 277 -11.32 14.32 -18.64
CA ARG A 277 -12.51 13.53 -18.41
C ARG A 277 -12.23 12.04 -18.47
N ARG A 278 -11.19 11.65 -19.21
CA ARG A 278 -10.84 10.25 -19.36
C ARG A 278 -10.58 9.63 -18.00
N GLN A 279 -9.97 10.40 -17.12
CA GLN A 279 -9.64 9.94 -15.78
C GLN A 279 -10.87 9.45 -15.04
N GLY A 280 -11.99 10.15 -15.17
CA GLY A 280 -13.25 9.78 -14.54
C GLY A 280 -13.96 8.65 -15.27
N ARG A 281 -13.97 8.71 -16.60
CA ARG A 281 -14.63 7.65 -17.35
C ARG A 281 -13.93 6.31 -17.13
N MET A 282 -12.65 6.32 -16.75
CA MET A 282 -11.98 5.06 -16.48
C MET A 282 -12.56 4.40 -15.25
N LEU A 283 -12.83 5.19 -14.22
CA LEU A 283 -13.43 4.64 -13.01
C LEU A 283 -14.83 4.14 -13.30
N LEU A 284 -15.59 4.88 -14.09
CA LEU A 284 -16.95 4.43 -14.41
C LEU A 284 -16.93 3.14 -15.20
N TRP A 285 -15.90 2.91 -16.03
CA TRP A 285 -15.83 1.69 -16.81
C TRP A 285 -15.48 0.50 -15.92
N ALA A 286 -14.46 0.68 -15.08
CA ALA A 286 -14.05 -0.41 -14.22
C ALA A 286 -15.21 -0.83 -13.31
N MET A 287 -15.87 0.16 -12.70
CA MET A 287 -16.97 -0.13 -11.80
C MET A 287 -18.15 -0.77 -12.51
N SER A 288 -18.41 -0.37 -13.76
CA SER A 288 -19.60 -0.86 -14.44
C SER A 288 -19.44 -2.28 -14.93
N VAL A 289 -18.24 -2.66 -15.36
CA VAL A 289 -18.08 -4.04 -15.85
C VAL A 289 -18.39 -5.02 -14.73
N ILE A 290 -17.83 -4.76 -13.54
CA ILE A 290 -18.07 -5.63 -12.40
C ILE A 290 -19.54 -5.63 -12.02
N PHE A 291 -20.17 -4.46 -12.03
CA PHE A 291 -21.57 -4.43 -11.61
C PHE A 291 -22.47 -5.19 -12.57
N VAL A 292 -22.21 -5.10 -13.87
CA VAL A 292 -23.09 -5.78 -14.81
C VAL A 292 -22.90 -7.28 -14.73
N ILE A 293 -21.66 -7.73 -14.59
CA ILE A 293 -21.43 -9.17 -14.52
C ILE A 293 -22.08 -9.74 -13.27
N CYS A 294 -21.96 -9.04 -12.14
CA CYS A 294 -22.57 -9.53 -10.91
C CYS A 294 -24.09 -9.57 -11.01
N VAL A 295 -24.69 -8.57 -11.65
CA VAL A 295 -26.13 -8.55 -11.76
C VAL A 295 -26.61 -9.72 -12.61
N GLY A 296 -25.91 -9.98 -13.71
CA GLY A 296 -26.32 -11.09 -14.57
C GLY A 296 -26.24 -12.42 -13.85
N VAL A 297 -25.18 -12.60 -13.05
CA VAL A 297 -25.02 -13.87 -12.33
C VAL A 297 -26.13 -14.05 -11.30
N VAL A 298 -26.42 -13.01 -10.51
CA VAL A 298 -27.47 -13.14 -9.51
C VAL A 298 -28.82 -13.39 -10.17
N MET A 299 -29.10 -12.71 -11.30
CA MET A 299 -30.38 -12.94 -11.96
C MET A 299 -30.51 -14.37 -12.43
N TRP A 300 -29.45 -14.92 -13.04
CA TRP A 300 -29.51 -16.30 -13.50
C TRP A 300 -29.72 -17.25 -12.33
N ALA A 301 -28.99 -17.02 -11.23
CA ALA A 301 -29.12 -17.89 -10.07
C ALA A 301 -30.54 -17.91 -9.53
N GLU A 302 -31.18 -16.74 -9.43
CA GLU A 302 -32.54 -16.70 -8.90
C GLU A 302 -33.54 -17.29 -9.88
N VAL A 303 -33.41 -17.00 -11.17
CA VAL A 303 -34.38 -17.54 -12.11
C VAL A 303 -34.28 -19.05 -12.18
N GLN A 304 -33.12 -19.63 -11.87
CA GLN A 304 -33.05 -21.08 -11.73
C GLN A 304 -33.79 -21.53 -10.48
N GLY A 305 -33.44 -20.95 -9.34
CA GLY A 305 -34.31 -21.00 -8.18
C GLY A 305 -34.17 -22.26 -7.35
N ASN A 306 -35.26 -22.55 -6.63
CA ASN A 306 -35.30 -23.67 -5.71
C ASN A 306 -35.65 -24.93 -6.48
N PRO A 307 -34.77 -25.93 -6.54
CA PRO A 307 -35.11 -27.12 -7.33
C PRO A 307 -36.24 -27.94 -6.75
N HIS A 308 -36.46 -27.90 -5.43
CA HIS A 308 -37.47 -28.72 -4.79
C HIS A 308 -38.88 -28.22 -5.04
N LEU A 309 -39.05 -26.93 -5.34
CA LEU A 309 -40.39 -26.39 -5.52
C LEU A 309 -41.14 -27.12 -6.62
N LEU A 310 -40.49 -27.31 -7.77
CA LEU A 310 -41.16 -27.92 -8.91
C LEU A 310 -41.42 -29.41 -8.72
N ALA A 311 -40.93 -30.00 -7.63
CA ALA A 311 -41.18 -31.39 -7.33
C ALA A 311 -42.20 -31.59 -6.23
N LEU A 312 -42.44 -30.57 -5.40
CA LEU A 312 -43.43 -30.67 -4.33
C LEU A 312 -44.85 -30.41 -4.83
N GLY A 313 -45.01 -29.85 -6.02
CA GLY A 313 -46.32 -29.62 -6.58
C GLY A 313 -46.43 -28.30 -7.32
N THR A 314 -45.53 -27.37 -7.02
CA THR A 314 -45.56 -26.06 -7.65
C THR A 314 -45.47 -26.19 -9.17
N ASP A 315 -45.72 -25.08 -9.86
CA ASP A 315 -45.72 -25.08 -11.32
C ASP A 315 -44.40 -24.59 -11.91
N SER A 316 -43.63 -23.80 -11.18
CA SER A 316 -42.31 -23.37 -11.62
C SER A 316 -41.38 -23.35 -10.43
N SER A 317 -40.08 -23.36 -10.71
CA SER A 317 -39.06 -23.48 -9.68
C SER A 317 -38.43 -22.15 -9.30
N ILE A 318 -38.94 -21.04 -9.81
CA ILE A 318 -38.35 -19.73 -9.51
C ILE A 318 -38.36 -19.52 -8.01
N ASN A 319 -37.35 -18.81 -7.52
CA ASN A 319 -37.20 -18.56 -6.09
C ASN A 319 -38.02 -17.33 -5.73
N MET A 320 -39.20 -17.53 -5.18
CA MET A 320 -40.10 -16.45 -4.77
C MET A 320 -40.39 -16.56 -3.29
N GLU A 321 -39.39 -16.91 -2.50
CA GLU A 321 -39.58 -17.21 -1.09
C GLU A 321 -39.38 -16.01 -0.19
N GLY A 322 -38.55 -15.06 -0.59
CA GLY A 322 -38.34 -13.90 0.23
C GLY A 322 -38.49 -12.63 -0.57
N LYS A 323 -39.41 -12.63 -1.51
CA LYS A 323 -39.56 -11.55 -2.46
C LYS A 323 -41.01 -11.12 -2.52
N GLU A 324 -41.22 -9.82 -2.65
CA GLU A 324 -42.56 -9.26 -2.77
C GLU A 324 -43.10 -9.51 -4.15
N SER A 325 -44.38 -9.85 -4.24
CA SER A 325 -45.03 -10.07 -5.52
C SER A 325 -45.27 -8.79 -6.29
N ARG A 326 -44.90 -7.65 -5.71
CA ARG A 326 -45.05 -6.35 -6.35
C ARG A 326 -43.90 -6.08 -7.30
N PHE A 327 -42.70 -6.50 -6.92
CA PHE A 327 -41.53 -6.54 -7.78
C PHE A 327 -41.32 -7.97 -8.24
N GLY A 328 -40.67 -8.13 -9.37
CA GLY A 328 -40.41 -9.47 -9.84
C GLY A 328 -39.32 -10.18 -9.07
N VAL A 329 -38.72 -11.18 -9.70
CA VAL A 329 -37.49 -11.81 -9.20
C VAL A 329 -36.29 -11.15 -9.86
N LEU A 330 -36.47 -10.69 -11.10
CA LEU A 330 -35.39 -9.93 -11.75
C LEU A 330 -35.12 -8.63 -11.03
N VAL A 331 -36.16 -7.92 -10.63
CA VAL A 331 -35.98 -6.65 -9.94
C VAL A 331 -35.36 -6.86 -8.57
N SER A 332 -35.79 -7.90 -7.86
CA SER A 332 -35.20 -8.19 -6.56
C SER A 332 -33.73 -8.56 -6.69
N SER A 333 -33.38 -9.31 -7.74
CA SER A 333 -31.97 -9.63 -7.98
C SER A 333 -31.16 -8.38 -8.25
N LEU A 334 -31.63 -7.55 -9.19
CA LEU A 334 -30.93 -6.31 -9.48
C LEU A 334 -30.75 -5.46 -8.23
N PHE A 335 -31.78 -5.38 -7.39
CA PHE A 335 -31.66 -4.54 -6.21
C PHE A 335 -30.72 -5.14 -5.18
N ALA A 336 -30.70 -6.47 -5.03
CA ALA A 336 -29.74 -7.10 -4.14
C ALA A 336 -28.32 -6.71 -4.52
N VAL A 337 -28.00 -6.82 -5.81
CA VAL A 337 -26.65 -6.45 -6.23
C VAL A 337 -26.43 -4.96 -6.06
N VAL A 338 -27.41 -4.15 -6.42
CA VAL A 338 -27.25 -2.69 -6.34
C VAL A 338 -26.94 -2.28 -4.91
N THR A 339 -27.76 -2.72 -3.95
CA THR A 339 -27.55 -2.31 -2.57
C THR A 339 -26.23 -2.83 -2.02
N THR A 340 -25.86 -4.08 -2.28
CA THR A 340 -24.61 -4.57 -1.71
C THR A 340 -23.40 -3.90 -2.36
N ALA A 341 -23.45 -3.62 -3.66
CA ALA A 341 -22.34 -2.92 -4.31
C ALA A 341 -22.24 -1.47 -3.84
N ALA A 342 -23.36 -0.82 -3.65
CA ALA A 342 -23.43 0.60 -3.34
C ALA A 342 -23.23 0.91 -1.87
N SER A 343 -22.89 -0.08 -1.04
CA SER A 343 -22.81 0.11 0.40
C SER A 343 -24.02 0.83 0.97
N CYS A 344 -25.20 0.65 0.36
CA CYS A 344 -26.40 1.26 0.92
C CYS A 344 -26.94 0.43 2.06
N GLY A 345 -27.36 -0.80 1.77
CA GLY A 345 -27.88 -1.70 2.78
C GLY A 345 -29.38 -1.84 2.78
N ALA A 346 -30.11 -1.02 2.04
CA ALA A 346 -31.54 -1.20 1.93
C ALA A 346 -31.83 -2.47 1.15
N VAL A 347 -32.68 -3.33 1.70
CA VAL A 347 -32.99 -4.63 1.12
C VAL A 347 -34.44 -4.63 0.70
N ILE A 348 -34.69 -5.03 -0.55
CA ILE A 348 -36.03 -5.17 -1.09
C ILE A 348 -36.52 -6.60 -1.02
N ALA A 349 -35.69 -7.53 -0.55
CA ALA A 349 -36.03 -8.94 -0.44
C ALA A 349 -35.20 -9.53 0.69
N MET A 350 -35.60 -10.70 1.15
CA MET A 350 -34.87 -11.37 2.23
C MET A 350 -33.66 -12.08 1.62
N HIS A 351 -32.47 -11.58 1.91
CA HIS A 351 -31.25 -12.17 1.36
C HIS A 351 -30.96 -13.54 1.93
N ASP A 352 -31.59 -13.91 3.03
CA ASP A 352 -31.32 -15.22 3.61
C ASP A 352 -32.00 -16.32 2.81
N SER A 353 -33.11 -16.02 2.16
CA SER A 353 -33.86 -17.00 1.39
C SER A 353 -33.40 -17.09 -0.06
N PHE A 354 -32.46 -16.24 -0.48
CA PHE A 354 -31.85 -16.39 -1.79
C PHE A 354 -31.17 -17.75 -1.90
N THR A 355 -30.92 -18.17 -3.12
CA THR A 355 -30.20 -19.42 -3.31
C THR A 355 -28.74 -19.23 -2.89
N ALA A 356 -27.93 -20.27 -3.07
CA ALA A 356 -26.55 -20.21 -2.59
C ALA A 356 -25.72 -19.22 -3.37
N LEU A 357 -25.81 -19.24 -4.71
CA LEU A 357 -25.05 -18.29 -5.52
C LEU A 357 -25.64 -16.90 -5.41
N GLY A 358 -26.95 -16.81 -5.42
CA GLY A 358 -27.63 -15.55 -5.22
C GLY A 358 -27.08 -14.87 -4.00
N GLY A 359 -27.12 -15.55 -2.85
CA GLY A 359 -26.54 -15.01 -1.63
C GLY A 359 -25.04 -14.82 -1.65
N MET A 360 -24.31 -15.61 -2.44
CA MET A 360 -22.85 -15.47 -2.47
C MET A 360 -22.40 -14.20 -3.15
N VAL A 361 -23.10 -13.77 -4.20
CA VAL A 361 -22.59 -12.64 -5.00
C VAL A 361 -22.65 -11.33 -4.22
N PRO A 362 -23.78 -10.95 -3.63
CA PRO A 362 -23.79 -9.75 -2.79
C PRO A 362 -22.76 -9.78 -1.67
N MET A 363 -22.61 -10.93 -1.01
CA MET A 363 -21.63 -11.04 0.07
C MET A 363 -20.24 -10.70 -0.43
N TRP A 364 -19.84 -11.30 -1.54
CA TRP A 364 -18.52 -11.04 -2.08
C TRP A 364 -18.38 -9.58 -2.49
N LEU A 365 -19.42 -8.99 -3.06
CA LEU A 365 -19.35 -7.57 -3.40
C LEU A 365 -19.13 -6.72 -2.17
N MET A 366 -19.71 -7.11 -1.04
CA MET A 366 -19.44 -6.38 0.19
C MET A 366 -18.02 -6.59 0.65
N GLN A 367 -17.49 -7.80 0.48
CA GLN A 367 -16.21 -8.14 1.08
C GLN A 367 -15.01 -7.59 0.32
N ILE A 368 -15.16 -7.25 -0.97
CA ILE A 368 -14.02 -6.71 -1.71
C ILE A 368 -13.75 -5.25 -1.38
N GLY A 369 -14.50 -4.66 -0.45
CA GLY A 369 -14.22 -3.33 0.05
C GLY A 369 -15.24 -2.29 -0.34
N GLU A 370 -16.27 -2.69 -1.09
CA GLU A 370 -17.32 -1.79 -1.56
C GLU A 370 -16.71 -0.65 -2.37
N VAL A 371 -16.08 -1.05 -3.46
CA VAL A 371 -15.39 -0.17 -4.38
C VAL A 371 -16.00 -0.34 -5.75
N VAL A 372 -17.31 -0.62 -5.80
CA VAL A 372 -18.06 -0.66 -7.05
C VAL A 372 -19.24 0.27 -6.86
N PHE A 373 -19.08 1.52 -7.24
CA PHE A 373 -20.07 2.55 -6.96
C PHE A 373 -20.36 2.61 -5.47
N GLY A 374 -19.33 2.51 -4.65
CA GLY A 374 -19.51 2.28 -3.22
C GLY A 374 -20.26 3.38 -2.51
N GLY A 375 -20.20 3.39 -1.18
CA GLY A 375 -20.96 4.34 -0.40
C GLY A 375 -20.76 5.77 -0.84
N VAL A 376 -21.62 6.68 -0.37
CA VAL A 376 -21.52 8.07 -0.79
C VAL A 376 -20.20 8.63 -0.24
N GLY A 377 -19.27 8.92 -1.13
CA GLY A 377 -17.96 9.39 -0.75
C GLY A 377 -16.98 8.29 -0.39
N SER A 378 -17.46 7.27 0.31
CA SER A 378 -16.59 6.18 0.74
C SER A 378 -16.13 5.34 -0.45
N GLY A 379 -17.03 5.07 -1.37
CA GLY A 379 -16.67 4.23 -2.51
C GLY A 379 -15.56 4.83 -3.34
N LEU A 380 -15.60 6.15 -3.54
CA LEU A 380 -14.62 6.76 -4.43
C LEU A 380 -13.24 6.75 -3.80
N TYR A 381 -13.11 7.06 -2.52
CA TYR A 381 -11.76 7.05 -1.96
C TYR A 381 -11.27 5.63 -1.68
N GLY A 382 -12.16 4.66 -1.46
CA GLY A 382 -11.72 3.27 -1.50
C GLY A 382 -11.16 2.89 -2.85
N MET A 383 -11.87 3.24 -3.93
CA MET A 383 -11.37 2.93 -5.26
C MET A 383 -10.09 3.69 -5.56
N MET A 384 -9.90 4.87 -4.96
CA MET A 384 -8.64 5.58 -5.17
C MET A 384 -7.50 4.89 -4.43
N LEU A 385 -7.76 4.33 -3.26
CA LEU A 385 -6.74 3.49 -2.64
C LEU A 385 -6.34 2.35 -3.56
N PHE A 386 -7.33 1.69 -4.17
CA PHE A 386 -6.99 0.58 -5.06
C PHE A 386 -6.29 1.07 -6.33
N VAL A 387 -6.59 2.28 -6.79
CA VAL A 387 -5.91 2.83 -7.96
C VAL A 387 -4.46 3.13 -7.63
N LEU A 388 -4.20 3.70 -6.45
CA LEU A 388 -2.81 3.90 -6.05
C LEU A 388 -2.07 2.57 -5.94
N LEU A 389 -2.73 1.55 -5.40
CA LEU A 389 -2.09 0.25 -5.30
C LEU A 389 -1.76 -0.32 -6.67
N ALA A 390 -2.69 -0.20 -7.62
CA ALA A 390 -2.44 -0.71 -8.96
C ALA A 390 -1.32 0.06 -9.65
N VAL A 391 -1.27 1.37 -9.44
CA VAL A 391 -0.19 2.17 -10.01
C VAL A 391 1.15 1.74 -9.43
N PHE A 392 1.19 1.49 -8.12
CA PHE A 392 2.42 1.01 -7.51
C PHE A 392 2.85 -0.31 -8.13
N ILE A 393 1.92 -1.26 -8.25
CA ILE A 393 2.31 -2.57 -8.74
C ILE A 393 2.76 -2.49 -10.19
N ALA A 394 2.13 -1.64 -10.99
CA ALA A 394 2.57 -1.50 -12.38
C ALA A 394 3.96 -0.89 -12.45
N GLY A 395 4.19 0.17 -11.68
CA GLY A 395 5.53 0.72 -11.57
C GLY A 395 6.53 -0.36 -11.20
N LEU A 396 6.12 -1.27 -10.32
CA LEU A 396 7.01 -2.34 -9.91
C LEU A 396 7.34 -3.26 -11.07
N MET A 397 6.34 -3.66 -11.85
CA MET A 397 6.62 -4.64 -12.90
C MET A 397 7.19 -4.00 -14.17
N ILE A 398 7.32 -2.68 -14.28
CA ILE A 398 8.10 -2.12 -15.39
C ILE A 398 9.47 -1.66 -14.93
N GLY A 399 9.71 -1.55 -13.63
CA GLY A 399 11.00 -1.18 -13.09
C GLY A 399 11.22 0.31 -12.94
N ARG A 400 10.22 1.13 -13.27
CA ARG A 400 10.34 2.57 -13.20
C ARG A 400 9.58 3.10 -11.99
N THR A 401 9.60 4.41 -11.82
CA THR A 401 9.01 5.02 -10.64
C THR A 401 7.50 5.14 -10.81
N PRO A 402 6.73 4.99 -9.73
CA PRO A 402 5.29 5.16 -9.83
C PRO A 402 4.89 6.62 -9.93
N GLU A 403 3.74 6.86 -10.56
CA GLU A 403 3.28 8.21 -10.80
C GLU A 403 1.82 8.22 -11.20
N TYR A 404 0.99 8.98 -10.49
CA TYR A 404 -0.44 9.04 -10.76
C TYR A 404 -0.87 10.50 -10.84
N LEU A 405 -1.50 10.87 -11.96
CA LEU A 405 -1.94 12.25 -12.19
C LEU A 405 -0.78 13.23 -12.04
N GLY A 406 0.36 12.88 -12.59
CA GLY A 406 1.54 13.73 -12.53
C GLY A 406 2.35 13.61 -11.27
N LYS A 407 1.72 13.69 -10.11
CA LYS A 407 2.45 13.66 -8.85
C LYS A 407 3.11 12.30 -8.66
N LYS A 408 4.34 12.30 -8.16
CA LYS A 408 5.08 11.08 -7.89
C LYS A 408 4.73 10.55 -6.52
N ILE A 409 4.43 9.27 -6.43
CA ILE A 409 4.06 8.62 -5.18
C ILE A 409 5.29 7.99 -4.56
N ASP A 410 5.46 8.17 -3.25
CA ASP A 410 6.60 7.63 -2.53
C ASP A 410 6.12 6.53 -1.59
N VAL A 411 7.04 5.97 -0.81
CA VAL A 411 6.71 4.80 -0.01
C VAL A 411 5.89 5.13 1.24
N ARG A 412 5.84 6.38 1.67
CA ARG A 412 4.99 6.69 2.81
C ARG A 412 3.52 6.49 2.44
N GLU A 413 3.16 6.91 1.23
CA GLU A 413 1.81 6.65 0.75
C GLU A 413 1.58 5.17 0.55
N MET A 414 2.59 4.43 0.08
CA MET A 414 2.38 2.99 -0.09
C MET A 414 2.12 2.32 1.25
N LYS A 415 2.79 2.77 2.31
CA LYS A 415 2.54 2.21 3.63
C LYS A 415 1.13 2.53 4.08
N LEU A 416 0.67 3.75 3.81
CA LEU A 416 -0.67 4.13 4.25
C LEU A 416 -1.72 3.41 3.44
N THR A 417 -1.51 3.26 2.14
CA THR A 417 -2.44 2.53 1.29
C THR A 417 -2.54 1.08 1.71
N ALA A 418 -1.41 0.44 2.02
CA ALA A 418 -1.45 -0.95 2.45
C ALA A 418 -2.24 -1.10 3.75
N LEU A 419 -1.96 -0.24 4.73
CA LEU A 419 -2.70 -0.34 5.99
C LEU A 419 -4.19 -0.11 5.77
N ALA A 420 -4.54 0.88 4.95
CA ALA A 420 -5.94 1.19 4.69
C ALA A 420 -6.64 0.04 4.00
N ILE A 421 -5.95 -0.62 3.07
CA ILE A 421 -6.56 -1.73 2.36
C ILE A 421 -6.67 -2.95 3.26
N LEU A 422 -5.81 -3.07 4.26
CA LEU A 422 -5.78 -4.27 5.10
C LEU A 422 -6.54 -4.12 6.41
N VAL A 423 -7.21 -2.99 6.64
CA VAL A 423 -7.93 -2.87 7.91
C VAL A 423 -9.26 -3.60 7.85
N THR A 424 -10.04 -3.41 6.80
CA THR A 424 -11.35 -4.05 6.74
C THR A 424 -11.30 -5.57 6.70
N PRO A 425 -10.47 -6.23 5.88
CA PRO A 425 -10.43 -7.69 5.92
C PRO A 425 -9.98 -8.26 7.25
N THR A 426 -9.17 -7.54 8.02
CA THR A 426 -8.75 -8.11 9.30
C THR A 426 -9.92 -8.09 10.27
N LEU A 427 -10.69 -7.00 10.27
CA LEU A 427 -11.86 -6.94 11.14
C LEU A 427 -12.86 -8.02 10.75
N VAL A 428 -13.07 -8.22 9.45
CA VAL A 428 -14.02 -9.25 9.02
C VAL A 428 -13.57 -10.62 9.51
N LEU A 429 -12.37 -11.04 9.13
CA LEU A 429 -11.91 -12.38 9.48
C LEU A 429 -11.81 -12.57 10.99
N MET A 430 -11.20 -11.62 11.70
CA MET A 430 -11.04 -11.76 13.14
C MET A 430 -12.38 -11.78 13.86
N GLY A 431 -13.28 -10.86 13.51
CA GLY A 431 -14.58 -10.84 14.17
C GLY A 431 -15.37 -12.10 13.92
N ALA A 432 -15.35 -12.61 12.68
CA ALA A 432 -16.06 -13.84 12.39
C ALA A 432 -15.44 -15.01 13.14
N ALA A 433 -14.11 -15.02 13.28
CA ALA A 433 -13.45 -16.08 14.03
C ALA A 433 -13.86 -16.05 15.50
N LEU A 434 -13.89 -14.86 16.10
CA LEU A 434 -14.30 -14.75 17.49
C LEU A 434 -15.77 -15.11 17.67
N ALA A 435 -16.60 -14.75 16.70
CA ALA A 435 -18.03 -15.05 16.78
C ALA A 435 -18.27 -16.55 16.72
N MET A 436 -17.47 -17.26 15.93
CA MET A 436 -17.69 -18.68 15.71
C MET A 436 -17.06 -19.54 16.80
N MET A 437 -16.30 -18.95 17.72
CA MET A 437 -15.62 -19.69 18.77
C MET A 437 -16.29 -19.57 20.12
N THR A 438 -17.36 -18.76 20.23
CA THR A 438 -18.08 -18.56 21.49
C THR A 438 -19.52 -18.98 21.31
N ASP A 439 -20.03 -19.79 22.24
CA ASP A 439 -21.42 -20.21 22.20
C ASP A 439 -22.35 -19.03 21.96
N ALA A 440 -22.12 -17.92 22.66
CA ALA A 440 -22.98 -16.75 22.50
C ALA A 440 -22.99 -16.28 21.05
N GLY A 441 -21.82 -16.27 20.41
CA GLY A 441 -21.76 -15.80 19.03
C GLY A 441 -22.45 -16.70 18.03
N ARG A 442 -22.34 -18.01 18.21
CA ARG A 442 -22.88 -18.97 17.26
C ARG A 442 -24.16 -19.63 17.74
N SER A 443 -24.88 -19.00 18.66
CA SER A 443 -26.22 -19.42 19.01
C SER A 443 -27.28 -18.58 18.36
N ALA A 444 -26.89 -17.58 17.56
CA ALA A 444 -27.83 -16.70 16.90
C ALA A 444 -28.31 -17.26 15.57
N MET A 445 -27.49 -18.06 14.91
CA MET A 445 -27.82 -18.60 13.61
C MET A 445 -29.18 -19.30 13.64
N LEU A 446 -30.00 -19.00 12.64
CA LEU A 446 -31.32 -19.60 12.51
C LEU A 446 -31.28 -20.93 11.76
N ASN A 447 -30.43 -21.03 10.72
CA ASN A 447 -30.40 -22.18 9.83
C ASN A 447 -29.26 -23.12 10.19
N PRO A 448 -29.38 -24.40 9.90
CA PRO A 448 -28.27 -25.33 10.17
C PRO A 448 -27.37 -25.51 8.95
N GLY A 449 -26.21 -26.12 9.19
CA GLY A 449 -25.29 -26.43 8.13
C GLY A 449 -24.33 -25.31 7.85
N PRO A 450 -23.81 -25.23 6.62
CA PRO A 450 -22.95 -24.09 6.26
C PRO A 450 -23.70 -22.80 6.11
N HIS A 451 -25.03 -22.81 6.05
CA HIS A 451 -25.74 -21.55 5.93
C HIS A 451 -25.71 -20.75 7.22
N GLY A 452 -25.61 -21.42 8.37
CA GLY A 452 -25.40 -20.68 9.61
C GLY A 452 -24.11 -19.90 9.59
N PHE A 453 -23.03 -20.55 9.16
CA PHE A 453 -21.76 -19.84 9.06
C PHE A 453 -21.84 -18.74 8.03
N SER A 454 -22.60 -18.96 6.95
CA SER A 454 -22.80 -17.89 5.98
C SER A 454 -23.50 -16.70 6.61
N GLU A 455 -24.49 -16.95 7.48
CA GLU A 455 -25.15 -15.85 8.19
C GLU A 455 -24.17 -15.07 9.03
N VAL A 456 -23.37 -15.76 9.84
CA VAL A 456 -22.43 -15.07 10.72
C VAL A 456 -21.44 -14.26 9.90
N LEU A 457 -20.91 -14.85 8.84
CA LEU A 457 -19.94 -14.17 7.99
C LEU A 457 -20.55 -12.94 7.34
N TYR A 458 -21.76 -13.07 6.80
CA TYR A 458 -22.41 -11.93 6.17
C TYR A 458 -22.66 -10.82 7.18
N ALA A 459 -23.01 -11.16 8.42
CA ALA A 459 -23.27 -10.10 9.39
C ALA A 459 -22.01 -9.33 9.74
N VAL A 460 -20.89 -10.03 9.99
CA VAL A 460 -19.71 -9.26 10.35
C VAL A 460 -19.12 -8.57 9.13
N SER A 461 -19.32 -9.14 7.95
CA SER A 461 -18.87 -8.50 6.72
C SER A 461 -19.62 -7.19 6.49
N SER A 462 -20.94 -7.22 6.69
CA SER A 462 -21.75 -6.01 6.54
C SER A 462 -21.36 -4.96 7.56
N ALA A 463 -21.15 -5.35 8.81
CA ALA A 463 -20.82 -4.34 9.81
C ALA A 463 -19.43 -3.75 9.56
N ALA A 464 -18.46 -4.59 9.18
CA ALA A 464 -17.09 -4.09 9.03
C ALA A 464 -16.94 -3.19 7.82
N ASN A 465 -17.80 -3.33 6.81
CA ASN A 465 -17.75 -2.53 5.60
C ASN A 465 -18.78 -1.41 5.59
N ASN A 466 -19.45 -1.15 6.72
CA ASN A 466 -20.44 -0.10 6.81
C ASN A 466 -21.52 -0.26 5.76
N ASN A 467 -21.90 -1.51 5.47
CA ASN A 467 -22.98 -1.74 4.53
C ASN A 467 -24.33 -1.64 5.22
N GLY A 468 -24.61 -2.52 6.17
CA GLY A 468 -25.84 -2.46 6.92
C GLY A 468 -26.77 -3.64 6.71
N SER A 469 -26.90 -4.12 5.49
CA SER A 469 -27.82 -5.21 5.22
C SER A 469 -27.35 -6.47 5.95
N ALA A 470 -28.27 -7.42 6.09
CA ALA A 470 -27.96 -8.65 6.79
C ALA A 470 -28.82 -9.76 6.22
N PHE A 471 -28.53 -11.00 6.65
CA PHE A 471 -29.41 -12.11 6.33
C PHE A 471 -30.69 -12.07 7.15
N ALA A 472 -30.65 -11.51 8.35
CA ALA A 472 -31.79 -11.24 9.22
C ALA A 472 -32.30 -12.49 9.91
N GLY A 473 -31.81 -13.68 9.57
CA GLY A 473 -32.05 -14.81 10.43
C GLY A 473 -31.21 -14.80 11.68
N LEU A 474 -30.10 -14.08 11.64
CA LEU A 474 -29.22 -13.94 12.80
C LEU A 474 -29.93 -13.16 13.89
N SER A 475 -30.23 -13.82 15.00
CA SER A 475 -30.83 -13.17 16.16
C SER A 475 -29.74 -12.43 16.91
N ALA A 476 -29.32 -11.30 16.34
CA ALA A 476 -28.13 -10.58 16.78
C ALA A 476 -28.44 -9.45 17.74
N ASN A 477 -29.45 -9.60 18.59
CA ASN A 477 -29.78 -8.62 19.60
C ASN A 477 -29.37 -9.19 20.96
N SER A 478 -28.11 -9.00 21.31
CA SER A 478 -27.59 -9.40 22.61
C SER A 478 -26.39 -8.52 22.91
N PRO A 479 -25.91 -8.51 24.14
CA PRO A 479 -24.72 -7.71 24.45
C PRO A 479 -23.52 -8.10 23.62
N PHE A 480 -23.27 -9.39 23.45
CA PHE A 480 -22.10 -9.82 22.67
C PHE A 480 -22.17 -9.29 21.25
N TRP A 481 -23.27 -9.53 20.55
CA TRP A 481 -23.35 -9.15 19.16
C TRP A 481 -23.38 -7.64 18.99
N ASN A 482 -24.14 -6.94 19.84
CA ASN A 482 -24.17 -5.48 19.76
C ASN A 482 -22.77 -4.90 19.93
N CYS A 483 -22.04 -5.34 20.95
CA CYS A 483 -20.71 -4.81 21.18
C CYS A 483 -19.74 -5.18 20.07
N LEU A 484 -19.77 -6.43 19.62
CA LEU A 484 -18.88 -6.86 18.55
C LEU A 484 -19.11 -6.04 17.29
N LEU A 485 -20.36 -5.92 16.85
CA LEU A 485 -20.64 -5.19 15.63
C LEU A 485 -20.37 -3.69 15.79
N ALA A 486 -20.61 -3.13 16.97
CA ALA A 486 -20.27 -1.72 17.18
C ALA A 486 -18.78 -1.50 17.01
N PHE A 487 -17.96 -2.35 17.62
CA PHE A 487 -16.52 -2.22 17.45
C PHE A 487 -16.13 -2.33 15.99
N CYS A 488 -16.66 -3.33 15.29
CA CYS A 488 -16.30 -3.50 13.88
C CYS A 488 -16.66 -2.27 13.07
N MET A 489 -17.89 -1.77 13.21
CA MET A 489 -18.31 -0.61 12.45
C MET A 489 -17.42 0.59 12.71
N PHE A 490 -17.24 0.93 13.98
CA PHE A 490 -16.45 2.10 14.35
C PHE A 490 -15.03 2.00 13.76
N VAL A 491 -14.35 0.89 14.03
CA VAL A 491 -12.97 0.77 13.58
C VAL A 491 -12.88 0.79 12.07
N GLY A 492 -13.71 0.01 11.38
CA GLY A 492 -13.69 0.04 9.93
C GLY A 492 -13.78 1.45 9.40
N ARG A 493 -14.89 2.13 9.72
CA ARG A 493 -15.12 3.49 9.21
C ARG A 493 -13.92 4.39 9.46
N PHE A 494 -13.55 4.59 10.72
CA PHE A 494 -12.61 5.66 10.99
C PHE A 494 -11.16 5.24 10.76
N GLY A 495 -10.82 3.97 11.00
CA GLY A 495 -9.51 3.49 10.63
C GLY A 495 -9.29 3.43 9.14
N VAL A 496 -10.31 3.65 8.32
CA VAL A 496 -10.10 3.87 6.89
C VAL A 496 -10.05 5.35 6.57
N ILE A 497 -10.91 6.14 7.20
CA ILE A 497 -10.92 7.58 6.93
C ILE A 497 -9.58 8.21 7.29
N ILE A 498 -8.96 7.78 8.38
CA ILE A 498 -7.71 8.41 8.84
C ILE A 498 -6.56 8.24 7.84
N PRO A 499 -6.24 7.04 7.35
CA PRO A 499 -5.18 6.96 6.33
C PRO A 499 -5.47 7.73 5.06
N VAL A 500 -6.74 7.90 4.69
CA VAL A 500 -7.03 8.67 3.49
C VAL A 500 -6.68 10.13 3.69
N MET A 501 -6.98 10.66 4.87
CA MET A 501 -6.61 12.04 5.16
C MET A 501 -5.10 12.19 5.22
N ALA A 502 -4.40 11.18 5.74
CA ALA A 502 -2.95 11.24 5.76
C ALA A 502 -2.39 11.28 4.34
N ILE A 503 -2.91 10.43 3.47
CA ILE A 503 -2.47 10.40 2.07
C ILE A 503 -2.75 11.73 1.40
N ALA A 504 -3.93 12.32 1.66
CA ALA A 504 -4.24 13.61 1.05
C ALA A 504 -3.30 14.69 1.56
N GLY A 505 -2.95 14.64 2.84
CA GLY A 505 -2.04 15.63 3.39
C GLY A 505 -0.65 15.47 2.83
N SER A 506 -0.29 14.24 2.45
CA SER A 506 1.04 14.01 1.89
C SER A 506 1.11 14.34 0.41
N LEU A 507 0.00 14.21 -0.31
CA LEU A 507 -0.03 14.52 -1.74
C LEU A 507 -0.29 15.99 -2.03
N VAL A 508 -0.92 16.73 -1.12
CA VAL A 508 -1.22 18.12 -1.45
C VAL A 508 0.05 18.94 -1.57
N SER A 509 1.15 18.52 -0.96
CA SER A 509 2.37 19.30 -0.90
C SER A 509 3.34 19.00 -2.03
N LYS A 510 3.03 18.10 -2.94
CA LYS A 510 3.89 17.79 -4.06
C LYS A 510 3.58 18.75 -5.22
N LYS A 511 4.15 18.47 -6.38
CA LYS A 511 3.93 19.29 -7.57
C LYS A 511 3.92 18.36 -8.78
N SER A 512 2.93 18.51 -9.63
CA SER A 512 2.78 17.60 -10.76
C SER A 512 3.95 17.76 -11.72
N GLN A 513 4.65 16.65 -11.97
CA GLN A 513 5.83 16.65 -12.82
C GLN A 513 5.41 16.54 -14.28
N ALA A 514 6.39 16.31 -15.16
CA ALA A 514 6.17 16.16 -16.59
C ALA A 514 6.28 14.71 -16.99
N ALA A 515 5.83 14.42 -18.21
CA ALA A 515 5.84 13.04 -18.70
C ALA A 515 7.26 12.49 -18.74
N SER A 516 7.36 11.17 -18.65
CA SER A 516 8.64 10.48 -18.67
C SER A 516 8.42 9.09 -19.26
N SER A 517 9.40 8.20 -19.07
CA SER A 517 9.26 6.82 -19.50
C SER A 517 8.64 5.93 -18.43
N GLY A 518 8.51 6.41 -17.20
CA GLY A 518 7.83 5.70 -16.16
C GLY A 518 6.38 6.10 -15.98
N THR A 519 5.82 6.84 -16.92
CA THR A 519 4.44 7.32 -16.86
C THR A 519 3.59 6.49 -17.81
N LEU A 520 2.86 5.53 -17.26
CA LEU A 520 1.93 4.78 -18.10
C LEU A 520 0.55 5.39 -18.00
N PRO A 521 -0.15 5.67 -19.09
CA PRO A 521 -1.46 6.30 -18.98
C PRO A 521 -2.44 5.46 -18.18
N THR A 522 -3.18 6.10 -17.28
CA THR A 522 -4.08 5.42 -16.37
C THR A 522 -5.51 5.39 -16.91
N HIS A 523 -5.65 5.39 -18.24
CA HIS A 523 -6.92 5.12 -18.89
C HIS A 523 -6.73 4.03 -19.93
N GLY A 524 -7.74 3.79 -20.75
CA GLY A 524 -7.65 2.75 -21.75
C GLY A 524 -7.83 1.39 -21.13
N PRO A 525 -8.03 0.36 -21.97
CA PRO A 525 -8.36 -0.97 -21.42
C PRO A 525 -7.26 -1.59 -20.58
N LEU A 526 -6.00 -1.21 -20.77
CA LEU A 526 -4.92 -1.83 -20.00
C LEU A 526 -5.04 -1.53 -18.53
N PHE A 527 -5.17 -0.25 -18.17
CA PHE A 527 -5.24 0.09 -16.75
C PHE A 527 -6.57 -0.32 -16.14
N VAL A 528 -7.65 -0.27 -16.91
CA VAL A 528 -8.92 -0.80 -16.42
C VAL A 528 -8.77 -2.26 -16.04
N GLY A 529 -8.13 -3.05 -16.91
CA GLY A 529 -7.90 -4.45 -16.59
C GLY A 529 -7.00 -4.63 -15.39
N LEU A 530 -5.95 -3.82 -15.29
CA LEU A 530 -5.04 -3.93 -14.16
C LEU A 530 -5.75 -3.62 -12.85
N LEU A 531 -6.63 -2.62 -12.85
CA LEU A 531 -7.33 -2.23 -11.65
C LEU A 531 -8.37 -3.27 -11.23
N ILE A 532 -9.14 -3.77 -12.19
CA ILE A 532 -10.06 -4.87 -11.89
C ILE A 532 -9.30 -6.06 -11.33
N GLY A 533 -8.16 -6.40 -11.94
CA GLY A 533 -7.37 -7.51 -11.44
C GLY A 533 -6.95 -7.30 -10.00
N THR A 534 -6.44 -6.11 -9.69
CA THR A 534 -6.04 -5.81 -8.31
C THR A 534 -7.19 -6.02 -7.35
N VAL A 535 -8.33 -5.39 -7.62
CA VAL A 535 -9.46 -5.46 -6.71
C VAL A 535 -9.89 -6.90 -6.50
N LEU A 536 -10.17 -7.60 -7.59
CA LEU A 536 -10.71 -8.95 -7.47
C LEU A 536 -9.69 -9.90 -6.84
N LEU A 537 -8.40 -9.73 -7.11
CA LEU A 537 -7.42 -10.65 -6.56
C LEU A 537 -7.21 -10.44 -5.07
N VAL A 538 -7.18 -9.19 -4.61
CA VAL A 538 -7.11 -9.00 -3.17
C VAL A 538 -8.33 -9.63 -2.49
N GLY A 539 -9.52 -9.33 -3.02
CA GLY A 539 -10.72 -9.90 -2.42
C GLY A 539 -10.69 -11.41 -2.37
N ALA A 540 -10.32 -12.05 -3.48
CA ALA A 540 -10.30 -13.50 -3.52
C ALA A 540 -9.23 -14.06 -2.60
N LEU A 541 -7.99 -13.59 -2.74
CA LEU A 541 -6.88 -14.06 -1.92
C LEU A 541 -7.13 -13.88 -0.43
N THR A 542 -8.24 -13.26 -0.05
CA THR A 542 -8.57 -13.13 1.36
C THR A 542 -9.79 -13.95 1.75
N PHE A 543 -10.88 -13.77 1.04
CA PHE A 543 -12.18 -14.38 1.29
C PHE A 543 -12.47 -15.69 0.56
N ILE A 544 -11.51 -16.34 -0.09
CA ILE A 544 -11.84 -17.62 -0.74
C ILE A 544 -12.03 -18.73 0.28
N PRO A 545 -11.11 -18.97 1.22
CA PRO A 545 -11.40 -20.01 2.21
C PRO A 545 -12.67 -19.74 3.01
N ALA A 546 -12.95 -18.48 3.33
CA ALA A 546 -14.16 -18.15 4.08
C ALA A 546 -15.42 -18.39 3.27
N LEU A 547 -15.36 -18.22 1.95
CA LEU A 547 -16.51 -18.43 1.09
C LEU A 547 -16.60 -19.86 0.57
N ALA A 548 -15.58 -20.68 0.77
CA ALA A 548 -15.64 -22.07 0.35
C ALA A 548 -16.32 -22.95 1.37
N LEU A 549 -16.40 -22.50 2.61
CA LEU A 549 -17.05 -23.24 3.69
C LEU A 549 -18.45 -22.74 3.98
N GLY A 550 -18.88 -21.69 3.32
CA GLY A 550 -20.22 -21.16 3.47
C GLY A 550 -21.03 -21.33 2.20
N PRO A 551 -21.11 -20.27 1.39
CA PRO A 551 -21.95 -20.37 0.19
C PRO A 551 -21.59 -21.51 -0.76
N VAL A 552 -20.31 -21.78 -0.98
CA VAL A 552 -19.96 -22.80 -1.96
C VAL A 552 -20.23 -24.19 -1.40
N ALA A 553 -20.01 -24.39 -0.10
CA ALA A 553 -20.28 -25.67 0.50
C ALA A 553 -21.76 -26.00 0.36
N GLU A 554 -22.62 -25.04 0.71
CA GLU A 554 -24.06 -25.23 0.59
C GLU A 554 -24.48 -25.42 -0.86
N TYR A 555 -23.90 -24.64 -1.78
CA TYR A 555 -24.28 -24.79 -3.18
C TYR A 555 -23.94 -26.16 -3.71
N LEU A 556 -22.75 -26.66 -3.37
CA LEU A 556 -22.28 -27.92 -3.91
C LEU A 556 -22.87 -29.12 -3.19
N SER A 557 -23.47 -28.89 -2.02
CA SER A 557 -24.12 -29.90 -1.19
C SER A 557 -24.94 -30.94 -1.94
N PHE B 9 33.14 -16.15 -8.15
CA PHE B 9 33.17 -16.76 -6.80
C PHE B 9 34.12 -17.94 -6.74
N GLU B 10 35.37 -17.67 -6.36
CA GLU B 10 36.32 -18.75 -6.17
C GLU B 10 35.92 -19.56 -4.94
N PRO B 11 36.44 -20.79 -4.79
CA PRO B 11 36.04 -21.66 -3.68
C PRO B 11 35.90 -20.99 -2.32
N THR B 12 36.93 -20.28 -1.87
CA THR B 12 36.90 -19.76 -0.50
C THR B 12 35.68 -18.90 -0.24
N LEU B 13 35.18 -18.21 -1.26
CA LEU B 13 34.02 -17.36 -1.06
C LEU B 13 32.77 -18.18 -0.83
N VAL B 14 32.64 -19.33 -1.49
CA VAL B 14 31.47 -20.17 -1.28
C VAL B 14 31.46 -20.76 0.12
N VAL B 15 32.62 -21.20 0.61
CA VAL B 15 32.64 -21.78 1.95
C VAL B 15 32.40 -20.68 2.98
N GLN B 16 32.90 -19.47 2.72
CA GLN B 16 32.63 -18.39 3.64
C GLN B 16 31.14 -18.07 3.66
N ALA B 17 30.50 -18.06 2.49
CA ALA B 17 29.06 -17.81 2.44
C ALA B 17 28.29 -18.91 3.16
N LEU B 18 28.73 -20.16 3.04
CA LEU B 18 28.04 -21.24 3.72
C LEU B 18 28.13 -21.07 5.24
N LYS B 19 29.29 -20.67 5.73
CA LYS B 19 29.41 -20.51 7.17
C LYS B 19 28.62 -19.29 7.64
N GLU B 20 28.62 -18.21 6.85
CA GLU B 20 27.82 -17.06 7.25
C GLU B 20 26.33 -17.40 7.22
N ALA B 21 25.90 -18.33 6.37
CA ALA B 21 24.50 -18.74 6.35
C ALA B 21 24.15 -19.49 7.61
N VAL B 22 24.95 -20.50 7.95
CA VAL B 22 24.66 -21.28 9.14
C VAL B 22 24.70 -20.37 10.37
N LYS B 23 25.63 -19.42 10.40
CA LYS B 23 25.70 -18.48 11.51
C LYS B 23 24.45 -17.60 11.56
N LYS B 24 23.90 -17.25 10.41
CA LYS B 24 22.75 -16.36 10.35
C LYS B 24 21.44 -17.11 10.53
N LEU B 25 21.49 -18.43 10.73
CA LEU B 25 20.27 -19.15 11.13
C LEU B 25 19.82 -18.81 12.54
N ASN B 26 20.64 -18.10 13.31
CA ASN B 26 20.23 -17.66 14.64
C ASN B 26 18.96 -16.82 14.55
N PRO B 27 18.01 -16.97 15.47
CA PRO B 27 16.78 -16.16 15.39
C PRO B 27 17.00 -14.68 15.59
N GLN B 28 18.09 -14.26 16.23
CA GLN B 28 18.33 -12.85 16.45
C GLN B 28 18.84 -12.14 15.19
N ALA B 29 19.27 -12.90 14.19
CA ALA B 29 19.70 -12.33 12.92
C ALA B 29 18.75 -12.63 11.78
N GLN B 30 17.94 -13.69 11.89
CA GLN B 30 16.89 -13.97 10.93
C GLN B 30 15.70 -13.04 11.10
N TRP B 31 15.61 -12.38 12.25
CA TRP B 31 14.44 -11.56 12.56
C TRP B 31 14.26 -10.40 11.59
N ARG B 32 15.32 -9.98 10.89
CA ARG B 32 15.26 -8.84 9.99
C ARG B 32 14.79 -9.20 8.60
N ASN B 33 14.12 -10.33 8.43
CA ASN B 33 13.60 -10.78 7.14
C ASN B 33 12.24 -11.41 7.35
N PRO B 34 11.15 -10.67 7.14
CA PRO B 34 9.83 -11.17 7.57
C PRO B 34 9.47 -12.54 7.01
N VAL B 35 9.49 -12.70 5.69
CA VAL B 35 9.05 -13.96 5.09
C VAL B 35 9.91 -15.12 5.57
N MET B 36 11.23 -14.95 5.53
CA MET B 36 12.09 -16.04 5.96
C MET B 36 12.00 -16.27 7.45
N PHE B 37 11.64 -15.26 8.23
CA PHE B 37 11.44 -15.50 9.66
C PHE B 37 10.18 -16.32 9.90
N ILE B 38 9.14 -16.08 9.12
CA ILE B 38 7.93 -16.89 9.25
C ILE B 38 8.20 -18.32 8.81
N VAL B 39 8.99 -18.51 7.74
CA VAL B 39 9.36 -19.87 7.36
C VAL B 39 10.21 -20.51 8.44
N TRP B 40 11.04 -19.73 9.12
CA TRP B 40 11.83 -20.25 10.24
C TRP B 40 10.93 -20.74 11.36
N ILE B 41 9.95 -19.92 11.75
CA ILE B 41 9.02 -20.30 12.80
C ILE B 41 8.29 -21.57 12.40
N GLY B 42 7.79 -21.63 11.17
CA GLY B 42 7.06 -22.81 10.73
C GLY B 42 7.93 -24.05 10.73
N SER B 43 9.19 -23.90 10.32
CA SER B 43 10.10 -25.03 10.35
C SER B 43 10.30 -25.53 11.78
N LEU B 44 10.43 -24.61 12.72
CA LEU B 44 10.61 -25.01 14.12
C LEU B 44 9.37 -25.74 14.63
N LEU B 45 8.19 -25.19 14.34
CA LEU B 45 6.96 -25.84 14.79
C LEU B 45 6.82 -27.24 14.19
N THR B 46 7.20 -27.41 12.92
CA THR B 46 7.03 -28.71 12.29
C THR B 46 8.04 -29.72 12.81
N THR B 47 9.28 -29.31 13.05
CA THR B 47 10.22 -30.26 13.65
C THR B 47 9.78 -30.64 15.06
N CYS B 48 9.22 -29.69 15.81
CA CYS B 48 8.75 -30.02 17.15
C CYS B 48 7.55 -30.95 17.10
N ILE B 49 6.62 -30.72 16.17
CA ILE B 49 5.49 -31.63 16.01
C ILE B 49 6.00 -33.02 15.63
N SER B 50 7.00 -33.10 14.77
CA SER B 50 7.52 -34.40 14.37
C SER B 50 8.15 -35.12 15.56
N ILE B 51 8.91 -34.40 16.39
CA ILE B 51 9.49 -35.04 17.57
C ILE B 51 8.38 -35.51 18.50
N ALA B 52 7.37 -34.67 18.70
CA ALA B 52 6.27 -35.04 19.59
C ALA B 52 5.49 -36.24 19.07
N MET B 53 5.48 -36.42 17.75
CA MET B 53 4.81 -37.59 17.19
C MET B 53 5.68 -38.83 17.31
N ALA B 54 6.97 -38.68 17.05
CA ALA B 54 7.88 -39.82 17.11
C ALA B 54 7.96 -40.37 18.53
N SER B 55 7.98 -39.47 19.51
CA SER B 55 8.09 -39.90 20.91
C SER B 55 6.83 -40.59 21.40
N GLY B 56 5.70 -40.37 20.74
CA GLY B 56 4.43 -40.91 21.17
C GLY B 56 3.56 -39.94 21.93
N ALA B 57 3.94 -38.66 21.98
CA ALA B 57 3.14 -37.67 22.69
C ALA B 57 1.91 -37.24 21.92
N MET B 58 1.94 -37.36 20.60
CA MET B 58 0.82 -37.04 19.73
C MET B 58 0.55 -38.21 18.80
N PRO B 59 -0.67 -38.33 18.27
CA PRO B 59 -0.94 -39.34 17.25
C PRO B 59 -0.82 -38.79 15.83
N GLY B 60 -0.24 -39.61 14.96
CA GLY B 60 -0.15 -39.26 13.55
C GLY B 60 1.12 -39.81 12.93
N ASN B 61 1.36 -39.34 11.70
CA ASN B 61 2.52 -39.74 10.90
C ASN B 61 3.67 -38.78 11.14
N ALA B 62 4.79 -39.29 11.68
CA ALA B 62 5.92 -38.44 12.02
C ALA B 62 6.88 -38.21 10.87
N LEU B 63 6.85 -39.06 9.84
CA LEU B 63 7.79 -38.92 8.74
C LEU B 63 7.32 -37.94 7.68
N PHE B 64 6.02 -37.63 7.65
CA PHE B 64 5.56 -36.59 6.75
C PHE B 64 5.83 -35.21 7.34
N SER B 65 5.75 -35.08 8.65
CA SER B 65 6.08 -33.78 9.22
C SER B 65 7.59 -33.62 9.29
N ALA B 66 8.31 -34.72 9.44
CA ALA B 66 9.76 -34.63 9.38
C ALA B 66 10.22 -34.21 7.99
N ALA B 67 9.60 -34.77 6.93
CA ALA B 67 9.96 -34.36 5.58
C ALA B 67 9.60 -32.90 5.31
N ILE B 68 8.54 -32.40 5.91
CA ILE B 68 8.21 -30.99 5.68
C ILE B 68 9.18 -30.10 6.45
N SER B 69 9.50 -30.46 7.69
CA SER B 69 10.50 -29.70 8.41
C SER B 69 11.80 -29.65 7.63
N GLY B 70 12.28 -30.81 7.19
CA GLY B 70 13.54 -30.88 6.47
C GLY B 70 13.56 -30.03 5.21
N TRP B 71 12.41 -29.91 4.53
CA TRP B 71 12.46 -29.12 3.31
C TRP B 71 12.31 -27.64 3.62
N LEU B 72 11.60 -27.29 4.69
CA LEU B 72 11.57 -25.88 5.08
C LEU B 72 12.94 -25.43 5.55
N TRP B 73 13.67 -26.32 6.23
CA TRP B 73 15.02 -25.99 6.66
C TRP B 73 15.93 -25.79 5.46
N ILE B 74 15.75 -26.59 4.41
CA ILE B 74 16.58 -26.38 3.22
C ILE B 74 16.22 -25.07 2.55
N THR B 75 14.93 -24.72 2.53
CA THR B 75 14.54 -23.45 1.93
C THR B 75 15.16 -22.28 2.66
N VAL B 76 15.16 -22.33 3.99
CA VAL B 76 15.70 -21.22 4.79
C VAL B 76 17.20 -21.16 4.63
N LEU B 77 17.87 -22.32 4.66
CA LEU B 77 19.31 -22.33 4.57
C LEU B 77 19.78 -21.79 3.22
N PHE B 78 19.13 -22.21 2.13
CA PHE B 78 19.56 -21.67 0.84
C PHE B 78 19.19 -20.21 0.69
N ALA B 79 18.09 -19.76 1.26
CA ALA B 79 17.79 -18.33 1.21
C ALA B 79 18.89 -17.53 1.90
N ASN B 80 19.29 -17.96 3.09
CA ASN B 80 20.37 -17.28 3.80
C ASN B 80 21.68 -17.35 3.03
N PHE B 81 21.96 -18.46 2.36
CA PHE B 81 23.19 -18.59 1.59
C PHE B 81 23.20 -17.61 0.41
N ALA B 82 22.10 -17.57 -0.34
CA ALA B 82 22.05 -16.66 -1.48
C ALA B 82 22.15 -15.22 -1.01
N GLU B 83 21.56 -14.90 0.14
CA GLU B 83 21.70 -13.54 0.63
C GLU B 83 23.11 -13.29 1.13
N ALA B 84 23.81 -14.32 1.60
CA ALA B 84 25.20 -14.19 1.97
C ALA B 84 26.02 -13.72 0.78
N LEU B 85 25.99 -14.48 -0.31
CA LEU B 85 26.81 -14.10 -1.47
C LEU B 85 26.47 -12.70 -1.96
N ALA B 86 25.18 -12.42 -2.18
CA ALA B 86 24.79 -11.16 -2.78
C ALA B 86 25.22 -9.96 -1.94
N GLU B 87 25.03 -10.01 -0.61
CA GLU B 87 25.27 -8.85 0.24
C GLU B 87 26.13 -9.19 1.45
N GLY B 88 27.00 -10.19 1.34
CA GLY B 88 27.75 -10.64 2.50
C GLY B 88 28.94 -9.79 2.81
N ARG B 89 29.57 -9.24 1.79
CA ARG B 89 30.77 -8.41 1.94
C ARG B 89 30.52 -7.04 1.35
N SER B 90 29.36 -6.46 1.67
CA SER B 90 28.98 -5.17 1.12
C SER B 90 29.25 -4.01 2.05
N LYS B 91 29.65 -4.26 3.28
CA LYS B 91 29.83 -3.19 4.24
C LYS B 91 31.21 -2.56 4.11
N ALA B 92 31.35 -1.37 4.70
CA ALA B 92 32.59 -0.62 4.68
C ALA B 92 33.46 -1.08 5.84
N GLN B 93 34.57 -1.74 5.53
CA GLN B 93 35.47 -2.24 6.55
C GLN B 93 36.65 -1.30 6.73
N ALA B 94 37.14 -1.21 7.96
CA ALA B 94 38.28 -0.39 8.32
C ALA B 94 39.44 -1.25 8.80
N ASN B 95 39.67 -2.37 8.12
CA ASN B 95 40.68 -3.31 8.60
C ASN B 95 42.08 -2.75 8.42
N SER B 96 42.32 -2.00 7.33
CA SER B 96 43.66 -1.46 7.12
C SER B 96 43.97 -0.33 8.08
N LEU B 97 43.01 0.59 8.28
CA LEU B 97 43.19 1.64 9.28
C LEU B 97 43.42 1.03 10.65
N LYS B 98 42.63 0.03 11.03
CA LYS B 98 42.83 -0.59 12.34
C LYS B 98 44.18 -1.28 12.43
N GLY B 99 44.63 -1.93 11.36
CA GLY B 99 45.92 -2.57 11.37
C GLY B 99 47.06 -1.58 11.57
N VAL B 100 46.96 -0.41 10.93
CA VAL B 100 47.96 0.62 11.15
C VAL B 100 47.93 1.10 12.60
N LYS B 101 46.74 1.18 13.18
CA LYS B 101 46.60 1.68 14.54
C LYS B 101 47.12 0.68 15.56
N LYS B 102 46.97 -0.61 15.30
CA LYS B 102 47.32 -1.64 16.27
C LYS B 102 48.78 -2.02 16.21
N THR B 103 49.34 -2.20 15.01
CA THR B 103 50.74 -2.54 14.85
C THR B 103 51.66 -1.34 14.98
N ALA B 104 51.15 -0.19 15.40
CA ALA B 104 51.97 1.00 15.53
C ALA B 104 52.85 0.91 16.79
N PHE B 105 53.77 1.86 16.88
CA PHE B 105 54.68 1.94 18.01
C PHE B 105 55.43 3.25 17.87
N ALA B 106 56.23 3.58 18.87
CA ALA B 106 57.10 4.73 18.81
C ALA B 106 57.96 4.74 20.06
N ARG B 107 58.96 5.59 20.07
CA ARG B 107 60.02 5.58 21.06
C ARG B 107 59.86 6.76 22.01
N LYS B 108 59.52 6.49 23.26
CA LYS B 108 59.53 7.55 24.25
C LYS B 108 60.94 8.09 24.41
N LEU B 109 61.04 9.39 24.67
CA LEU B 109 62.31 10.10 24.70
C LEU B 109 62.48 10.79 26.05
N ARG B 110 63.19 10.13 26.97
CA ARG B 110 63.61 10.79 28.19
C ARG B 110 64.45 12.01 27.85
N GLU B 111 64.49 12.97 28.78
CA GLU B 111 65.27 14.17 28.55
C GLU B 111 64.85 14.79 27.20
N PRO B 112 63.70 15.48 27.15
CA PRO B 112 63.06 15.80 25.87
C PRO B 112 63.98 16.20 24.72
N LYS B 113 65.15 16.75 25.02
CA LYS B 113 66.08 17.08 23.94
C LYS B 113 66.49 15.81 23.19
N TYR B 114 67.20 16.01 22.08
CA TYR B 114 67.52 14.90 21.19
C TYR B 114 68.51 13.94 21.83
N GLY B 115 69.49 14.45 22.55
CA GLY B 115 70.56 13.60 23.05
C GLY B 115 70.16 12.70 24.20
N ALA B 116 69.33 11.70 23.92
CA ALA B 116 68.83 10.80 24.96
C ALA B 116 68.60 9.42 24.35
N ALA B 117 67.87 8.58 25.09
CA ALA B 117 67.61 7.21 24.69
C ALA B 117 66.31 7.14 23.88
N ALA B 118 65.81 5.93 23.67
CA ALA B 118 64.60 5.72 22.86
C ALA B 118 63.95 4.41 23.32
N ASP B 119 62.91 4.53 24.15
CA ASP B 119 62.22 3.37 24.70
C ASP B 119 61.05 3.01 23.79
N LYS B 120 61.20 1.95 23.00
CA LYS B 120 60.17 1.56 22.04
C LYS B 120 59.00 0.93 22.78
N VAL B 121 57.87 1.62 22.80
CA VAL B 121 56.66 1.11 23.45
C VAL B 121 55.49 1.28 22.49
N PRO B 122 54.41 0.55 22.70
CA PRO B 122 53.25 0.68 21.82
C PRO B 122 52.73 2.11 21.80
N ALA B 123 51.96 2.42 20.75
CA ALA B 123 51.42 3.75 20.56
C ALA B 123 50.24 4.05 21.49
N ASP B 124 49.71 3.04 22.18
CA ASP B 124 48.62 3.27 23.12
C ASP B 124 49.12 3.70 24.49
N GLN B 125 50.41 3.54 24.77
CA GLN B 125 50.96 3.91 26.06
C GLN B 125 51.18 5.41 26.19
N LEU B 126 51.17 6.15 25.09
CA LEU B 126 51.44 7.59 25.12
C LEU B 126 50.23 8.34 25.65
N ARG B 127 50.48 9.53 26.18
CA ARG B 127 49.41 10.40 26.67
C ARG B 127 49.88 11.85 26.57
N LYS B 128 48.94 12.76 26.82
CA LYS B 128 49.21 14.19 26.62
C LYS B 128 50.43 14.64 27.41
N GLY B 129 51.37 15.27 26.72
CA GLY B 129 52.58 15.81 27.32
C GLY B 129 53.83 14.99 27.04
N ASP B 130 53.69 13.73 26.65
CA ASP B 130 54.85 12.88 26.39
C ASP B 130 55.71 13.49 25.26
N ILE B 131 56.95 13.02 25.18
CA ILE B 131 57.92 13.50 24.19
C ILE B 131 58.39 12.30 23.39
N VAL B 132 57.82 12.09 22.22
CA VAL B 132 58.16 10.98 21.36
C VAL B 132 59.26 11.40 20.39
N LEU B 133 60.01 10.42 19.88
CA LEU B 133 61.08 10.64 18.93
C LEU B 133 60.86 9.75 17.72
N VAL B 134 60.89 10.34 16.53
CA VAL B 134 60.71 9.61 15.29
C VAL B 134 61.85 9.96 14.35
N GLU B 135 62.22 9.01 13.51
CA GLU B 135 63.27 9.19 12.50
C GLU B 135 62.76 8.66 11.17
N ALA B 136 63.60 8.75 10.15
CA ALA B 136 63.19 8.45 8.79
C ALA B 136 62.51 7.09 8.69
N GLY B 137 61.36 7.07 8.04
CA GLY B 137 60.65 5.83 7.78
C GLY B 137 59.54 5.55 8.76
N ASP B 138 59.78 5.76 10.05
CA ASP B 138 58.78 5.41 11.06
C ASP B 138 57.48 6.16 10.80
N ILE B 139 56.38 5.57 11.25
CA ILE B 139 55.05 6.17 11.14
C ILE B 139 54.79 6.95 12.41
N ILE B 140 54.52 8.24 12.27
CA ILE B 140 54.30 9.13 13.40
C ILE B 140 53.24 8.53 14.33
N PRO B 141 53.52 8.37 15.63
CA PRO B 141 52.59 7.64 16.50
C PRO B 141 51.21 8.26 16.62
N CYS B 142 51.13 9.54 17.01
CA CYS B 142 49.84 10.19 17.22
C CYS B 142 50.02 11.68 16.98
N ASP B 143 48.99 12.46 17.32
CA ASP B 143 49.00 13.90 17.08
C ASP B 143 50.14 14.51 17.87
N GLY B 144 50.34 15.81 17.74
CA GLY B 144 51.36 16.46 18.53
C GLY B 144 51.78 17.78 17.89
N GLU B 145 52.91 18.28 18.38
CA GLU B 145 53.52 19.47 17.81
C GLU B 145 55.02 19.31 17.93
N VAL B 146 55.71 19.20 16.79
CA VAL B 146 57.16 19.10 16.79
C VAL B 146 57.74 20.20 17.65
N ILE B 147 58.76 19.86 18.43
CA ILE B 147 59.46 20.82 19.26
C ILE B 147 60.91 21.01 18.81
N GLU B 148 61.55 19.94 18.34
CA GLU B 148 62.94 19.97 17.90
C GLU B 148 63.04 19.30 16.54
N GLY B 149 63.73 19.94 15.61
CA GLY B 149 64.02 19.35 14.32
C GLY B 149 62.94 19.61 13.27
N GLY B 150 63.29 19.29 12.04
CA GLY B 150 62.35 19.44 10.94
C GLY B 150 62.59 18.35 9.91
N ALA B 151 61.50 17.90 9.29
CA ALA B 151 61.56 16.80 8.35
C ALA B 151 60.47 16.99 7.30
N SER B 152 60.27 15.96 6.48
CA SER B 152 59.26 15.98 5.41
C SER B 152 58.24 14.89 5.70
N VAL B 153 57.11 15.27 6.25
CA VAL B 153 56.04 14.32 6.52
C VAL B 153 55.27 14.06 5.22
N ASP B 154 54.87 12.82 5.02
CA ASP B 154 54.16 12.41 3.81
C ASP B 154 52.66 12.37 4.07
N GLU B 155 52.07 13.56 4.17
CA GLU B 155 50.66 13.72 4.54
C GLU B 155 49.76 13.52 3.32
N SER B 156 49.69 12.27 2.86
CA SER B 156 48.84 11.91 1.74
C SER B 156 47.56 11.19 2.17
N ALA B 157 47.47 10.78 3.43
CA ALA B 157 46.22 10.27 3.98
C ALA B 157 45.25 11.39 4.33
N ILE B 158 45.74 12.58 4.63
CA ILE B 158 44.90 13.72 5.00
C ILE B 158 44.52 14.53 3.78
N THR B 159 45.52 15.14 3.13
CA THR B 159 45.24 16.00 1.99
C THR B 159 44.89 15.16 0.77
N GLY B 160 45.82 14.33 0.32
CA GLY B 160 45.67 13.58 -0.91
C GLY B 160 46.88 13.71 -1.79
N GLU B 161 47.45 14.92 -1.83
CA GLU B 161 48.65 15.14 -2.63
C GLU B 161 49.83 14.40 -2.01
N ALA B 162 50.51 13.58 -2.81
CA ALA B 162 51.59 12.75 -2.31
C ALA B 162 52.93 13.48 -2.25
N ALA B 163 52.94 14.80 -2.29
CA ALA B 163 54.19 15.56 -2.21
C ALA B 163 54.55 15.80 -0.75
N PRO B 164 55.76 15.47 -0.31
CA PRO B 164 56.12 15.71 1.09
C PRO B 164 56.05 17.18 1.46
N VAL B 165 55.52 17.45 2.65
CA VAL B 165 55.43 18.79 3.21
C VAL B 165 56.39 18.89 4.38
N ILE B 166 57.03 20.04 4.51
CA ILE B 166 58.05 20.25 5.54
C ILE B 166 57.37 20.59 6.85
N ARG B 167 57.67 19.83 7.90
CA ARG B 167 57.20 20.12 9.25
C ARG B 167 58.40 20.47 10.11
N GLU B 168 58.34 21.61 10.79
CA GLU B 168 59.42 22.05 11.64
C GLU B 168 58.83 22.74 12.87
N SER B 169 59.71 23.08 13.81
CA SER B 169 59.29 23.71 15.04
C SER B 169 59.33 25.23 14.94
N GLY B 170 58.63 25.88 15.85
CA GLY B 170 58.66 27.33 15.95
C GLY B 170 57.60 28.03 15.14
N GLY B 171 57.58 27.79 13.83
CA GLY B 171 56.67 28.47 12.94
C GLY B 171 55.26 27.94 13.03
N ASP B 172 54.56 27.97 11.90
CA ASP B 172 53.19 27.48 11.81
C ASP B 172 53.13 26.00 11.45
N PHE B 173 54.05 25.52 10.61
CA PHE B 173 54.06 24.13 10.17
C PHE B 173 54.80 23.32 11.22
N ALA B 174 54.11 23.05 12.32
CA ALA B 174 54.65 22.24 13.40
C ALA B 174 53.70 21.17 13.90
N SER B 175 52.46 21.14 13.43
CA SER B 175 51.49 20.17 13.88
C SER B 175 51.53 18.94 12.97
N VAL B 176 51.82 17.79 13.57
CA VAL B 176 51.88 16.52 12.86
C VAL B 176 50.65 15.71 13.21
N THR B 177 50.46 14.59 12.52
CA THR B 177 49.34 13.71 12.75
C THR B 177 49.83 12.27 12.87
N GLY B 178 48.96 11.41 13.41
CA GLY B 178 49.30 10.03 13.61
C GLY B 178 48.94 9.15 12.44
N GLY B 179 49.93 8.52 11.82
CA GLY B 179 49.74 7.65 10.67
C GLY B 179 50.54 8.06 9.45
N THR B 180 50.83 9.35 9.33
CA THR B 180 51.59 9.85 8.20
C THR B 180 53.08 9.54 8.38
N ARG B 181 53.69 8.98 7.36
CA ARG B 181 55.06 8.49 7.47
C ARG B 181 56.06 9.61 7.22
N ILE B 182 57.04 9.73 8.10
CA ILE B 182 58.10 10.72 7.96
C ILE B 182 59.12 10.20 6.95
N LEU B 183 59.79 11.12 6.25
CA LEU B 183 60.68 10.74 5.15
C LEU B 183 62.09 11.30 5.27
N SER B 184 62.24 12.55 5.69
CA SER B 184 63.54 13.20 5.55
C SER B 184 64.50 12.83 6.67
N ASP B 185 64.18 13.21 7.90
CA ASP B 185 65.11 13.04 9.02
C ASP B 185 64.33 13.22 10.32
N TRP B 186 65.06 13.27 11.44
CA TRP B 186 64.45 13.15 12.75
C TRP B 186 63.54 14.34 13.06
N LEU B 187 62.74 14.16 14.13
CA LEU B 187 61.96 15.22 14.75
C LEU B 187 61.42 14.69 16.07
N VAL B 188 61.29 15.57 17.05
CA VAL B 188 60.86 15.20 18.39
C VAL B 188 59.42 15.65 18.56
N ILE B 189 58.51 14.70 18.52
CA ILE B 189 57.08 14.99 18.67
C ILE B 189 56.76 15.03 20.16
N GLU B 190 55.78 15.87 20.51
CA GLU B 190 55.17 15.84 21.83
C GLU B 190 53.67 15.67 21.63
N CYS B 191 53.13 14.58 22.16
CA CYS B 191 51.74 14.26 21.91
C CYS B 191 50.83 15.39 22.37
N SER B 192 49.64 15.43 21.78
CA SER B 192 48.70 16.52 22.04
C SER B 192 47.27 16.04 22.22
N VAL B 193 47.00 14.75 22.10
CA VAL B 193 45.66 14.22 22.35
C VAL B 193 45.81 12.88 23.05
N ASN B 194 45.02 12.69 24.11
CA ASN B 194 44.90 11.42 24.80
C ASN B 194 44.63 10.32 23.78
N PRO B 195 45.01 9.07 24.06
CA PRO B 195 44.88 8.02 23.04
C PRO B 195 43.47 7.82 22.53
N GLY B 196 42.46 8.40 23.17
CA GLY B 196 41.09 8.23 22.74
C GLY B 196 40.81 8.70 21.34
N GLU B 197 40.90 10.00 21.11
CA GLU B 197 40.46 10.62 19.85
C GLU B 197 41.65 11.26 19.16
N THR B 198 42.30 10.48 18.30
CA THR B 198 43.27 11.00 17.35
C THR B 198 42.54 11.29 16.03
N PHE B 199 43.29 11.53 14.96
CA PHE B 199 42.68 11.64 13.64
C PHE B 199 42.37 10.27 13.06
N LEU B 200 43.27 9.32 13.28
CA LEU B 200 43.06 7.97 12.76
C LEU B 200 41.86 7.31 13.42
N ASP B 201 41.70 7.52 14.73
CA ASP B 201 40.52 6.98 15.42
C ASP B 201 39.25 7.66 14.92
N ARG B 202 39.33 8.96 14.65
CA ARG B 202 38.18 9.67 14.10
C ARG B 202 37.73 9.04 12.79
N MET B 203 38.66 8.80 11.87
CA MET B 203 38.23 8.29 10.58
C MET B 203 37.97 6.80 10.59
N ILE B 204 38.55 6.03 11.53
CA ILE B 204 38.11 4.66 11.72
C ILE B 204 36.68 4.64 12.20
N ALA B 205 36.28 5.61 13.01
CA ALA B 205 34.90 5.68 13.46
C ALA B 205 33.98 6.21 12.35
N MET B 206 34.51 7.02 11.44
CA MET B 206 33.70 7.48 10.31
C MET B 206 33.46 6.38 9.30
N VAL B 207 34.46 5.52 9.06
CA VAL B 207 34.30 4.45 8.08
C VAL B 207 33.26 3.45 8.57
N GLU B 208 33.52 2.78 9.69
CA GLU B 208 32.54 1.89 10.30
C GLU B 208 31.66 2.74 11.21
N GLY B 209 30.38 2.85 10.87
CA GLY B 209 29.51 3.80 11.52
C GLY B 209 28.78 4.64 10.50
N ALA B 210 28.96 4.32 9.23
CA ALA B 210 28.25 4.97 8.13
C ALA B 210 27.48 3.89 7.38
N GLN B 211 26.16 4.00 7.37
CA GLN B 211 25.28 2.99 6.82
C GLN B 211 24.81 3.41 5.43
N ARG B 212 24.70 2.44 4.53
CA ARG B 212 24.13 2.68 3.21
C ARG B 212 22.65 2.37 3.23
N ARG B 213 21.87 3.20 2.54
CA ARG B 213 20.42 3.07 2.55
C ARG B 213 19.97 1.94 1.63
N LYS B 214 18.68 1.66 1.66
CA LYS B 214 18.06 0.74 0.71
C LYS B 214 17.37 1.54 -0.39
N THR B 215 17.45 1.04 -1.61
CA THR B 215 16.86 1.74 -2.74
C THR B 215 15.35 1.77 -2.60
N PRO B 216 14.66 2.59 -3.40
CA PRO B 216 13.19 2.62 -3.30
C PRO B 216 12.53 1.36 -3.81
N ASN B 217 13.09 0.70 -4.82
CA ASN B 217 12.49 -0.53 -5.31
C ASN B 217 12.48 -1.60 -4.23
N GLU B 218 13.55 -1.69 -3.44
CA GLU B 218 13.59 -2.66 -2.35
C GLU B 218 12.48 -2.41 -1.35
N ILE B 219 12.29 -1.14 -0.97
CA ILE B 219 11.27 -0.83 0.02
C ILE B 219 9.88 -1.12 -0.52
N ALA B 220 9.64 -0.79 -1.79
CA ALA B 220 8.34 -1.08 -2.39
C ALA B 220 8.06 -2.58 -2.39
N LEU B 221 9.02 -3.37 -2.87
CA LEU B 221 8.81 -4.81 -2.91
C LEU B 221 8.66 -5.39 -1.51
N THR B 222 9.35 -4.83 -0.51
CA THR B 222 9.20 -5.31 0.85
C THR B 222 7.80 -5.04 1.38
N ILE B 223 7.27 -3.85 1.11
CA ILE B 223 5.92 -3.54 1.55
C ILE B 223 4.93 -4.50 0.89
N LEU B 224 5.12 -4.80 -0.39
CA LEU B 224 4.23 -5.74 -1.04
C LEU B 224 4.33 -7.13 -0.41
N LEU B 225 5.55 -7.58 -0.12
CA LEU B 225 5.75 -8.86 0.55
C LEU B 225 4.97 -8.90 1.87
N ILE B 226 5.12 -7.87 2.68
CA ILE B 226 4.49 -7.90 4.00
C ILE B 226 2.97 -7.88 3.87
N ALA B 227 2.45 -7.13 2.89
CA ALA B 227 1.01 -7.13 2.70
C ALA B 227 0.49 -8.50 2.32
N LEU B 228 1.12 -9.15 1.36
CA LEU B 228 0.71 -10.50 0.98
C LEU B 228 0.83 -11.47 2.14
N THR B 229 1.87 -11.33 2.95
CA THR B 229 2.05 -12.24 4.08
C THR B 229 0.94 -12.05 5.10
N ILE B 230 0.54 -10.81 5.37
CA ILE B 230 -0.58 -10.58 6.29
C ILE B 230 -1.85 -11.20 5.74
N VAL B 231 -2.09 -11.03 4.44
CA VAL B 231 -3.28 -11.61 3.82
C VAL B 231 -3.32 -13.12 4.04
N PHE B 232 -2.25 -13.81 3.67
CA PHE B 232 -2.24 -15.27 3.79
C PHE B 232 -2.26 -15.71 5.25
N LEU B 233 -1.64 -14.95 6.14
CA LEU B 233 -1.69 -15.30 7.55
C LEU B 233 -3.11 -15.26 8.07
N LEU B 234 -3.82 -14.15 7.84
CA LEU B 234 -5.21 -14.07 8.27
C LEU B 234 -6.03 -15.22 7.71
N ALA B 235 -5.93 -15.46 6.40
CA ALA B 235 -6.73 -16.51 5.78
C ALA B 235 -6.47 -17.86 6.44
N THR B 236 -5.23 -18.34 6.40
CA THR B 236 -4.95 -19.69 6.87
C THR B 236 -5.09 -19.82 8.38
N ALA B 237 -4.93 -18.73 9.14
CA ALA B 237 -5.11 -18.82 10.57
C ALA B 237 -6.59 -18.95 10.92
N THR B 238 -7.41 -18.01 10.45
CA THR B 238 -8.84 -18.09 10.72
C THR B 238 -9.50 -19.29 10.05
N LEU B 239 -8.78 -20.05 9.24
CA LEU B 239 -9.37 -21.25 8.67
C LEU B 239 -9.81 -22.24 9.74
N TRP B 240 -9.07 -22.34 10.85
CA TRP B 240 -9.41 -23.35 11.84
C TRP B 240 -10.78 -23.19 12.49
N PRO B 241 -11.16 -22.03 13.03
CA PRO B 241 -12.53 -21.94 13.60
C PRO B 241 -13.63 -22.20 12.60
N PHE B 242 -13.46 -21.73 11.36
CA PHE B 242 -14.48 -21.91 10.34
C PHE B 242 -14.65 -23.38 10.00
N SER B 243 -13.54 -24.12 9.98
CA SER B 243 -13.61 -25.52 9.59
C SER B 243 -14.01 -26.40 10.76
N ALA B 244 -13.67 -25.99 11.98
CA ALA B 244 -14.08 -26.73 13.17
C ALA B 244 -15.55 -26.55 13.47
N TRP B 245 -16.19 -25.51 12.93
CA TRP B 245 -17.63 -25.40 13.04
C TRP B 245 -18.31 -26.64 12.49
N GLY B 246 -18.08 -26.93 11.21
CA GLY B 246 -18.75 -28.05 10.55
C GLY B 246 -18.18 -29.40 10.90
N GLY B 247 -18.27 -29.79 12.16
CA GLY B 247 -17.81 -31.10 12.59
C GLY B 247 -16.31 -31.23 12.65
N ASN B 248 -15.75 -32.14 11.86
CA ASN B 248 -14.31 -32.31 11.83
C ASN B 248 -13.63 -31.02 11.39
N ALA B 249 -12.37 -30.88 11.77
CA ALA B 249 -11.62 -29.65 11.59
C ALA B 249 -10.41 -29.88 10.70
N VAL B 250 -9.57 -28.86 10.59
CA VAL B 250 -8.31 -28.94 9.85
C VAL B 250 -7.21 -29.29 10.83
N SER B 251 -6.35 -30.23 10.45
CA SER B 251 -5.27 -30.64 11.33
C SER B 251 -4.38 -29.45 11.66
N VAL B 252 -3.49 -29.64 12.62
CA VAL B 252 -2.59 -28.56 13.03
C VAL B 252 -1.34 -28.53 12.16
N THR B 253 -0.73 -29.68 11.90
CA THR B 253 0.42 -29.72 11.01
C THR B 253 0.04 -29.25 9.62
N VAL B 254 -1.15 -29.62 9.16
CA VAL B 254 -1.63 -29.13 7.87
C VAL B 254 -1.74 -27.61 7.91
N LEU B 255 -2.18 -27.05 9.03
CA LEU B 255 -2.32 -25.60 9.12
C LEU B 255 -0.97 -24.91 9.00
N VAL B 256 0.01 -25.31 9.82
CA VAL B 256 1.29 -24.62 9.79
C VAL B 256 1.97 -24.82 8.45
N ALA B 257 1.86 -26.02 7.87
CA ALA B 257 2.48 -26.28 6.59
C ALA B 257 1.82 -25.47 5.50
N LEU B 258 0.49 -25.36 5.52
CA LEU B 258 -0.19 -24.52 4.55
C LEU B 258 0.27 -23.08 4.66
N LEU B 259 0.42 -22.58 5.89
CA LEU B 259 0.87 -21.21 6.05
C LEU B 259 2.22 -21.00 5.41
N VAL B 260 3.20 -21.82 5.77
CA VAL B 260 4.54 -21.65 5.22
C VAL B 260 4.64 -22.06 3.76
N CYS B 261 3.61 -22.67 3.19
CA CYS B 261 3.57 -22.97 1.76
C CYS B 261 3.00 -21.84 0.94
N LEU B 262 2.04 -21.08 1.47
CA LEU B 262 1.37 -20.08 0.66
C LEU B 262 2.19 -18.80 0.51
N ILE B 263 2.88 -18.37 1.56
CA ILE B 263 3.52 -17.06 1.60
C ILE B 263 4.49 -16.88 0.44
N PRO B 264 4.77 -15.65 0.01
CA PRO B 264 5.63 -15.42 -1.16
C PRO B 264 7.13 -15.61 -0.91
N THR B 265 7.64 -16.84 -1.10
CA THR B 265 9.06 -17.08 -0.92
C THR B 265 9.86 -16.72 -2.18
N THR B 266 9.22 -16.76 -3.35
CA THR B 266 9.89 -16.41 -4.59
C THR B 266 10.26 -14.94 -4.59
N ILE B 267 9.35 -14.09 -4.11
CA ILE B 267 9.61 -12.67 -4.07
C ILE B 267 10.73 -12.40 -3.08
N GLY B 268 10.72 -13.10 -1.96
CA GLY B 268 11.80 -12.95 -1.00
C GLY B 268 13.16 -13.28 -1.59
N GLY B 269 13.22 -14.31 -2.44
CA GLY B 269 14.48 -14.72 -3.07
C GLY B 269 14.90 -13.89 -4.28
N LEU B 270 13.97 -13.10 -4.82
CA LEU B 270 14.29 -12.30 -6.00
C LEU B 270 15.39 -11.27 -5.74
N LEU B 271 15.45 -10.69 -4.53
CA LEU B 271 16.51 -9.70 -4.29
C LEU B 271 17.90 -10.31 -4.41
N SER B 272 18.04 -11.58 -4.06
CA SER B 272 19.36 -12.18 -4.15
C SER B 272 19.61 -12.73 -5.54
N ALA B 273 18.56 -13.07 -6.27
CA ALA B 273 18.77 -13.51 -7.64
C ALA B 273 19.33 -12.35 -8.46
N ILE B 274 18.72 -11.17 -8.31
CA ILE B 274 19.22 -10.00 -9.03
C ILE B 274 20.58 -9.59 -8.49
N GLY B 275 20.84 -9.77 -7.20
CA GLY B 275 22.14 -9.41 -6.68
C GLY B 275 23.23 -10.20 -7.38
N VAL B 276 23.13 -11.52 -7.33
CA VAL B 276 24.16 -12.37 -7.92
C VAL B 276 24.30 -12.10 -9.41
N ALA B 277 23.18 -11.97 -10.14
CA ALA B 277 23.31 -11.73 -11.57
C ALA B 277 23.94 -10.39 -11.88
N GLY B 278 23.67 -9.38 -11.05
CA GLY B 278 24.30 -8.09 -11.27
C GLY B 278 25.80 -8.15 -11.03
N MET B 279 26.22 -8.85 -9.99
CA MET B 279 27.64 -8.94 -9.73
C MET B 279 28.34 -9.69 -10.86
N SER B 280 27.68 -10.69 -11.42
CA SER B 280 28.27 -11.43 -12.54
C SER B 280 28.45 -10.53 -13.76
N ARG B 281 27.43 -9.74 -14.10
CA ARG B 281 27.56 -8.82 -15.23
C ARG B 281 28.67 -7.80 -14.99
N MET B 282 28.70 -7.22 -13.79
CA MET B 282 29.77 -6.26 -13.46
C MET B 282 31.13 -6.88 -13.71
N LEU B 283 31.38 -8.05 -13.13
CA LEU B 283 32.67 -8.69 -13.33
C LEU B 283 32.94 -8.86 -14.81
N GLY B 284 31.90 -9.18 -15.58
CA GLY B 284 32.09 -9.30 -17.02
C GLY B 284 32.58 -8.02 -17.64
N ALA B 285 32.13 -6.86 -17.12
CA ALA B 285 32.59 -5.56 -17.60
C ALA B 285 33.74 -5.01 -16.79
N ASN B 286 34.56 -5.87 -16.19
CA ASN B 286 35.89 -5.53 -15.68
C ASN B 286 35.81 -4.67 -14.42
N VAL B 287 34.73 -4.79 -13.66
CA VAL B 287 34.56 -4.15 -12.36
C VAL B 287 34.26 -5.24 -11.35
N ILE B 288 34.99 -5.26 -10.25
CA ILE B 288 34.79 -6.28 -9.22
C ILE B 288 33.84 -5.72 -8.18
N ALA B 289 32.57 -6.08 -8.28
CA ALA B 289 31.55 -5.60 -7.37
C ALA B 289 31.39 -6.57 -6.21
N THR B 290 31.13 -6.02 -5.02
CA THR B 290 30.91 -6.81 -3.83
C THR B 290 29.51 -6.70 -3.28
N SER B 291 28.69 -5.80 -3.81
CA SER B 291 27.32 -5.62 -3.36
C SER B 291 26.39 -5.67 -4.56
N GLY B 292 25.28 -6.40 -4.41
CA GLY B 292 24.32 -6.49 -5.50
C GLY B 292 23.41 -5.29 -5.59
N ARG B 293 23.16 -4.61 -4.47
CA ARG B 293 22.35 -3.40 -4.51
C ARG B 293 23.09 -2.27 -5.21
N ALA B 294 24.42 -2.30 -5.19
CA ALA B 294 25.20 -1.26 -5.83
C ALA B 294 24.91 -1.16 -7.32
N VAL B 295 24.59 -2.28 -7.96
CA VAL B 295 24.37 -2.25 -9.40
C VAL B 295 23.06 -1.56 -9.73
N GLU B 296 21.99 -1.85 -9.01
CA GLU B 296 20.74 -1.15 -9.28
C GLU B 296 20.82 0.31 -8.84
N ALA B 297 21.61 0.58 -7.78
CA ALA B 297 21.80 1.96 -7.39
C ALA B 297 22.49 2.71 -8.51
N ALA B 298 23.49 2.09 -9.14
CA ALA B 298 24.13 2.69 -10.29
C ALA B 298 23.12 2.87 -11.40
N GLY B 299 22.19 1.92 -11.50
CA GLY B 299 21.13 2.05 -12.48
C GLY B 299 20.41 3.37 -12.38
N ASP B 300 20.11 3.82 -11.16
CA ASP B 300 19.47 5.14 -11.02
C ASP B 300 20.20 6.16 -10.14
N VAL B 301 21.45 6.51 -10.47
CA VAL B 301 22.18 7.54 -9.74
C VAL B 301 21.81 8.91 -10.28
N ASP B 302 22.15 9.95 -9.53
CA ASP B 302 21.90 11.33 -9.93
C ASP B 302 23.11 12.25 -9.81
N VAL B 303 24.12 11.90 -9.00
CA VAL B 303 25.31 12.72 -8.82
C VAL B 303 26.52 11.82 -8.94
N LEU B 304 27.68 12.43 -9.19
CA LEU B 304 28.94 11.71 -9.29
C LEU B 304 30.02 12.58 -8.64
N LEU B 305 30.45 12.21 -7.45
CA LEU B 305 31.54 12.92 -6.79
C LEU B 305 32.87 12.28 -7.20
N LEU B 306 33.86 13.11 -7.44
CA LEU B 306 35.11 12.69 -8.05
C LEU B 306 36.31 13.27 -7.32
N ASP B 307 37.31 12.45 -7.08
CA ASP B 307 38.54 12.93 -6.51
C ASP B 307 39.37 13.52 -7.64
N LYS B 308 40.39 14.30 -7.31
CA LYS B 308 41.24 14.86 -8.36
C LYS B 308 42.53 14.08 -8.49
N THR B 309 43.30 13.99 -7.41
CA THR B 309 44.63 13.41 -7.47
C THR B 309 44.50 11.91 -7.27
N GLY B 310 44.92 11.14 -8.27
CA GLY B 310 44.72 9.71 -8.24
C GLY B 310 43.60 9.26 -9.15
N THR B 311 42.49 10.00 -9.18
CA THR B 311 41.33 9.60 -9.96
C THR B 311 41.33 10.23 -11.35
N ILE B 312 41.27 11.55 -11.43
CA ILE B 312 41.23 12.23 -12.72
C ILE B 312 42.63 12.42 -13.26
N THR B 313 43.50 13.05 -12.48
CA THR B 313 44.88 13.24 -12.90
C THR B 313 45.71 12.06 -12.45
N LEU B 314 46.80 11.81 -13.19
CA LEU B 314 47.62 10.63 -12.95
C LEU B 314 47.96 10.48 -11.48
N GLY B 315 48.18 11.58 -10.79
CA GLY B 315 48.42 11.56 -9.38
C GLY B 315 49.87 11.69 -8.94
N ASN B 316 50.75 12.14 -9.82
CA ASN B 316 52.13 12.35 -9.43
C ASN B 316 52.76 13.59 -10.01
N ARG B 317 52.02 14.41 -10.76
CA ARG B 317 52.44 15.78 -11.08
C ARG B 317 53.79 15.77 -11.82
N GLN B 318 53.75 15.23 -13.02
CA GLN B 318 54.93 15.18 -13.88
C GLN B 318 55.31 16.58 -14.36
N ALA B 319 56.48 16.67 -14.98
CA ALA B 319 56.99 17.94 -15.48
C ALA B 319 56.38 18.28 -16.82
N SER B 320 56.14 19.57 -17.05
CA SER B 320 55.48 20.04 -18.26
C SER B 320 56.39 20.90 -19.13
N GLU B 321 56.95 21.98 -18.61
CA GLU B 321 57.65 22.95 -19.43
C GLU B 321 58.84 23.51 -18.65
N PHE B 322 59.83 23.99 -19.39
CA PHE B 322 60.93 24.75 -18.83
C PHE B 322 60.69 26.21 -19.13
N ILE B 323 61.09 27.07 -18.19
CA ILE B 323 60.90 28.52 -18.36
C ILE B 323 62.15 29.22 -17.87
N PRO B 324 63.12 29.53 -18.74
CA PRO B 324 64.38 30.11 -18.27
C PRO B 324 64.26 31.58 -17.93
N ALA B 325 65.34 32.10 -17.38
CA ALA B 325 65.46 33.53 -17.09
C ALA B 325 66.09 34.23 -18.29
N GLN B 326 66.33 35.54 -18.15
CA GLN B 326 66.87 36.32 -19.25
C GLN B 326 68.23 35.79 -19.66
N GLY B 327 68.39 35.51 -20.95
CA GLY B 327 69.62 34.98 -21.51
C GLY B 327 70.35 33.99 -20.62
N VAL B 328 69.70 32.90 -20.25
CA VAL B 328 70.32 31.85 -19.47
C VAL B 328 70.42 30.54 -20.26
N ASP B 329 70.28 30.58 -21.58
CA ASP B 329 70.57 29.44 -22.44
C ASP B 329 69.73 28.22 -22.03
N GLU B 330 68.44 28.32 -22.32
CA GLU B 330 67.46 27.29 -21.96
C GLU B 330 68.03 25.88 -22.09
N LYS B 331 68.82 25.63 -23.14
CA LYS B 331 69.50 24.36 -23.25
C LYS B 331 70.32 24.08 -21.99
N THR B 332 70.98 25.11 -21.46
CA THR B 332 71.71 24.94 -20.21
C THR B 332 70.77 24.60 -19.07
N LEU B 333 69.60 25.24 -19.01
CA LEU B 333 68.64 24.92 -17.96
C LEU B 333 68.22 23.46 -18.03
N ALA B 334 67.93 22.97 -19.23
CA ALA B 334 67.50 21.59 -19.38
C ALA B 334 68.61 20.62 -19.03
N ASP B 335 69.84 20.90 -19.49
CA ASP B 335 70.96 20.05 -19.13
C ASP B 335 71.17 20.02 -17.62
N ALA B 336 71.08 21.18 -16.97
CA ALA B 336 71.26 21.25 -15.53
C ALA B 336 70.18 20.46 -14.82
N ALA B 337 68.92 20.65 -15.21
CA ALA B 337 67.84 19.90 -14.57
C ALA B 337 68.02 18.40 -14.75
N GLN B 338 68.40 17.97 -15.96
CA GLN B 338 68.59 16.55 -16.20
C GLN B 338 69.69 15.98 -15.32
N LEU B 339 70.88 16.58 -15.35
CA LEU B 339 71.98 16.05 -14.56
C LEU B 339 71.73 16.20 -13.07
N ALA B 340 70.85 17.12 -12.66
CA ALA B 340 70.61 17.34 -11.23
C ALA B 340 69.63 16.34 -10.67
N SER B 341 68.48 16.19 -11.31
CA SER B 341 67.44 15.28 -10.84
C SER B 341 67.72 13.83 -11.24
N LEU B 342 68.95 13.51 -11.63
CA LEU B 342 69.27 12.17 -12.11
C LEU B 342 69.06 11.14 -11.01
N ALA B 343 69.82 11.25 -9.92
CA ALA B 343 69.79 10.21 -8.89
C ALA B 343 68.41 10.05 -8.26
N ASP B 344 67.53 11.05 -8.36
CA ASP B 344 66.24 10.99 -7.70
C ASP B 344 65.46 9.77 -8.17
N GLU B 345 64.56 9.31 -7.31
CA GLU B 345 63.69 8.18 -7.60
C GLU B 345 62.21 8.50 -7.56
N THR B 346 61.81 9.58 -6.90
CA THR B 346 60.41 9.97 -6.91
C THR B 346 59.98 10.26 -8.35
N PRO B 347 58.70 10.06 -8.68
CA PRO B 347 58.27 10.27 -10.07
C PRO B 347 58.57 11.66 -10.60
N GLU B 348 58.66 12.68 -9.76
CA GLU B 348 58.91 14.03 -10.26
C GLU B 348 60.34 14.15 -10.80
N GLY B 349 61.32 13.58 -10.10
CA GLY B 349 62.68 13.66 -10.60
C GLY B 349 62.87 12.90 -11.89
N ARG B 350 62.39 11.66 -11.94
CA ARG B 350 62.47 10.89 -13.18
C ARG B 350 61.70 11.59 -14.29
N SER B 351 60.61 12.28 -13.96
CA SER B 351 59.87 12.99 -14.98
C SER B 351 60.65 14.17 -15.54
N ILE B 352 61.34 14.91 -14.67
CA ILE B 352 62.22 15.97 -15.17
C ILE B 352 63.27 15.39 -16.09
N VAL B 353 63.88 14.27 -15.68
CA VAL B 353 64.92 13.66 -16.49
C VAL B 353 64.36 13.26 -17.87
N ILE B 354 63.20 12.60 -17.88
CA ILE B 354 62.62 12.15 -19.13
C ILE B 354 62.28 13.33 -20.03
N LEU B 355 61.65 14.37 -19.47
CA LEU B 355 61.30 15.53 -20.27
C LEU B 355 62.54 16.15 -20.91
N ALA B 356 63.57 16.40 -20.12
CA ALA B 356 64.77 16.99 -20.68
C ALA B 356 65.40 16.08 -21.73
N LYS B 357 65.43 14.77 -21.47
CA LYS B 357 66.14 13.84 -22.35
C LYS B 357 65.40 13.62 -23.66
N GLN B 358 64.08 13.74 -23.66
CA GLN B 358 63.31 13.58 -24.89
C GLN B 358 63.02 14.91 -25.59
N ARG B 359 63.28 16.04 -24.92
CA ARG B 359 63.18 17.34 -25.55
C ARG B 359 64.54 17.87 -26.02
N PHE B 360 65.64 17.23 -25.62
CA PHE B 360 66.95 17.58 -26.13
C PHE B 360 67.81 16.33 -26.21
N ASN B 361 68.99 16.48 -26.80
CA ASN B 361 69.94 15.38 -26.94
C ASN B 361 70.98 15.50 -25.83
N LEU B 362 70.85 14.67 -24.81
CA LEU B 362 71.79 14.67 -23.69
C LEU B 362 72.03 13.27 -23.17
N ARG B 363 71.97 12.27 -24.04
CA ARG B 363 72.16 10.89 -23.63
C ARG B 363 73.56 10.67 -23.05
N GLU B 364 74.57 11.35 -23.59
CA GLU B 364 75.94 11.15 -23.15
C GLU B 364 76.11 11.35 -21.66
N ARG B 365 75.50 12.39 -21.09
CA ARG B 365 75.81 12.79 -19.72
C ARG B 365 75.22 11.89 -18.65
N ASP B 366 74.17 11.13 -18.95
CA ASP B 366 73.53 10.32 -17.93
C ASP B 366 74.34 9.06 -17.66
N VAL B 367 74.85 8.94 -16.44
CA VAL B 367 75.54 7.74 -15.97
C VAL B 367 75.67 7.84 -14.45
N GLN B 368 75.60 6.70 -13.76
CA GLN B 368 75.70 6.67 -12.31
C GLN B 368 77.05 6.15 -11.82
N SER B 369 78.02 5.95 -12.71
CA SER B 369 79.35 5.52 -12.31
C SER B 369 80.28 6.69 -12.01
N LEU B 370 79.90 7.91 -12.36
CA LEU B 370 80.77 9.06 -12.18
C LEU B 370 80.91 9.44 -10.70
N HIS B 371 81.98 10.20 -10.41
CA HIS B 371 82.38 10.53 -9.04
C HIS B 371 81.51 11.58 -8.34
N ALA B 372 80.58 12.21 -9.05
CA ALA B 372 79.78 13.27 -8.45
C ALA B 372 79.06 12.78 -7.18
N THR B 373 78.53 13.72 -6.43
CA THR B 373 77.95 13.47 -5.11
C THR B 373 76.59 14.14 -5.02
N PHE B 374 75.58 13.35 -4.64
CA PHE B 374 74.19 13.79 -4.66
C PHE B 374 73.78 14.28 -3.27
N VAL B 375 73.32 15.52 -3.20
CA VAL B 375 72.85 16.12 -1.95
C VAL B 375 71.34 15.91 -1.87
N PRO B 376 70.85 15.06 -0.98
CA PRO B 376 69.41 14.80 -0.93
C PRO B 376 68.68 15.88 -0.15
N PHE B 377 67.35 15.76 -0.12
CA PHE B 377 66.51 16.74 0.57
C PHE B 377 66.84 16.75 2.05
N THR B 378 67.44 17.84 2.54
CA THR B 378 67.90 17.90 3.91
C THR B 378 66.86 18.42 4.88
N ALA B 379 65.81 19.08 4.39
CA ALA B 379 64.76 19.63 5.25
C ALA B 379 65.29 20.74 6.14
N GLN B 380 66.56 21.12 5.99
CA GLN B 380 67.15 22.23 6.70
C GLN B 380 67.55 23.36 5.77
N SER B 381 67.84 23.03 4.51
CA SER B 381 67.98 24.01 3.44
C SER B 381 66.89 23.90 2.41
N ARG B 382 66.22 22.74 2.32
CA ARG B 382 65.07 22.54 1.44
C ARG B 382 65.47 22.64 -0.04
N MET B 383 66.47 21.87 -0.43
CA MET B 383 66.84 21.80 -1.84
C MET B 383 67.77 20.62 -2.08
N SER B 384 67.44 19.79 -3.05
CA SER B 384 68.27 18.66 -3.44
C SER B 384 69.14 19.06 -4.64
N GLY B 385 69.92 18.12 -5.13
CA GLY B 385 70.71 18.37 -6.30
C GLY B 385 71.93 17.46 -6.34
N ILE B 386 72.96 17.94 -7.03
CA ILE B 386 74.17 17.17 -7.29
C ILE B 386 75.36 18.10 -7.22
N ASN B 387 76.52 17.52 -6.95
CA ASN B 387 77.80 18.23 -7.01
C ASN B 387 78.74 17.44 -7.90
N ILE B 388 79.12 18.04 -9.03
CA ILE B 388 79.98 17.39 -10.01
C ILE B 388 81.29 18.17 -9.98
N ASP B 389 82.30 17.69 -10.70
CA ASP B 389 83.62 18.30 -10.68
C ASP B 389 83.54 19.79 -10.93
N ASN B 390 83.91 20.58 -9.92
CA ASN B 390 83.84 22.04 -10.00
C ASN B 390 82.46 22.50 -10.43
N ARG B 391 81.44 21.81 -9.93
CA ARG B 391 80.06 22.11 -10.26
C ARG B 391 79.19 21.94 -9.02
N MET B 392 78.07 22.66 -9.00
CA MET B 392 77.16 22.61 -7.86
C MET B 392 75.77 23.01 -8.37
N ILE B 393 74.91 22.03 -8.61
CA ILE B 393 73.55 22.24 -9.10
C ILE B 393 72.58 21.96 -7.96
N ARG B 394 71.58 22.82 -7.82
CA ARG B 394 70.61 22.69 -6.75
C ARG B 394 69.20 22.93 -7.30
N LYS B 395 68.32 21.96 -7.09
CA LYS B 395 66.91 22.08 -7.43
C LYS B 395 66.12 22.29 -6.15
N GLY B 396 65.24 23.28 -6.14
CA GLY B 396 64.47 23.54 -4.94
C GLY B 396 63.38 24.54 -5.20
N SER B 397 62.55 24.75 -4.19
CA SER B 397 61.45 25.69 -4.31
C SER B 397 62.00 27.12 -4.39
N VAL B 398 61.08 28.09 -4.48
CA VAL B 398 61.49 29.47 -4.73
C VAL B 398 62.15 30.07 -3.50
N ASP B 399 61.57 29.84 -2.31
CA ASP B 399 62.04 30.53 -1.12
C ASP B 399 63.31 29.89 -0.57
N ALA B 400 63.43 28.56 -0.69
CA ALA B 400 64.67 27.91 -0.28
C ALA B 400 65.84 28.41 -1.10
N ILE B 401 65.65 28.49 -2.42
CA ILE B 401 66.70 29.00 -3.27
C ILE B 401 66.95 30.47 -2.98
N ARG B 402 65.90 31.22 -2.64
CA ARG B 402 66.10 32.62 -2.27
C ARG B 402 67.04 32.74 -1.07
N ARG B 403 66.77 31.94 -0.03
CA ARG B 403 67.66 31.98 1.13
C ARG B 403 69.08 31.58 0.74
N HIS B 404 69.23 30.48 0.01
CA HIS B 404 70.57 30.01 -0.34
C HIS B 404 71.33 31.09 -1.11
N VAL B 405 70.71 31.66 -2.14
CA VAL B 405 71.37 32.66 -2.96
C VAL B 405 71.69 33.91 -2.14
N GLU B 406 70.76 34.35 -1.29
CA GLU B 406 71.01 35.54 -0.49
C GLU B 406 72.16 35.31 0.48
N ALA B 407 72.25 34.13 1.06
CA ALA B 407 73.32 33.84 2.01
C ALA B 407 74.68 33.94 1.35
N ASN B 408 74.79 33.45 0.11
CA ASN B 408 76.05 33.52 -0.61
C ASN B 408 76.43 34.95 -0.95
N GLY B 409 75.44 35.78 -1.29
CA GLY B 409 75.68 37.16 -1.63
C GLY B 409 75.08 37.59 -2.95
N GLY B 410 75.26 36.76 -3.98
CA GLY B 410 74.60 36.96 -5.27
C GLY B 410 73.20 37.49 -5.14
N HIS B 411 72.94 38.67 -5.72
CA HIS B 411 71.63 39.29 -5.60
C HIS B 411 70.60 38.49 -6.39
N PHE B 412 69.50 38.16 -5.72
CA PHE B 412 68.43 37.41 -6.38
C PHE B 412 67.81 38.26 -7.48
N PRO B 413 67.55 37.71 -8.66
CA PRO B 413 66.96 38.52 -9.73
C PRO B 413 65.57 39.03 -9.41
N THR B 414 64.92 39.65 -10.39
CA THR B 414 63.52 40.03 -10.31
C THR B 414 62.65 39.32 -11.33
N ASP B 415 63.23 38.84 -12.44
CA ASP B 415 62.44 38.16 -13.45
C ASP B 415 61.83 36.87 -12.91
N VAL B 416 62.59 36.16 -12.07
CA VAL B 416 62.11 34.90 -11.52
C VAL B 416 60.89 35.13 -10.64
N ASP B 417 60.83 36.25 -9.94
CA ASP B 417 59.67 36.51 -9.08
C ASP B 417 58.38 36.47 -9.89
N GLN B 418 58.29 37.32 -10.91
CA GLN B 418 57.11 37.31 -11.76
C GLN B 418 56.95 35.97 -12.47
N LYS B 419 58.06 35.36 -12.88
CA LYS B 419 57.95 34.10 -13.61
C LYS B 419 57.29 33.02 -12.75
N VAL B 420 57.75 32.87 -11.50
CA VAL B 420 57.21 31.83 -10.65
C VAL B 420 55.77 32.18 -10.29
N ASP B 421 55.50 33.47 -10.08
CA ASP B 421 54.13 33.89 -9.87
C ASP B 421 53.25 33.36 -11.00
N GLN B 422 53.64 33.66 -12.24
CA GLN B 422 52.86 33.24 -13.41
C GLN B 422 52.69 31.73 -13.43
N VAL B 423 53.76 30.98 -13.15
CA VAL B 423 53.67 29.53 -13.17
C VAL B 423 52.67 29.06 -12.12
N ALA B 424 52.68 29.70 -10.95
CA ALA B 424 51.75 29.30 -9.88
C ALA B 424 50.32 29.59 -10.29
N ARG B 425 50.09 30.74 -10.93
CA ARG B 425 48.74 31.09 -11.37
C ARG B 425 48.26 30.13 -12.46
N GLN B 426 49.20 29.60 -13.24
CA GLN B 426 48.83 28.63 -14.27
C GLN B 426 48.23 27.38 -13.66
N GLY B 427 48.70 27.00 -12.46
CA GLY B 427 48.21 25.83 -11.75
C GLY B 427 49.23 24.72 -11.72
N ALA B 428 50.47 25.08 -11.38
CA ALA B 428 51.59 24.15 -11.34
C ALA B 428 52.34 24.34 -10.04
N THR B 429 53.47 23.64 -9.88
CA THR B 429 54.28 23.70 -8.67
C THR B 429 55.69 24.06 -9.07
N PRO B 430 56.00 25.35 -9.18
CA PRO B 430 57.28 25.76 -9.78
C PRO B 430 58.48 25.33 -8.95
N LEU B 431 59.57 25.05 -9.65
CA LEU B 431 60.87 24.79 -9.05
C LEU B 431 61.85 25.85 -9.54
N VAL B 432 63.11 25.69 -9.17
CA VAL B 432 64.18 26.56 -9.63
C VAL B 432 65.46 25.75 -9.68
N VAL B 433 66.28 25.98 -10.71
CA VAL B 433 67.58 25.34 -10.83
C VAL B 433 68.65 26.42 -10.69
N VAL B 434 69.73 26.09 -9.98
CA VAL B 434 70.80 27.04 -9.71
C VAL B 434 72.14 26.31 -9.79
N GLU B 435 73.05 26.83 -10.61
CA GLU B 435 74.40 26.28 -10.71
C GLU B 435 75.36 27.11 -9.86
N GLY B 436 75.14 27.03 -8.55
CA GLY B 436 75.89 27.82 -7.59
C GLY B 436 75.32 29.21 -7.41
N SER B 437 74.96 29.85 -8.52
CA SER B 437 74.32 31.16 -8.49
C SER B 437 73.71 31.39 -9.88
N ARG B 438 73.14 32.58 -10.07
CA ARG B 438 72.55 32.95 -11.35
C ARG B 438 71.45 31.95 -11.74
N VAL B 439 70.38 31.99 -10.96
CA VAL B 439 69.27 31.05 -11.09
C VAL B 439 68.94 30.83 -12.56
N LEU B 440 68.90 29.57 -12.97
CA LEU B 440 68.81 29.21 -14.39
C LEU B 440 67.38 29.05 -14.89
N GLY B 441 66.37 29.30 -14.06
CA GLY B 441 65.01 29.35 -14.53
C GLY B 441 64.08 28.49 -13.69
N VAL B 442 62.82 28.47 -14.11
CA VAL B 442 61.76 27.75 -13.43
C VAL B 442 61.41 26.50 -14.22
N ILE B 443 60.91 25.49 -13.53
CA ILE B 443 60.51 24.22 -14.15
C ILE B 443 59.14 23.88 -13.59
N ALA B 444 58.09 24.30 -14.29
CA ALA B 444 56.73 24.06 -13.79
C ALA B 444 56.47 22.56 -13.67
N LEU B 445 55.76 22.18 -12.62
CA LEU B 445 55.37 20.80 -12.38
C LEU B 445 53.85 20.77 -12.29
N LYS B 446 53.19 20.65 -13.44
CA LYS B 446 51.74 20.56 -13.51
C LYS B 446 51.32 19.10 -13.65
N ASP B 447 50.16 18.78 -13.08
CA ASP B 447 49.66 17.41 -13.13
C ASP B 447 48.73 17.23 -14.32
N ILE B 448 48.85 16.08 -14.98
CA ILE B 448 48.24 15.86 -16.28
C ILE B 448 46.99 15.02 -16.12
N VAL B 449 45.90 15.44 -16.77
CA VAL B 449 44.67 14.66 -16.76
C VAL B 449 44.93 13.32 -17.42
N LYS B 450 44.15 12.31 -17.05
CA LYS B 450 44.48 10.95 -17.40
C LYS B 450 44.43 10.73 -18.91
N GLY B 451 43.31 11.09 -19.54
CA GLY B 451 43.14 10.80 -20.95
C GLY B 451 41.91 11.40 -21.58
N GLY B 452 41.20 10.61 -22.37
CA GLY B 452 40.02 11.07 -23.06
C GLY B 452 38.83 11.28 -22.15
N ILE B 453 38.93 12.24 -21.24
CA ILE B 453 37.94 12.38 -20.17
C ILE B 453 36.87 13.41 -20.53
N LYS B 454 37.24 14.45 -21.28
CA LYS B 454 36.24 15.48 -21.58
C LYS B 454 35.05 14.87 -22.31
N GLU B 455 35.31 13.96 -23.24
CA GLU B 455 34.25 13.30 -23.99
C GLU B 455 33.33 12.56 -23.04
N ARG B 456 33.92 11.73 -22.19
CA ARG B 456 33.13 10.87 -21.32
C ARG B 456 32.32 11.70 -20.34
N PHE B 457 32.88 12.80 -19.83
CA PHE B 457 32.09 13.62 -18.93
C PHE B 457 30.97 14.31 -19.68
N ALA B 458 31.17 14.61 -20.97
CA ALA B 458 30.06 15.15 -21.74
C ALA B 458 28.95 14.12 -21.86
N GLN B 459 29.33 12.85 -22.05
CA GLN B 459 28.34 11.78 -22.08
C GLN B 459 27.61 11.69 -20.74
N LEU B 460 28.34 11.89 -19.65
CA LEU B 460 27.73 11.80 -18.32
C LEU B 460 26.79 12.96 -18.08
N ARG B 461 27.07 14.11 -18.69
CA ARG B 461 26.18 15.26 -18.56
C ARG B 461 24.95 15.06 -19.42
N LYS B 462 25.09 14.35 -20.54
CA LYS B 462 23.95 14.06 -21.39
C LYS B 462 23.03 13.03 -20.76
N MET B 463 23.60 12.02 -20.10
CA MET B 463 22.78 11.01 -19.44
C MET B 463 21.95 11.61 -18.31
N GLY B 464 22.33 12.76 -17.80
CA GLY B 464 21.60 13.41 -16.72
C GLY B 464 22.20 13.16 -15.36
N ILE B 465 23.52 13.13 -15.27
CA ILE B 465 24.25 12.92 -14.02
C ILE B 465 25.12 14.14 -13.78
N LYS B 466 24.81 14.89 -12.74
CA LYS B 466 25.66 16.00 -12.33
C LYS B 466 27.04 15.47 -11.97
N THR B 467 28.05 16.33 -12.11
CA THR B 467 29.45 15.91 -11.95
C THR B 467 30.19 16.91 -11.06
N VAL B 468 30.17 16.67 -9.76
CA VAL B 468 31.04 17.41 -8.86
C VAL B 468 32.44 16.82 -8.92
N MET B 469 33.43 17.59 -8.47
CA MET B 469 34.83 17.13 -8.43
C MET B 469 35.44 17.60 -7.11
N ILE B 470 35.30 16.78 -6.08
CA ILE B 470 35.87 17.16 -4.79
C ILE B 470 37.38 17.03 -4.86
N THR B 471 38.06 17.68 -3.93
CA THR B 471 39.51 17.72 -3.97
C THR B 471 40.06 17.93 -2.56
N GLY B 472 41.36 17.72 -2.42
CA GLY B 472 42.05 18.05 -1.19
C GLY B 472 43.24 18.94 -1.48
N ASP B 473 43.26 19.55 -2.66
CA ASP B 473 44.36 20.37 -3.13
C ASP B 473 43.88 21.80 -3.36
N ASN B 474 44.83 22.72 -3.46
CA ASN B 474 44.52 24.15 -3.45
C ASN B 474 43.53 24.49 -4.57
N ARG B 475 42.99 25.71 -4.51
CA ARG B 475 41.96 26.11 -5.46
C ARG B 475 42.51 26.36 -6.85
N LEU B 476 43.63 27.06 -6.97
CA LEU B 476 44.23 27.27 -8.29
C LEU B 476 44.25 25.98 -9.13
N THR B 477 44.69 24.88 -8.51
CA THR B 477 44.80 23.62 -9.23
C THR B 477 43.44 22.97 -9.45
N ALA B 478 42.57 22.97 -8.44
CA ALA B 478 41.26 22.36 -8.65
C ALA B 478 40.50 23.10 -9.74
N ALA B 479 40.71 24.41 -9.85
CA ALA B 479 40.03 25.19 -10.88
C ALA B 479 40.59 24.86 -12.25
N ALA B 480 41.92 24.87 -12.39
CA ALA B 480 42.50 24.58 -13.70
C ALA B 480 42.10 23.18 -14.18
N ILE B 481 42.18 22.18 -13.28
CA ILE B 481 41.85 20.83 -13.66
C ILE B 481 40.35 20.68 -13.91
N ALA B 482 39.50 21.39 -13.16
CA ALA B 482 38.08 21.31 -13.43
C ALA B 482 37.77 21.92 -14.78
N ALA B 483 38.56 22.89 -15.22
CA ALA B 483 38.36 23.48 -16.53
C ALA B 483 38.75 22.50 -17.62
N GLU B 484 39.99 22.00 -17.56
CA GLU B 484 40.48 21.09 -18.60
C GLU B 484 39.66 19.81 -18.68
N ALA B 485 39.34 19.20 -17.52
CA ALA B 485 38.55 17.98 -17.52
C ALA B 485 37.13 18.20 -18.01
N GLY B 486 36.49 19.29 -17.61
CA GLY B 486 35.16 19.61 -18.04
C GLY B 486 34.05 19.22 -17.09
N VAL B 487 34.30 19.24 -15.77
CA VAL B 487 33.32 18.92 -14.75
C VAL B 487 32.46 20.16 -14.48
N ASP B 488 31.39 19.98 -13.70
CA ASP B 488 30.53 21.11 -13.36
C ASP B 488 31.13 21.94 -12.22
N ASP B 489 31.30 21.34 -11.06
CA ASP B 489 31.71 22.05 -9.85
C ASP B 489 33.08 21.55 -9.39
N PHE B 490 33.49 22.02 -8.22
CA PHE B 490 34.69 21.54 -7.54
C PHE B 490 34.71 22.13 -6.15
N LEU B 491 35.40 21.45 -5.24
CA LEU B 491 35.54 21.91 -3.85
C LEU B 491 36.99 21.67 -3.42
N ALA B 492 37.83 22.67 -3.61
CA ALA B 492 39.21 22.54 -3.21
C ALA B 492 39.35 22.57 -1.69
N GLU B 493 40.39 21.90 -1.20
CA GLU B 493 40.71 21.87 0.23
C GLU B 493 39.56 21.30 1.05
N ALA B 494 39.29 20.02 0.83
CA ALA B 494 38.22 19.31 1.52
C ALA B 494 38.81 18.14 2.28
N THR B 495 38.87 18.25 3.61
CA THR B 495 39.30 17.15 4.46
C THR B 495 38.28 16.02 4.35
N PRO B 496 38.58 14.82 4.87
CA PRO B 496 37.62 13.72 4.73
C PRO B 496 36.23 14.02 5.28
N GLU B 497 36.14 14.65 6.45
CA GLU B 497 34.82 14.96 7.00
C GLU B 497 34.05 15.89 6.09
N ALA B 498 34.73 16.76 5.34
CA ALA B 498 34.04 17.62 4.39
C ALA B 498 33.42 16.82 3.27
N LYS B 499 34.17 15.88 2.68
CA LYS B 499 33.62 15.01 1.66
C LYS B 499 32.42 14.23 2.18
N LEU B 500 32.52 13.71 3.40
CA LEU B 500 31.43 12.93 3.96
C LEU B 500 30.19 13.79 4.20
N ALA B 501 30.38 15.01 4.71
CA ALA B 501 29.25 15.90 4.90
C ALA B 501 28.61 16.28 3.58
N LEU B 502 29.43 16.46 2.54
CA LEU B 502 28.88 16.75 1.22
C LEU B 502 28.02 15.59 0.71
N ILE B 503 28.49 14.36 0.90
CA ILE B 503 27.71 13.21 0.48
C ILE B 503 26.39 13.16 1.23
N ARG B 504 26.45 13.36 2.55
CA ARG B 504 25.22 13.29 3.34
C ARG B 504 24.26 14.39 2.94
N GLN B 505 24.77 15.58 2.62
CA GLN B 505 23.95 16.64 2.10
C GLN B 505 23.25 16.22 0.81
N TYR B 506 24.04 15.75 -0.16
CA TYR B 506 23.47 15.43 -1.47
C TYR B 506 22.45 14.31 -1.38
N GLN B 507 22.70 13.31 -0.55
CA GLN B 507 21.80 12.17 -0.47
C GLN B 507 20.75 12.33 0.62
N ALA B 508 20.69 13.48 1.30
CA ALA B 508 19.56 13.77 2.16
C ALA B 508 18.39 14.36 1.38
N GLU B 509 18.64 14.87 0.18
CA GLU B 509 17.59 15.38 -0.69
C GLU B 509 16.77 14.28 -1.34
N GLY B 510 17.09 13.00 -1.07
CA GLY B 510 16.44 11.88 -1.68
C GLY B 510 17.23 11.22 -2.79
N ARG B 511 18.00 12.00 -3.54
CA ARG B 511 18.73 11.47 -4.68
C ARG B 511 19.87 10.57 -4.21
N LEU B 512 20.33 9.73 -5.13
CA LEU B 512 21.45 8.82 -4.88
C LEU B 512 22.76 9.46 -5.33
N VAL B 513 23.85 9.08 -4.68
CA VAL B 513 25.17 9.60 -4.96
C VAL B 513 26.08 8.45 -5.35
N ALA B 514 27.04 8.74 -6.24
CA ALA B 514 27.99 7.74 -6.72
C ALA B 514 29.41 8.29 -6.68
N MET B 515 30.07 8.22 -5.53
CA MET B 515 31.42 8.73 -5.43
C MET B 515 32.44 7.76 -6.00
N THR B 516 33.42 8.29 -6.73
CA THR B 516 34.53 7.50 -7.27
C THR B 516 35.86 8.11 -6.85
N GLY B 517 36.54 7.46 -5.90
CA GLY B 517 37.79 7.95 -5.35
C GLY B 517 38.81 6.84 -5.31
N ASP B 518 40.02 7.18 -4.87
CA ASP B 518 41.05 6.16 -4.70
C ASP B 518 41.85 6.23 -3.42
N GLY B 519 41.92 7.37 -2.73
CA GLY B 519 42.89 7.55 -1.69
C GLY B 519 42.39 7.09 -0.34
N THR B 520 43.13 7.43 0.71
CA THR B 520 42.74 7.10 2.07
C THR B 520 41.89 8.18 2.70
N ASN B 521 41.85 9.38 2.14
CA ASN B 521 40.94 10.42 2.60
C ASN B 521 39.54 10.27 2.03
N ASP B 522 39.35 9.39 1.05
CA ASP B 522 38.05 9.11 0.47
C ASP B 522 37.32 7.99 1.18
N ALA B 523 37.97 7.25 2.08
CA ALA B 523 37.32 6.10 2.68
C ALA B 523 36.05 6.43 3.47
N PRO B 524 36.02 7.43 4.36
CA PRO B 524 34.73 7.91 4.89
C PRO B 524 33.63 8.05 3.83
N ALA B 525 33.93 8.90 2.84
CA ALA B 525 32.94 9.24 1.83
C ALA B 525 32.56 8.02 1.01
N LEU B 526 33.54 7.20 0.65
CA LEU B 526 33.25 6.01 -0.13
C LEU B 526 32.42 5.04 0.67
N ALA B 527 32.62 5.00 1.99
CA ALA B 527 31.87 4.15 2.88
C ALA B 527 30.43 4.62 3.05
N GLN B 528 30.14 5.88 2.76
CA GLN B 528 28.77 6.37 2.86
C GLN B 528 28.02 6.45 1.54
N ALA B 529 28.72 6.52 0.41
CA ALA B 529 28.04 6.65 -0.88
C ALA B 529 27.31 5.36 -1.24
N ASP B 530 26.43 5.47 -2.24
CA ASP B 530 25.66 4.32 -2.69
C ASP B 530 26.45 3.47 -3.67
N VAL B 531 27.02 4.09 -4.69
CA VAL B 531 27.91 3.43 -5.64
C VAL B 531 29.30 4.00 -5.38
N ALA B 532 30.16 3.23 -4.74
CA ALA B 532 31.47 3.69 -4.32
C ALA B 532 32.52 2.95 -5.13
N VAL B 533 32.94 3.52 -6.25
CA VAL B 533 33.93 2.90 -7.13
C VAL B 533 35.31 3.34 -6.67
N ALA B 534 36.15 2.37 -6.33
CA ALA B 534 37.52 2.64 -5.88
C ALA B 534 38.50 2.19 -6.95
N MET B 535 39.40 3.08 -7.34
CA MET B 535 40.36 2.76 -8.37
C MET B 535 41.25 1.61 -7.91
N ASN B 536 41.64 0.75 -8.87
CA ASN B 536 42.51 -0.36 -8.54
C ASN B 536 43.87 0.10 -8.08
N SER B 537 44.29 1.32 -8.45
CA SER B 537 45.55 1.88 -8.00
C SER B 537 45.44 2.49 -6.61
N GLY B 538 44.23 2.66 -6.08
CA GLY B 538 44.05 3.30 -4.81
C GLY B 538 44.64 2.49 -3.67
N THR B 539 44.65 3.12 -2.50
CA THR B 539 45.15 2.43 -1.33
C THR B 539 44.21 1.30 -0.93
N GLN B 540 44.70 0.46 -0.02
CA GLN B 540 43.89 -0.64 0.46
C GLN B 540 42.73 -0.14 1.31
N ALA B 541 42.92 0.99 1.99
CA ALA B 541 41.82 1.57 2.75
C ALA B 541 40.69 1.98 1.83
N ALA B 542 41.02 2.57 0.68
CA ALA B 542 39.99 2.94 -0.28
C ALA B 542 39.32 1.71 -0.85
N LYS B 543 40.11 0.72 -1.25
CA LYS B 543 39.52 -0.46 -1.88
C LYS B 543 38.65 -1.25 -0.91
N GLU B 544 38.92 -1.17 0.39
CA GLU B 544 38.09 -1.88 1.35
C GLU B 544 36.82 -1.12 1.69
N ALA B 545 36.86 0.21 1.68
CA ALA B 545 35.68 0.99 2.03
C ALA B 545 34.65 0.98 0.91
N GLY B 546 35.07 1.07 -0.34
CA GLY B 546 34.16 1.07 -1.45
C GLY B 546 33.36 -0.21 -1.57
N ASN B 547 32.55 -0.35 -2.61
CA ASN B 547 31.82 -1.59 -2.86
C ASN B 547 31.95 -2.05 -4.30
N MET B 548 32.90 -1.49 -5.06
CA MET B 548 33.27 -2.07 -6.34
C MET B 548 34.60 -1.49 -6.81
N VAL B 549 35.55 -2.34 -7.11
CA VAL B 549 36.87 -1.93 -7.57
C VAL B 549 36.83 -1.83 -9.09
N ASP B 550 37.52 -0.85 -9.63
CA ASP B 550 37.54 -0.59 -11.06
C ASP B 550 38.91 -1.00 -11.60
N LEU B 551 38.99 -2.20 -12.14
CA LEU B 551 40.29 -2.74 -12.55
C LEU B 551 40.91 -1.97 -13.69
N ASP B 552 40.13 -1.22 -14.45
CA ASP B 552 40.69 -0.32 -15.45
C ASP B 552 41.26 0.94 -14.83
N SER B 553 40.84 1.28 -13.62
CA SER B 553 41.25 2.50 -12.93
C SER B 553 41.03 3.71 -13.84
N ASN B 554 39.78 3.94 -14.20
CA ASN B 554 39.39 5.06 -15.04
C ASN B 554 38.17 5.73 -14.42
N PRO B 555 38.23 7.03 -14.12
CA PRO B 555 37.05 7.71 -13.53
C PRO B 555 35.76 7.43 -14.27
N THR B 556 35.84 7.39 -15.59
CA THR B 556 34.69 7.26 -16.48
C THR B 556 34.35 5.81 -16.77
N LYS B 557 34.44 4.96 -15.76
CA LYS B 557 33.87 3.62 -15.80
C LYS B 557 32.41 3.63 -15.37
N LEU B 558 31.93 4.77 -14.88
CA LEU B 558 30.55 4.86 -14.46
C LEU B 558 29.62 4.82 -15.66
N ILE B 559 30.12 5.16 -16.85
CA ILE B 559 29.26 5.19 -18.01
C ILE B 559 28.89 3.78 -18.46
N GLU B 560 29.71 2.79 -18.10
CA GLU B 560 29.37 1.38 -18.31
C GLU B 560 28.66 0.79 -17.10
N VAL B 561 28.97 1.29 -15.91
CA VAL B 561 28.27 0.81 -14.72
C VAL B 561 26.80 1.19 -14.78
N VAL B 562 26.48 2.41 -15.21
CA VAL B 562 25.09 2.82 -15.26
C VAL B 562 24.35 2.13 -16.38
N HIS B 563 25.05 1.59 -17.37
CA HIS B 563 24.39 0.82 -18.41
C HIS B 563 23.98 -0.53 -17.86
N ILE B 564 24.93 -1.22 -17.23
CA ILE B 564 24.60 -2.51 -16.64
C ILE B 564 23.55 -2.34 -15.55
N GLY B 565 23.50 -1.19 -14.90
CA GLY B 565 22.48 -0.98 -13.88
C GLY B 565 21.11 -0.81 -14.49
N LYS B 566 21.02 -0.11 -15.61
CA LYS B 566 19.72 0.04 -16.26
C LYS B 566 19.22 -1.31 -16.75
N GLN B 567 20.12 -2.14 -17.27
CA GLN B 567 19.73 -3.47 -17.71
C GLN B 567 19.30 -4.35 -16.54
N MET B 568 19.95 -4.21 -15.38
CA MET B 568 19.50 -5.00 -14.24
C MET B 568 18.21 -4.47 -13.67
N LEU B 569 17.81 -3.24 -14.02
CA LEU B 569 16.49 -2.81 -13.59
C LEU B 569 15.42 -3.40 -14.50
N MET B 570 15.73 -3.53 -15.80
CA MET B 570 14.76 -4.17 -16.68
C MET B 570 14.55 -5.63 -16.25
N THR B 571 15.65 -6.32 -15.97
CA THR B 571 15.56 -7.71 -15.53
C THR B 571 14.78 -7.82 -14.23
N ARG B 572 15.10 -6.97 -13.24
CA ARG B 572 14.38 -7.02 -11.98
C ARG B 572 12.89 -6.77 -12.17
N GLY B 573 12.51 -5.98 -13.16
CA GLY B 573 11.09 -5.76 -13.40
C GLY B 573 10.39 -6.98 -13.95
N SER B 574 10.95 -7.58 -15.00
CA SER B 574 10.30 -8.75 -15.59
C SER B 574 10.25 -9.90 -14.58
N LEU B 575 11.32 -10.11 -13.83
CA LEU B 575 11.29 -11.16 -12.82
C LEU B 575 10.31 -10.84 -11.70
N THR B 576 10.05 -9.56 -11.44
CA THR B 576 9.07 -9.26 -10.41
C THR B 576 7.68 -9.65 -10.88
N THR B 577 7.39 -9.42 -12.16
CA THR B 577 6.11 -9.86 -12.70
C THR B 577 5.97 -11.38 -12.56
N PHE B 578 7.03 -12.10 -12.92
CA PHE B 578 6.99 -13.55 -12.83
C PHE B 578 6.75 -14.02 -11.41
N SER B 579 7.43 -13.40 -10.45
CA SER B 579 7.30 -13.81 -9.05
C SER B 579 5.88 -13.59 -8.54
N ILE B 580 5.33 -12.40 -8.79
CA ILE B 580 3.98 -12.11 -8.30
C ILE B 580 2.96 -13.08 -8.89
N ALA B 581 3.07 -13.35 -10.20
CA ALA B 581 2.12 -14.28 -10.80
C ALA B 581 2.29 -15.69 -10.26
N ASN B 582 3.54 -16.09 -10.00
CA ASN B 582 3.77 -17.43 -9.45
C ASN B 582 3.16 -17.58 -8.08
N ASP B 583 3.15 -16.52 -7.29
CA ASP B 583 2.61 -16.65 -5.94
C ASP B 583 1.10 -16.67 -5.98
N VAL B 584 0.51 -15.73 -6.72
CA VAL B 584 -0.95 -15.67 -6.80
C VAL B 584 -1.49 -16.97 -7.37
N ALA B 585 -0.79 -17.62 -8.30
CA ALA B 585 -1.28 -18.88 -8.84
C ALA B 585 -1.03 -20.07 -7.93
N LYS B 586 0.06 -20.06 -7.16
CA LYS B 586 0.28 -21.18 -6.25
C LYS B 586 -0.77 -21.18 -5.16
N TYR B 587 -1.27 -20.00 -4.77
CA TYR B 587 -2.36 -19.97 -3.79
C TYR B 587 -3.56 -20.77 -4.28
N PHE B 588 -3.95 -20.58 -5.53
CA PHE B 588 -5.10 -21.31 -6.08
C PHE B 588 -4.78 -22.78 -6.25
N ALA B 589 -3.54 -23.11 -6.59
CA ALA B 589 -3.23 -24.52 -6.81
C ALA B 589 -3.14 -25.29 -5.50
N ILE B 590 -2.82 -24.62 -4.40
CA ILE B 590 -2.61 -25.30 -3.12
C ILE B 590 -3.88 -25.31 -2.27
N ILE B 591 -4.54 -24.17 -2.08
CA ILE B 591 -5.52 -24.06 -1.01
C ILE B 591 -6.75 -24.96 -1.19
N PRO B 592 -7.17 -25.36 -2.40
CA PRO B 592 -8.29 -26.29 -2.49
C PRO B 592 -8.11 -27.59 -1.73
N ALA B 593 -6.90 -27.90 -1.27
CA ALA B 593 -6.61 -29.14 -0.58
C ALA B 593 -6.69 -29.01 0.93
N ALA B 594 -7.24 -27.91 1.44
CA ALA B 594 -7.49 -27.74 2.86
C ALA B 594 -8.97 -27.86 3.19
N PHE B 595 -9.79 -28.33 2.25
CA PHE B 595 -11.22 -28.48 2.46
C PHE B 595 -11.71 -29.92 2.33
N ALA B 596 -10.86 -30.84 1.88
CA ALA B 596 -11.31 -32.21 1.68
C ALA B 596 -11.76 -32.84 2.99
N ALA B 597 -11.22 -32.38 4.12
CA ALA B 597 -11.54 -33.00 5.40
C ALA B 597 -12.85 -32.48 5.99
N THR B 598 -13.21 -31.23 5.69
CA THR B 598 -14.39 -30.63 6.31
C THR B 598 -15.67 -31.08 5.64
N TYR B 599 -15.83 -30.77 4.35
CA TYR B 599 -16.99 -31.15 3.58
C TYR B 599 -16.55 -31.98 2.40
N PRO B 600 -17.01 -33.23 2.24
CA PRO B 600 -16.63 -34.00 1.05
C PRO B 600 -17.03 -33.33 -0.25
N GLN B 601 -18.10 -32.53 -0.25
CA GLN B 601 -18.58 -31.94 -1.49
C GLN B 601 -17.51 -31.12 -2.17
N LEU B 602 -16.69 -30.43 -1.39
CA LEU B 602 -15.65 -29.55 -1.92
C LEU B 602 -14.54 -30.30 -2.65
N ASN B 603 -14.64 -31.62 -2.81
CA ASN B 603 -13.75 -32.32 -3.72
C ASN B 603 -13.91 -31.82 -5.14
N ALA B 604 -15.10 -31.31 -5.48
CA ALA B 604 -15.32 -30.74 -6.80
C ALA B 604 -14.41 -29.57 -7.09
N LEU B 605 -13.92 -28.88 -6.06
CA LEU B 605 -13.01 -27.76 -6.27
C LEU B 605 -11.58 -28.18 -6.50
N ASN B 606 -11.25 -29.46 -6.38
CA ASN B 606 -9.90 -29.96 -6.62
C ASN B 606 -9.74 -30.16 -8.11
N ILE B 607 -9.30 -29.11 -8.80
CA ILE B 607 -9.29 -29.14 -10.27
C ILE B 607 -8.14 -29.98 -10.81
N MET B 608 -6.99 -29.98 -10.15
CA MET B 608 -5.85 -30.76 -10.62
C MET B 608 -5.87 -32.19 -10.14
N CYS B 609 -6.87 -32.59 -9.37
CA CYS B 609 -7.00 -33.96 -8.88
C CYS B 609 -5.75 -34.41 -8.13
N LEU B 610 -5.20 -33.51 -7.32
CA LEU B 610 -4.08 -33.88 -6.47
C LEU B 610 -4.51 -35.00 -5.52
N HIS B 611 -3.53 -35.79 -5.10
CA HIS B 611 -3.85 -37.04 -4.39
C HIS B 611 -4.59 -36.76 -3.08
N SER B 612 -3.96 -36.05 -2.17
CA SER B 612 -4.53 -35.82 -0.84
C SER B 612 -3.95 -34.52 -0.29
N PRO B 613 -4.51 -34.01 0.81
CA PRO B 613 -3.94 -32.78 1.39
C PRO B 613 -2.47 -32.91 1.76
N ASP B 614 -2.08 -34.05 2.33
CA ASP B 614 -0.69 -34.25 2.72
C ASP B 614 0.23 -34.17 1.50
N SER B 615 -0.11 -34.90 0.44
CA SER B 615 0.71 -34.88 -0.76
C SER B 615 0.74 -33.51 -1.39
N ALA B 616 -0.40 -32.80 -1.39
CA ALA B 616 -0.43 -31.47 -1.95
C ALA B 616 0.51 -30.53 -1.21
N ILE B 617 0.53 -30.61 0.12
CA ILE B 617 1.35 -29.69 0.90
C ILE B 617 2.83 -30.04 0.75
N LEU B 618 3.15 -31.34 0.68
CA LEU B 618 4.54 -31.72 0.46
C LEU B 618 5.02 -31.29 -0.92
N SER B 619 4.18 -31.47 -1.94
CA SER B 619 4.50 -30.95 -3.26
C SER B 619 4.74 -29.45 -3.20
N ALA B 620 3.94 -28.72 -2.41
CA ALA B 620 4.11 -27.27 -2.37
C ALA B 620 5.44 -26.87 -1.76
N VAL B 621 5.86 -27.52 -0.68
CA VAL B 621 7.16 -27.15 -0.10
C VAL B 621 8.29 -27.49 -1.08
N ILE B 622 8.22 -28.66 -1.71
CA ILE B 622 9.27 -29.03 -2.66
C ILE B 622 9.33 -28.00 -3.78
N PHE B 623 8.17 -27.54 -4.25
CA PHE B 623 8.13 -26.61 -5.37
C PHE B 623 8.67 -25.25 -4.96
N ASN B 624 8.40 -24.84 -3.72
CA ASN B 624 8.91 -23.57 -3.21
C ASN B 624 10.43 -23.59 -3.26
N ALA B 625 11.02 -24.67 -2.74
CA ALA B 625 12.48 -24.81 -2.74
C ALA B 625 13.04 -24.78 -4.15
N LEU B 626 12.49 -25.60 -5.04
CA LEU B 626 13.03 -25.66 -6.39
C LEU B 626 12.90 -24.33 -7.11
N ILE B 627 11.83 -23.57 -6.85
CA ILE B 627 11.69 -22.30 -7.55
C ILE B 627 12.70 -21.28 -7.06
N ILE B 628 12.94 -21.18 -5.76
CA ILE B 628 13.97 -20.23 -5.35
C ILE B 628 15.31 -20.62 -5.95
N VAL B 629 15.63 -21.92 -5.95
CA VAL B 629 16.93 -22.34 -6.49
C VAL B 629 17.03 -22.01 -7.98
N PHE B 630 15.94 -22.17 -8.73
CA PHE B 630 15.98 -21.92 -10.18
C PHE B 630 15.83 -20.44 -10.55
N LEU B 631 15.45 -19.58 -9.62
CA LEU B 631 15.30 -18.17 -9.95
C LEU B 631 16.61 -17.56 -10.40
N ILE B 632 17.74 -17.97 -9.81
CA ILE B 632 19.03 -17.40 -10.20
C ILE B 632 19.40 -17.72 -11.64
N PRO B 633 19.26 -18.96 -12.13
CA PRO B 633 19.48 -19.20 -13.56
C PRO B 633 18.56 -18.41 -14.46
N LEU B 634 17.47 -17.87 -13.93
CA LEU B 634 16.59 -17.03 -14.74
C LEU B 634 17.17 -15.63 -14.87
N ALA B 635 17.64 -15.08 -13.75
CA ALA B 635 18.26 -13.76 -13.80
C ALA B 635 19.50 -13.76 -14.68
N LEU B 636 20.35 -14.78 -14.54
CA LEU B 636 21.56 -14.84 -15.34
C LEU B 636 21.24 -14.71 -16.82
N LYS B 637 20.19 -15.39 -17.28
CA LYS B 637 19.87 -15.39 -18.70
C LYS B 637 19.53 -13.99 -19.20
N GLY B 638 18.76 -13.23 -18.42
CA GLY B 638 18.41 -11.87 -18.78
C GLY B 638 17.20 -11.79 -19.68
N VAL B 639 16.95 -10.56 -20.15
CA VAL B 639 15.85 -10.26 -21.05
C VAL B 639 16.37 -9.45 -22.23
N SER B 640 15.46 -9.10 -23.14
CA SER B 640 15.78 -8.24 -24.27
C SER B 640 15.74 -6.78 -23.81
N TYR B 641 16.89 -6.11 -23.85
CA TYR B 641 17.02 -4.77 -23.29
C TYR B 641 16.71 -3.71 -24.34
N LYS B 642 15.47 -3.76 -24.87
CA LYS B 642 15.05 -2.76 -25.84
C LYS B 642 14.46 -1.54 -25.13
N PRO B 643 14.48 -0.37 -25.76
CA PRO B 643 13.80 0.80 -25.19
C PRO B 643 12.32 0.77 -25.56
N LEU B 644 11.47 0.59 -24.56
CA LEU B 644 10.04 0.47 -24.75
C LEU B 644 9.31 1.50 -23.90
N THR B 645 8.16 1.93 -24.37
CA THR B 645 7.30 2.81 -23.60
C THR B 645 6.94 2.12 -22.29
N ALA B 646 6.35 2.89 -21.37
CA ALA B 646 5.87 2.29 -20.13
C ALA B 646 4.81 1.24 -20.40
N SER B 647 3.81 1.58 -21.22
CA SER B 647 2.71 0.66 -21.47
C SER B 647 3.16 -0.54 -22.27
N ALA B 648 3.99 -0.33 -23.29
CA ALA B 648 4.44 -1.46 -24.11
C ALA B 648 5.27 -2.43 -23.29
N MET B 649 6.15 -1.92 -22.44
CA MET B 649 6.94 -2.80 -21.59
C MET B 649 6.06 -3.53 -20.60
N LEU B 650 5.09 -2.84 -19.99
CA LEU B 650 4.20 -3.52 -19.06
C LEU B 650 3.43 -4.64 -19.75
N ARG B 651 2.94 -4.39 -20.96
CA ARG B 651 2.16 -5.39 -21.65
C ARG B 651 3.03 -6.57 -22.07
N ARG B 652 4.27 -6.32 -22.48
CA ARG B 652 5.16 -7.42 -22.83
C ARG B 652 5.49 -8.27 -21.60
N ASN B 653 5.83 -7.62 -20.49
CA ASN B 653 6.07 -8.37 -19.26
C ASN B 653 4.87 -9.22 -18.91
N LEU B 654 3.68 -8.63 -18.87
CA LEU B 654 2.48 -9.40 -18.58
C LEU B 654 2.38 -10.62 -19.48
N TRP B 655 2.38 -10.42 -20.79
CA TRP B 655 2.31 -11.55 -21.71
C TRP B 655 3.35 -12.63 -21.45
N ILE B 656 4.63 -12.36 -21.65
CA ILE B 656 5.60 -13.46 -21.53
C ILE B 656 5.74 -13.91 -20.08
N TYR B 657 6.18 -13.02 -19.20
CA TYR B 657 6.49 -13.44 -17.84
C TYR B 657 5.25 -13.69 -17.00
N GLY B 658 4.30 -12.76 -16.94
CA GLY B 658 3.20 -12.95 -16.02
C GLY B 658 2.42 -14.21 -16.32
N LEU B 659 2.28 -14.54 -17.60
CA LEU B 659 1.56 -15.75 -17.97
C LEU B 659 2.42 -17.00 -17.83
N GLY B 660 3.72 -16.94 -18.07
CA GLY B 660 4.55 -18.09 -17.77
C GLY B 660 4.52 -18.38 -16.28
N GLY B 661 4.54 -17.32 -15.47
CA GLY B 661 4.42 -17.47 -14.04
C GLY B 661 3.10 -18.07 -13.64
N LEU B 662 2.03 -17.70 -14.34
CA LEU B 662 0.73 -18.32 -14.05
C LEU B 662 0.76 -19.82 -14.28
N LEU B 663 1.39 -20.26 -15.37
CA LEU B 663 1.34 -21.70 -15.67
C LEU B 663 2.37 -22.52 -14.90
N VAL B 664 3.45 -21.95 -14.39
CA VAL B 664 4.47 -22.76 -13.73
C VAL B 664 3.94 -23.43 -12.46
N PRO B 665 3.27 -22.74 -11.54
CA PRO B 665 2.68 -23.40 -10.37
C PRO B 665 1.94 -24.69 -10.67
N PHE B 666 0.87 -24.61 -11.47
CA PHE B 666 0.01 -25.77 -11.67
C PHE B 666 0.79 -26.95 -12.22
N ILE B 667 1.53 -26.74 -13.31
CA ILE B 667 2.26 -27.85 -13.92
C ILE B 667 3.34 -28.37 -12.97
N GLY B 668 3.99 -27.47 -12.24
CA GLY B 668 5.10 -27.90 -11.39
C GLY B 668 4.61 -28.73 -10.22
N ILE B 669 3.54 -28.28 -9.57
CA ILE B 669 3.03 -29.02 -8.42
C ILE B 669 2.45 -30.33 -8.89
N LYS B 670 1.75 -30.33 -10.03
CA LYS B 670 1.18 -31.58 -10.50
C LYS B 670 2.27 -32.60 -10.81
N VAL B 671 3.33 -32.19 -11.51
CA VAL B 671 4.38 -33.17 -11.83
C VAL B 671 5.07 -33.65 -10.55
N ILE B 672 5.30 -32.75 -9.60
CA ILE B 672 5.94 -33.17 -8.35
C ILE B 672 5.08 -34.19 -7.63
N ASP B 673 3.77 -33.95 -7.58
CA ASP B 673 2.87 -34.89 -6.93
C ASP B 673 2.81 -36.21 -7.69
N LEU B 674 2.84 -36.15 -9.00
CA LEU B 674 2.84 -37.39 -9.78
C LEU B 674 4.07 -38.21 -9.44
N LEU B 675 5.22 -37.54 -9.27
CA LEU B 675 6.42 -38.28 -8.90
C LEU B 675 6.28 -38.86 -7.50
N LEU B 676 5.66 -38.10 -6.58
CA LEU B 676 5.51 -38.64 -5.22
C LEU B 676 4.67 -39.91 -5.24
N THR B 677 3.47 -39.84 -5.83
CA THR B 677 2.61 -41.01 -5.84
C THR B 677 3.23 -42.17 -6.63
N VAL B 678 3.87 -41.89 -7.77
CA VAL B 678 4.48 -42.98 -8.52
C VAL B 678 5.60 -43.64 -7.74
N CYS B 679 6.42 -42.84 -7.04
CA CYS B 679 7.49 -43.42 -6.24
C CYS B 679 6.98 -44.15 -5.01
N GLY B 680 5.76 -43.85 -4.57
CA GLY B 680 5.15 -44.54 -3.45
C GLY B 680 5.19 -43.77 -2.15
N LEU B 681 5.89 -42.64 -2.10
CA LEU B 681 5.97 -41.88 -0.87
C LEU B 681 4.62 -41.29 -0.48
N VAL B 682 3.76 -41.03 -1.47
CA VAL B 682 2.43 -40.46 -1.24
C VAL B 682 2.53 -39.08 -0.63
N MET C 1 -8.91 21.67 13.32
CA MET C 1 -9.42 22.67 14.29
C MET C 1 -10.85 22.35 14.62
N SER C 2 -11.05 21.56 15.68
CA SER C 2 -12.39 21.34 16.21
C SER C 2 -12.74 22.51 17.10
N GLY C 3 -12.61 23.74 16.58
CA GLY C 3 -12.89 24.94 17.34
C GLY C 3 -14.28 24.85 17.91
N LEU C 4 -14.41 25.09 19.22
CA LEU C 4 -15.68 24.80 19.87
C LEU C 4 -16.81 25.63 19.28
N ARG C 5 -16.54 26.86 18.86
CA ARG C 5 -17.63 27.69 18.37
C ARG C 5 -18.09 27.26 16.99
N PRO C 6 -17.23 27.14 15.99
CA PRO C 6 -17.74 26.70 14.69
C PRO C 6 -18.22 25.27 14.70
N ALA C 7 -17.65 24.41 15.53
CA ALA C 7 -18.13 23.04 15.60
C ALA C 7 -19.53 22.96 16.20
N LEU C 8 -19.73 23.58 17.37
CA LEU C 8 -21.04 23.52 17.99
C LEU C 8 -22.08 24.29 17.20
N SER C 9 -21.69 25.37 16.51
CA SER C 9 -22.66 26.10 15.71
C SER C 9 -23.05 25.32 14.47
N THR C 10 -22.07 24.75 13.76
CA THR C 10 -22.38 23.95 12.60
C THR C 10 -23.31 22.80 12.98
N PHE C 11 -22.97 22.07 14.05
CA PHE C 11 -23.80 20.93 14.42
C PHE C 11 -25.19 21.37 14.85
N ILE C 12 -25.32 22.45 15.61
CA ILE C 12 -26.66 22.85 16.06
C ILE C 12 -27.50 23.35 14.90
N PHE C 13 -26.91 24.12 13.98
CA PHE C 13 -27.66 24.62 12.85
C PHE C 13 -28.11 23.47 11.96
N LEU C 14 -27.21 22.54 11.67
CA LEU C 14 -27.59 21.40 10.85
C LEU C 14 -28.61 20.53 11.58
N LEU C 15 -28.50 20.42 12.91
CA LEU C 15 -29.49 19.71 13.69
C LEU C 15 -30.88 20.29 13.45
N LEU C 16 -31.05 21.58 13.69
CA LEU C 16 -32.38 22.17 13.47
C LEU C 16 -32.82 22.01 12.03
N ILE C 17 -31.94 22.30 11.08
CA ILE C 17 -32.34 22.31 9.67
C ILE C 17 -32.75 20.93 9.19
N THR C 18 -32.04 19.89 9.61
CA THR C 18 -32.32 18.54 9.12
C THR C 18 -33.17 17.74 10.08
N GLY C 19 -33.57 18.31 11.21
CA GLY C 19 -34.38 17.59 12.17
C GLY C 19 -35.78 18.15 12.26
N GLY C 20 -35.92 19.47 12.24
CA GLY C 20 -37.24 20.06 12.33
C GLY C 20 -37.78 20.62 11.03
N VAL C 21 -37.02 21.52 10.41
CA VAL C 21 -37.52 22.21 9.21
C VAL C 21 -37.80 21.23 8.07
N TYR C 22 -36.86 20.31 7.81
CA TYR C 22 -37.08 19.39 6.69
C TYR C 22 -38.27 18.45 6.93
N PRO C 23 -38.32 17.68 8.01
CA PRO C 23 -39.57 16.93 8.31
C PRO C 23 -40.82 17.78 8.29
N LEU C 24 -40.82 18.93 8.94
CA LEU C 24 -42.04 19.73 8.99
C LEU C 24 -42.45 20.19 7.60
N LEU C 25 -41.49 20.62 6.78
CA LEU C 25 -41.84 21.08 5.45
C LEU C 25 -42.41 19.94 4.62
N THR C 26 -41.81 18.75 4.73
CA THR C 26 -42.32 17.63 3.97
C THR C 26 -43.70 17.20 4.46
N THR C 27 -43.95 17.35 5.76
CA THR C 27 -45.24 16.95 6.30
C THR C 27 -46.32 17.93 5.87
N VAL C 28 -46.01 19.22 5.88
CA VAL C 28 -47.01 20.20 5.49
C VAL C 28 -47.35 20.06 4.02
N LEU C 29 -46.34 19.89 3.17
CA LEU C 29 -46.60 19.76 1.75
C LEU C 29 -47.33 18.47 1.44
N GLY C 30 -46.91 17.35 2.00
CA GLY C 30 -47.63 16.12 1.83
C GLY C 30 -49.08 16.24 2.26
N GLN C 31 -49.34 16.64 3.50
CA GLN C 31 -50.72 16.74 3.98
C GLN C 31 -51.54 17.74 3.17
N TRP C 32 -50.90 18.71 2.51
CA TRP C 32 -51.66 19.65 1.70
C TRP C 32 -52.02 19.07 0.34
N TRP C 33 -51.05 18.47 -0.34
CA TRP C 33 -51.24 17.99 -1.70
C TRP C 33 -51.80 16.56 -1.74
N PHE C 34 -51.21 15.64 -0.99
CA PHE C 34 -51.56 14.23 -1.01
C PHE C 34 -52.00 13.79 0.38
N PRO C 35 -53.20 14.20 0.80
CA PRO C 35 -53.62 13.90 2.17
C PRO C 35 -54.15 12.51 2.38
N TRP C 36 -54.53 11.80 1.32
CA TRP C 36 -55.04 10.44 1.44
C TRP C 36 -53.92 9.42 1.46
N GLN C 37 -52.88 9.62 0.66
CA GLN C 37 -51.72 8.74 0.70
C GLN C 37 -50.89 8.96 1.95
N ALA C 38 -50.81 10.20 2.43
CA ALA C 38 -49.98 10.52 3.58
C ALA C 38 -50.62 10.13 4.91
N ASN C 39 -51.92 9.93 4.95
CA ASN C 39 -52.61 9.53 6.17
C ASN C 39 -52.87 8.03 6.21
N GLY C 40 -52.24 7.25 5.33
CA GLY C 40 -52.33 5.80 5.35
C GLY C 40 -53.01 5.19 4.15
N SER C 41 -53.81 5.95 3.41
CA SER C 41 -54.60 5.41 2.31
C SER C 41 -55.60 4.39 2.83
N LEU C 42 -56.29 4.76 3.90
CA LEU C 42 -57.22 3.89 4.59
C LEU C 42 -58.52 3.77 3.80
N ILE C 43 -59.21 2.65 4.03
CA ILE C 43 -60.52 2.39 3.45
C ILE C 43 -61.57 2.58 4.54
N ARG C 44 -62.62 3.34 4.24
CA ARG C 44 -63.65 3.67 5.21
C ARG C 44 -64.99 3.15 4.73
N GLU C 45 -65.68 2.42 5.58
CA GLU C 45 -67.01 1.89 5.30
C GLU C 45 -68.04 2.56 6.22
N GLY C 46 -67.92 3.88 6.38
CA GLY C 46 -68.71 4.61 7.35
C GLY C 46 -67.82 5.22 8.40
N ASP C 47 -67.90 4.69 9.62
CA ASP C 47 -67.03 5.09 10.71
C ASP C 47 -65.90 4.11 10.98
N THR C 48 -65.97 2.90 10.42
CA THR C 48 -64.98 1.87 10.66
C THR C 48 -64.00 1.81 9.51
N VAL C 49 -62.73 1.64 9.85
CA VAL C 49 -61.66 1.46 8.87
C VAL C 49 -61.56 -0.03 8.58
N ARG C 50 -61.57 -0.39 7.29
CA ARG C 50 -61.40 -1.77 6.88
C ARG C 50 -59.96 -2.12 6.54
N GLY C 51 -59.05 -1.16 6.59
CA GLY C 51 -57.65 -1.43 6.38
C GLY C 51 -57.06 -0.52 5.33
N SER C 52 -55.74 -0.42 5.28
CA SER C 52 -55.11 0.32 4.21
C SER C 52 -55.32 -0.39 2.90
N ALA C 53 -55.22 0.36 1.81
CA ALA C 53 -55.22 -0.21 0.48
C ALA C 53 -53.86 -0.68 0.06
N LEU C 54 -52.97 -0.91 1.03
CA LEU C 54 -51.61 -1.32 0.75
C LEU C 54 -51.11 -2.48 1.60
N ILE C 55 -51.82 -2.86 2.67
CA ILE C 55 -51.27 -3.71 3.70
C ILE C 55 -51.69 -5.16 3.56
N GLY C 56 -52.94 -5.43 3.22
CA GLY C 56 -53.31 -6.81 2.99
C GLY C 56 -53.54 -7.57 4.26
N GLN C 57 -54.63 -8.34 4.31
CA GLN C 57 -55.11 -9.00 5.52
C GLN C 57 -55.11 -10.51 5.33
N ASN C 58 -55.43 -11.22 6.39
CA ASN C 58 -55.41 -12.68 6.39
C ASN C 58 -56.81 -13.18 6.04
N PHE C 59 -57.08 -13.32 4.75
CA PHE C 59 -58.34 -13.89 4.31
C PHE C 59 -58.25 -15.41 4.39
N THR C 60 -59.24 -16.01 5.03
CA THR C 60 -59.27 -17.46 5.19
C THR C 60 -60.62 -18.09 4.85
N GLY C 61 -61.61 -17.29 4.45
CA GLY C 61 -62.88 -17.84 4.05
C GLY C 61 -62.74 -18.67 2.80
N ASN C 62 -63.89 -19.11 2.30
CA ASN C 62 -63.96 -19.93 1.10
C ASN C 62 -64.63 -19.21 -0.06
N GLY C 63 -65.05 -17.96 0.13
CA GLY C 63 -65.58 -17.16 -0.96
C GLY C 63 -64.77 -15.91 -1.14
N TYR C 64 -63.51 -15.96 -0.72
CA TYR C 64 -62.60 -14.83 -0.79
C TYR C 64 -61.35 -15.23 -1.55
N PHE C 65 -60.72 -14.27 -2.21
CA PHE C 65 -59.45 -14.50 -2.86
C PHE C 65 -58.35 -14.43 -1.82
N HIS C 66 -57.55 -15.48 -1.72
CA HIS C 66 -56.48 -15.58 -0.74
C HIS C 66 -55.17 -15.14 -1.34
N GLY C 67 -54.32 -14.54 -0.51
CA GLY C 67 -53.00 -14.10 -0.89
C GLY C 67 -51.93 -15.11 -0.51
N ARG C 68 -50.72 -14.62 -0.32
CA ARG C 68 -49.60 -15.46 0.03
C ARG C 68 -49.54 -15.66 1.52
N PRO C 69 -48.75 -16.62 2.01
CA PRO C 69 -48.51 -16.72 3.44
C PRO C 69 -47.81 -15.48 3.97
N SER C 70 -47.78 -15.36 5.29
CA SER C 70 -47.18 -14.19 5.91
C SER C 70 -45.95 -14.51 6.75
N ALA C 71 -46.09 -15.35 7.76
CA ALA C 71 -44.98 -15.67 8.66
C ALA C 71 -44.51 -14.43 9.43
N THR C 72 -45.46 -13.66 9.95
CA THR C 72 -45.18 -12.60 10.90
C THR C 72 -45.28 -13.16 12.31
N ALA C 73 -44.84 -12.38 13.29
CA ALA C 73 -44.54 -12.91 14.62
C ALA C 73 -45.74 -13.51 15.33
N GLU C 74 -46.73 -12.70 15.69
CA GLU C 74 -47.78 -13.21 16.57
C GLU C 74 -48.84 -13.99 15.79
N MET C 75 -49.35 -13.41 14.73
CA MET C 75 -50.40 -14.00 13.93
C MET C 75 -50.14 -13.68 12.46
N PRO C 76 -50.82 -14.32 11.53
CA PRO C 76 -50.59 -14.00 10.12
C PRO C 76 -51.06 -12.59 9.79
N TYR C 77 -50.26 -11.91 8.99
CA TYR C 77 -50.56 -10.55 8.54
C TYR C 77 -50.77 -9.62 9.73
N ASN C 78 -49.68 -9.43 10.48
CA ASN C 78 -49.65 -8.59 11.67
C ASN C 78 -48.80 -7.36 11.39
N PRO C 79 -49.37 -6.16 11.25
CA PRO C 79 -48.55 -5.01 10.86
C PRO C 79 -47.56 -4.56 11.93
N GLN C 80 -47.70 -5.04 13.15
CA GLN C 80 -46.84 -4.64 14.25
C GLN C 80 -45.56 -5.46 14.34
N ALA C 81 -45.47 -6.56 13.62
CA ALA C 81 -44.32 -7.45 13.71
C ALA C 81 -43.89 -7.92 12.34
N SER C 82 -43.87 -7.02 11.37
CA SER C 82 -43.55 -7.40 10.01
C SER C 82 -42.19 -8.08 9.93
N GLY C 83 -41.99 -8.83 8.86
CA GLY C 83 -40.77 -9.60 8.66
C GLY C 83 -41.07 -10.99 8.19
N GLY C 84 -40.40 -11.43 7.14
CA GLY C 84 -40.67 -12.74 6.59
C GLY C 84 -39.82 -13.82 7.19
N SER C 85 -40.27 -15.06 7.05
CA SER C 85 -39.49 -16.20 7.51
C SER C 85 -38.23 -16.31 6.67
N ASN C 86 -37.08 -16.38 7.34
CA ASN C 86 -35.79 -16.36 6.66
C ASN C 86 -35.24 -17.76 6.48
N LEU C 87 -36.11 -18.73 6.21
CA LEU C 87 -35.66 -20.09 6.00
C LEU C 87 -34.89 -20.17 4.69
N ALA C 88 -33.70 -20.75 4.75
CA ALA C 88 -32.86 -20.86 3.57
C ALA C 88 -33.43 -21.89 2.61
N VAL C 89 -32.74 -22.08 1.49
CA VAL C 89 -33.17 -23.07 0.51
C VAL C 89 -32.81 -24.47 0.97
N SER C 90 -31.76 -24.61 1.76
CA SER C 90 -31.28 -25.91 2.23
C SER C 90 -31.87 -26.31 3.57
N ASN C 91 -32.71 -25.47 4.17
CA ASN C 91 -33.34 -25.79 5.44
C ASN C 91 -34.49 -26.75 5.18
N PRO C 92 -34.53 -27.93 5.82
CA PRO C 92 -35.64 -28.86 5.55
C PRO C 92 -36.96 -28.41 6.14
N GLU C 93 -36.98 -27.45 7.05
CA GLU C 93 -38.27 -26.94 7.53
C GLU C 93 -38.99 -26.15 6.46
N LEU C 94 -38.25 -25.54 5.53
CA LEU C 94 -38.91 -24.85 4.42
C LEU C 94 -39.68 -25.84 3.57
N ASP C 95 -39.08 -26.99 3.27
CA ASP C 95 -39.79 -28.02 2.51
C ASP C 95 -40.95 -28.58 3.32
N LYS C 96 -40.75 -28.73 4.64
CA LYS C 96 -41.83 -29.18 5.50
C LYS C 96 -43.04 -28.24 5.40
N LEU C 97 -42.78 -26.93 5.36
CA LEU C 97 -43.87 -25.96 5.25
C LEU C 97 -44.51 -26.01 3.87
N ILE C 98 -43.70 -26.04 2.82
CA ILE C 98 -44.22 -25.93 1.47
C ILE C 98 -45.06 -27.15 1.11
N ALA C 99 -44.67 -28.34 1.56
CA ALA C 99 -45.48 -29.52 1.26
C ALA C 99 -46.86 -29.40 1.88
N ALA C 100 -46.93 -28.94 3.13
CA ALA C 100 -48.22 -28.80 3.79
C ALA C 100 -49.06 -27.72 3.13
N ARG C 101 -48.44 -26.62 2.72
CA ARG C 101 -49.21 -25.57 2.07
C ARG C 101 -49.76 -26.03 0.72
N VAL C 102 -48.96 -26.77 -0.04
CA VAL C 102 -49.46 -27.29 -1.32
C VAL C 102 -50.59 -28.28 -1.08
N ALA C 103 -50.47 -29.11 -0.05
CA ALA C 103 -51.55 -30.06 0.22
C ALA C 103 -52.83 -29.33 0.58
N ALA C 104 -52.74 -28.28 1.39
CA ALA C 104 -53.94 -27.54 1.77
C ALA C 104 -54.56 -26.81 0.58
N LEU C 105 -53.72 -26.27 -0.31
CA LEU C 105 -54.26 -25.60 -1.48
C LEU C 105 -54.91 -26.57 -2.45
N ARG C 106 -54.34 -27.75 -2.63
CA ARG C 106 -54.98 -28.74 -3.47
C ARG C 106 -56.28 -29.25 -2.85
N ALA C 107 -56.36 -29.25 -1.52
CA ALA C 107 -57.61 -29.68 -0.89
C ALA C 107 -58.69 -28.61 -0.97
N ALA C 108 -58.31 -27.33 -0.95
CA ALA C 108 -59.31 -26.27 -0.97
C ALA C 108 -59.82 -25.98 -2.38
N ASN C 109 -59.00 -26.20 -3.41
CA ASN C 109 -59.33 -25.92 -4.81
C ASN C 109 -59.30 -27.21 -5.62
N PRO C 110 -60.23 -28.13 -5.38
CA PRO C 110 -60.24 -29.39 -6.12
C PRO C 110 -60.80 -29.32 -7.53
N ASP C 111 -60.99 -28.12 -8.09
CA ASP C 111 -61.58 -27.95 -9.41
C ASP C 111 -60.65 -27.23 -10.38
N ALA C 112 -59.44 -26.89 -9.97
CA ALA C 112 -58.46 -26.23 -10.81
C ALA C 112 -57.28 -27.17 -11.05
N SER C 113 -56.28 -26.67 -11.76
CA SER C 113 -55.11 -27.47 -12.08
C SER C 113 -54.45 -27.97 -10.79
N ALA C 114 -53.64 -29.00 -10.94
CA ALA C 114 -52.94 -29.62 -9.81
C ALA C 114 -51.54 -29.07 -9.62
N SER C 115 -51.16 -28.03 -10.37
CA SER C 115 -49.85 -27.42 -10.27
C SER C 115 -50.05 -26.05 -9.62
N VAL C 116 -49.92 -26.03 -8.30
CA VAL C 116 -50.18 -24.83 -7.51
C VAL C 116 -49.23 -23.72 -7.95
N PRO C 117 -49.66 -22.46 -8.05
CA PRO C 117 -48.71 -21.38 -8.36
C PRO C 117 -47.68 -21.21 -7.25
N VAL C 118 -46.50 -20.75 -7.61
CA VAL C 118 -45.43 -20.60 -6.63
C VAL C 118 -45.73 -19.46 -5.66
N GLU C 119 -46.46 -18.43 -6.10
CA GLU C 119 -46.71 -17.30 -5.23
C GLU C 119 -47.49 -17.71 -3.99
N LEU C 120 -48.54 -18.50 -4.17
CA LEU C 120 -49.43 -18.88 -3.08
C LEU C 120 -48.74 -19.79 -2.07
N VAL C 121 -47.72 -20.53 -2.49
CA VAL C 121 -47.05 -21.51 -1.64
C VAL C 121 -45.85 -20.98 -0.85
N THR C 122 -45.37 -19.78 -1.15
CA THR C 122 -44.20 -19.26 -0.47
C THR C 122 -44.44 -17.86 0.09
N ALA C 123 -43.88 -17.61 1.28
CA ALA C 123 -44.15 -16.40 2.01
C ALA C 123 -43.48 -15.20 1.37
N SER C 124 -43.99 -14.02 1.70
CA SER C 124 -43.49 -12.77 1.16
C SER C 124 -42.36 -12.24 2.03
N ALA C 125 -41.77 -11.12 1.60
CA ALA C 125 -40.61 -10.57 2.29
C ALA C 125 -40.99 -9.79 3.52
N SER C 126 -42.18 -9.20 3.54
CA SER C 126 -42.65 -8.43 4.67
C SER C 126 -43.80 -9.09 5.41
N GLY C 127 -44.36 -10.17 4.89
CA GLY C 127 -45.49 -10.77 5.54
C GLY C 127 -46.72 -9.92 5.53
N LEU C 128 -46.78 -8.91 4.67
CA LEU C 128 -47.93 -8.02 4.54
C LEU C 128 -48.22 -7.77 3.08
N ASP C 129 -48.02 -8.77 2.24
CA ASP C 129 -48.11 -8.59 0.80
C ASP C 129 -49.56 -8.67 0.37
N ASN C 130 -50.08 -7.57 -0.17
CA ASN C 130 -51.46 -7.45 -0.60
C ASN C 130 -51.66 -7.88 -2.05
N ASN C 131 -50.63 -8.38 -2.73
CA ASN C 131 -50.63 -8.53 -4.18
C ASN C 131 -50.39 -9.96 -4.59
N ILE C 132 -51.07 -10.37 -5.65
CA ILE C 132 -50.78 -11.62 -6.35
C ILE C 132 -51.05 -11.38 -7.83
N THR C 133 -50.14 -11.84 -8.67
CA THR C 133 -50.27 -11.68 -10.11
C THR C 133 -51.61 -12.17 -10.63
N PRO C 134 -52.14 -11.58 -11.70
CA PRO C 134 -53.42 -12.05 -12.24
C PRO C 134 -53.55 -13.55 -12.41
N GLN C 135 -52.52 -14.25 -12.87
CA GLN C 135 -52.63 -15.68 -13.10
C GLN C 135 -52.82 -16.44 -11.79
N ALA C 136 -52.13 -16.02 -10.73
CA ALA C 136 -52.26 -16.69 -9.45
C ALA C 136 -53.60 -16.40 -8.82
N ALA C 137 -54.25 -15.30 -9.18
CA ALA C 137 -55.56 -14.96 -8.67
C ALA C 137 -56.66 -15.42 -9.59
N ALA C 138 -56.31 -15.94 -10.77
CA ALA C 138 -57.25 -16.56 -11.69
C ALA C 138 -57.22 -18.06 -11.58
N TRP C 139 -56.25 -18.61 -10.85
CA TRP C 139 -56.19 -20.04 -10.60
C TRP C 139 -57.28 -20.48 -9.65
N GLN C 140 -57.94 -19.54 -8.96
CA GLN C 140 -58.92 -19.85 -7.93
C GLN C 140 -60.25 -19.18 -8.20
N ILE C 141 -60.61 -18.99 -9.46
CA ILE C 141 -61.93 -18.51 -9.84
C ILE C 141 -62.96 -19.63 -9.74
N PRO C 142 -62.63 -20.89 -9.99
CA PRO C 142 -63.63 -21.94 -9.73
C PRO C 142 -64.14 -21.96 -8.29
N ARG C 143 -63.23 -21.94 -7.32
CA ARG C 143 -63.66 -21.98 -5.93
C ARG C 143 -64.51 -20.77 -5.57
N VAL C 144 -64.04 -19.58 -5.94
CA VAL C 144 -64.78 -18.37 -5.58
C VAL C 144 -66.10 -18.28 -6.34
N ALA C 145 -66.15 -18.83 -7.54
CA ALA C 145 -67.40 -18.79 -8.29
C ALA C 145 -68.41 -19.74 -7.68
N LYS C 146 -67.99 -20.94 -7.31
CA LYS C 146 -68.90 -21.87 -6.67
C LYS C 146 -69.39 -21.30 -5.36
N ALA C 147 -68.48 -20.73 -4.55
CA ALA C 147 -68.85 -20.17 -3.26
C ALA C 147 -69.81 -19.00 -3.41
N ARG C 148 -69.58 -18.13 -4.39
CA ARG C 148 -70.38 -16.93 -4.56
C ARG C 148 -71.58 -17.13 -5.48
N ASN C 149 -71.58 -18.19 -6.30
CA ASN C 149 -72.57 -18.44 -7.33
C ASN C 149 -72.46 -17.47 -8.50
N LEU C 150 -71.30 -16.85 -8.68
CA LEU C 150 -71.06 -15.99 -9.83
C LEU C 150 -70.69 -16.86 -11.04
N SER C 151 -70.43 -16.21 -12.16
CA SER C 151 -69.90 -16.87 -13.33
C SER C 151 -68.42 -16.56 -13.45
N VAL C 152 -67.72 -17.37 -14.26
CA VAL C 152 -66.30 -17.14 -14.44
C VAL C 152 -66.06 -15.83 -15.17
N GLU C 153 -67.00 -15.40 -16.00
CA GLU C 153 -66.84 -14.15 -16.74
C GLU C 153 -66.92 -12.95 -15.82
N GLN C 154 -67.90 -12.92 -14.93
CA GLN C 154 -67.99 -11.83 -13.96
C GLN C 154 -66.74 -11.76 -13.11
N LEU C 155 -66.26 -12.90 -12.63
CA LEU C 155 -65.13 -12.90 -11.73
C LEU C 155 -63.84 -12.53 -12.45
N THR C 156 -63.67 -12.93 -13.70
CA THR C 156 -62.46 -12.55 -14.42
C THR C 156 -62.48 -11.07 -14.78
N GLN C 157 -63.65 -10.52 -15.12
CA GLN C 157 -63.73 -9.08 -15.33
C GLN C 157 -63.46 -8.32 -14.04
N LEU C 158 -63.92 -8.84 -12.91
CA LEU C 158 -63.62 -8.23 -11.64
C LEU C 158 -62.11 -8.20 -11.39
N ILE C 159 -61.45 -9.34 -11.54
CA ILE C 159 -60.00 -9.38 -11.34
C ILE C 159 -59.32 -8.43 -12.31
N ALA C 160 -59.84 -8.31 -13.53
CA ALA C 160 -59.25 -7.38 -14.49
C ALA C 160 -59.38 -5.94 -14.01
N LYS C 161 -60.50 -5.61 -13.39
CA LYS C 161 -60.72 -4.25 -12.91
C LYS C 161 -59.73 -3.83 -11.84
N TYR C 162 -59.23 -4.78 -11.04
CA TYR C 162 -58.32 -4.47 -9.93
C TYR C 162 -56.87 -4.78 -10.23
N SER C 163 -56.51 -5.16 -11.46
CA SER C 163 -55.11 -5.33 -11.77
C SER C 163 -54.47 -3.96 -12.02
N GLN C 164 -53.15 -3.90 -11.85
CA GLN C 164 -52.39 -2.65 -11.97
C GLN C 164 -51.04 -2.95 -12.61
N GLN C 165 -50.96 -2.82 -13.93
CA GLN C 165 -49.69 -2.98 -14.62
C GLN C 165 -48.72 -1.88 -14.20
N PRO C 166 -47.42 -2.14 -14.30
CA PRO C 166 -46.43 -1.08 -14.07
C PRO C 166 -46.31 -0.18 -15.29
N LEU C 167 -45.48 0.85 -15.16
CA LEU C 167 -45.32 1.82 -16.24
C LEU C 167 -44.73 1.15 -17.48
N VAL C 168 -43.56 0.53 -17.34
CA VAL C 168 -42.94 -0.25 -18.39
C VAL C 168 -42.89 -1.69 -17.94
N LYS C 169 -42.94 -2.60 -18.91
CA LYS C 169 -43.19 -4.01 -18.61
C LYS C 169 -42.18 -4.60 -17.63
N TYR C 170 -40.96 -4.10 -17.61
CA TYR C 170 -39.83 -4.84 -17.03
C TYR C 170 -39.32 -4.26 -15.72
N ILE C 171 -40.05 -3.34 -15.09
CA ILE C 171 -39.66 -2.84 -13.77
C ILE C 171 -40.52 -3.38 -12.66
N GLY C 172 -41.55 -4.13 -12.96
CA GLY C 172 -42.35 -4.77 -11.94
C GLY C 172 -43.16 -5.88 -12.54
N GLN C 173 -44.25 -6.22 -11.88
CA GLN C 173 -45.17 -7.25 -12.35
C GLN C 173 -46.58 -6.71 -12.33
N PRO C 174 -47.46 -7.22 -13.18
CA PRO C 174 -48.88 -6.90 -13.05
C PRO C 174 -49.46 -7.64 -11.86
N VAL C 175 -50.19 -6.92 -11.00
CA VAL C 175 -50.60 -7.45 -9.72
C VAL C 175 -52.05 -7.09 -9.44
N VAL C 176 -52.64 -7.80 -8.48
CA VAL C 176 -54.03 -7.63 -8.07
C VAL C 176 -54.03 -7.13 -6.63
N ASN C 177 -54.96 -6.22 -6.33
CA ASN C 177 -55.09 -5.68 -4.98
C ASN C 177 -56.19 -6.47 -4.29
N ILE C 178 -55.79 -7.38 -3.40
CA ILE C 178 -56.72 -8.38 -2.90
C ILE C 178 -57.73 -7.79 -1.94
N VAL C 179 -57.31 -6.84 -1.09
CA VAL C 179 -58.22 -6.28 -0.10
C VAL C 179 -59.40 -5.62 -0.79
N GLU C 180 -59.12 -4.71 -1.73
CA GLU C 180 -60.21 -4.06 -2.45
C GLU C 180 -60.95 -5.04 -3.32
N LEU C 181 -60.26 -6.03 -3.87
CA LEU C 181 -60.94 -7.05 -4.67
C LEU C 181 -62.02 -7.75 -3.85
N ASN C 182 -61.69 -8.12 -2.62
CA ASN C 182 -62.66 -8.82 -1.77
C ASN C 182 -63.72 -7.89 -1.23
N LEU C 183 -63.37 -6.64 -0.91
CA LEU C 183 -64.40 -5.69 -0.52
C LEU C 183 -65.41 -5.50 -1.64
N ALA C 184 -64.95 -5.43 -2.89
CA ALA C 184 -65.87 -5.28 -4.01
C ALA C 184 -66.63 -6.57 -4.29
N LEU C 185 -66.00 -7.71 -4.03
CA LEU C 185 -66.69 -8.98 -4.16
C LEU C 185 -67.82 -9.09 -3.15
N ASP C 186 -67.66 -8.50 -1.98
CA ASP C 186 -68.76 -8.42 -1.03
C ASP C 186 -69.82 -7.45 -1.50
N LYS C 187 -69.43 -6.22 -1.83
CA LYS C 187 -70.39 -5.23 -2.29
C LYS C 187 -71.18 -5.69 -3.50
N LEU C 188 -70.62 -6.61 -4.29
CA LEU C 188 -71.34 -7.11 -5.47
C LEU C 188 -72.56 -7.90 -5.06
N ASP C 189 -72.41 -8.84 -4.15
CA ASP C 189 -73.54 -9.62 -3.65
C ASP C 189 -74.14 -8.96 -2.42
N GLU C 190 -74.42 -7.66 -2.54
CA GLU C 190 -75.01 -6.84 -1.49
C GLU C 190 -74.55 -7.19 -0.09
N MET D 1 -12.37 -21.90 25.54
CA MET D 1 -10.95 -21.73 25.96
C MET D 1 -10.28 -23.09 26.15
N SER D 2 -8.99 -23.14 25.85
CA SER D 2 -8.19 -24.34 26.02
C SER D 2 -6.73 -23.93 26.11
N ALA D 3 -5.83 -24.90 25.97
CA ALA D 3 -4.41 -24.60 25.87
C ALA D 3 -3.99 -24.44 24.41
N GLY D 4 -4.44 -25.34 23.56
CA GLY D 4 -4.07 -25.25 22.15
C GLY D 4 -4.60 -24.00 21.50
N VAL D 5 -5.89 -23.71 21.69
CA VAL D 5 -6.49 -22.56 21.02
C VAL D 5 -5.92 -21.26 21.57
N ILE D 6 -5.68 -21.20 22.87
CA ILE D 6 -5.11 -19.99 23.46
C ILE D 6 -3.69 -19.76 22.94
N THR D 7 -2.88 -20.82 22.92
CA THR D 7 -1.53 -20.68 22.39
C THR D 7 -1.56 -20.24 20.93
N GLY D 8 -2.47 -20.81 20.14
CA GLY D 8 -2.56 -20.42 18.75
C GLY D 8 -2.97 -18.99 18.57
N VAL D 9 -3.92 -18.51 19.37
CA VAL D 9 -4.35 -17.12 19.26
C VAL D 9 -3.22 -16.18 19.65
N LEU D 10 -2.49 -16.51 20.73
CA LEU D 10 -1.34 -15.70 21.12
C LEU D 10 -0.32 -15.63 20.00
N LEU D 11 0.00 -16.78 19.40
CA LEU D 11 1.00 -16.80 18.34
C LEU D 11 0.55 -15.99 17.13
N VAL D 12 -0.72 -16.11 16.75
CA VAL D 12 -1.22 -15.38 15.60
C VAL D 12 -1.17 -13.88 15.87
N PHE D 13 -1.51 -13.46 17.08
CA PHE D 13 -1.47 -12.04 17.38
C PHE D 13 -0.04 -11.51 17.41
N LEU D 14 0.89 -12.29 17.94
CA LEU D 14 2.29 -11.88 17.90
C LEU D 14 2.78 -11.73 16.47
N LEU D 15 2.43 -12.68 15.60
CA LEU D 15 2.86 -12.59 14.21
C LEU D 15 2.24 -11.38 13.52
N LEU D 16 0.96 -11.10 13.77
CA LEU D 16 0.34 -9.93 13.15
C LEU D 16 0.99 -8.64 13.63
N GLY D 17 1.25 -8.53 14.93
CA GLY D 17 1.94 -7.35 15.42
C GLY D 17 3.32 -7.20 14.81
N TYR D 18 4.06 -8.30 14.72
CA TYR D 18 5.39 -8.24 14.12
C TYR D 18 5.32 -7.80 12.66
N LEU D 19 4.35 -8.32 11.91
CA LEU D 19 4.25 -7.96 10.50
C LEU D 19 3.84 -6.50 10.33
N VAL D 20 2.92 -6.00 11.17
CA VAL D 20 2.54 -4.60 11.01
C VAL D 20 3.67 -3.68 11.45
N TYR D 21 4.46 -4.09 12.43
CA TYR D 21 5.60 -3.28 12.83
C TYR D 21 6.68 -3.29 11.76
N ALA D 22 6.85 -4.41 11.07
CA ALA D 22 7.80 -4.48 9.97
C ALA D 22 7.29 -3.75 8.74
N LEU D 23 5.97 -3.59 8.61
CA LEU D 23 5.44 -2.82 7.50
C LEU D 23 5.54 -1.32 7.75
N ILE D 24 5.54 -0.90 9.01
CA ILE D 24 5.70 0.52 9.28
C ILE D 24 7.17 0.92 9.19
N ASN D 25 8.07 0.04 9.61
CA ASN D 25 9.51 0.27 9.48
C ASN D 25 10.06 -0.60 8.36
N ALA D 26 9.66 -0.26 7.13
CA ALA D 26 10.05 -1.07 5.99
C ALA D 26 11.52 -0.89 5.62
N GLU D 27 12.14 0.21 6.01
CA GLU D 27 13.54 0.43 5.66
C GLU D 27 14.46 -0.49 6.46
N ALA D 28 14.24 -0.58 7.77
CA ALA D 28 15.07 -1.45 8.61
C ALA D 28 14.91 -2.91 8.19
N PHE D 29 13.69 -3.32 7.87
CA PHE D 29 13.40 -4.70 7.52
C PHE D 29 13.47 -4.92 6.02
K K E . -31.15 -2.49 7.11
K K F . -24.82 2.16 4.54
N 9Y0 G . -4.22 1.48 -22.83
C 9Y0 G . -4.49 -6.79 -23.31
O 9Y0 G . -4.87 -1.89 -26.53
C1 9Y0 G . -5.30 -5.49 -23.39
C10 9Y0 G . -2.20 -11.28 -18.41
C11 9Y0 G . -1.84 -12.41 -17.45
C12 9Y0 G . -1.84 -11.74 -16.07
C13 9Y0 G . -1.03 -12.60 -15.10
C14 9Y0 G . -0.60 -11.82 -13.85
C15 9Y0 G . -1.36 -12.24 -12.57
C16 9Y0 G . -2.55 -13.20 -12.85
C17 9Y0 G . -3.04 -13.82 -11.51
C18 9Y0 G . -4.49 -14.37 -11.72
C19 9Y0 G . -4.77 -15.68 -10.91
C2 9Y0 G . -4.33 -4.33 -23.56
C20 9Y0 G . -5.84 -16.55 -11.64
C21 9Y0 G . -6.15 -6.08 -21.13
C22 9Y0 G . -5.04 -6.04 -20.03
C23 9Y0 G . -5.31 -7.20 -19.04
C24 9Y0 G . -4.17 -7.21 -18.00
C25 9Y0 G . -4.77 -7.86 -16.74
C26 9Y0 G . -3.65 -8.05 -15.69
C27 9Y0 G . -4.31 -8.46 -14.37
C28 9Y0 G . -3.17 -8.83 -13.39
C29 9Y0 G . -2.95 -7.63 -12.45
C3 9Y0 G . -3.66 0.03 -24.73
C30 9Y0 G . -1.89 -8.09 -11.42
C31 9Y0 G . -2.43 -7.79 -10.01
C32 9Y0 G . -1.63 -8.64 -9.00
C33 9Y0 G . -1.42 -7.79 -7.74
C34 9Y0 G . -1.43 -8.68 -6.47
C35 9Y0 G . -2.62 -8.26 -5.58
C36 9Y0 G . -2.13 -7.68 -4.24
C37 9Y0 G . -5.53 -18.07 -11.47
C38 9Y0 G . -5.62 -18.88 -12.79
C4 9Y0 G . -3.11 0.86 -23.55
C5 9Y0 G . -2.49 -7.70 -22.52
C6 9Y0 G . -2.15 -8.46 -21.22
C7 9Y0 G . -2.06 -9.96 -21.59
C8 9Y0 G . -3.00 -10.80 -20.68
C9 9Y0 G . -2.16 -11.82 -19.86
O1 9Y0 G . -3.19 -1.30 -24.65
O2 9Y0 G . -3.00 -3.44 -26.09
O3 9Y0 G . -4.95 -3.35 -24.38
O4 9Y0 G . -2.01 -8.03 -23.55
O5 9Y0 G . -3.38 -6.61 -22.47
O6 9Y0 G . -7.06 -6.84 -20.98
O7 9Y0 G . -6.13 -5.23 -22.28
P 9Y0 G . -4.00 -2.50 -25.46
H1 9Y0 G . -4.97 0.82 -22.72
H2 9Y0 G . -3.90 1.78 -21.92
H4 9Y0 G . -4.14 -7.06 -24.31
H5 9Y0 G . -5.10 -7.61 -22.93
H6 9Y0 G . -5.94 -5.55 -24.28
H7 9Y0 G . -3.20 -10.93 -18.15
H8 9Y0 G . -1.49 -10.45 -18.32
H9 9Y0 G . -0.85 -12.80 -17.69
H10 9Y0 G . -2.58 -13.21 -17.50
H11 9Y0 G . -1.41 -10.75 -16.13
H12 9Y0 G . -2.88 -11.67 -15.71
H13 9Y0 G . -0.14 -12.97 -15.61
H14 9Y0 G . 0.47 -11.93 -13.70
H15 9Y0 G . -1.76 -11.33 -12.09
H16 9Y0 G . -0.66 -12.71 -11.88
H17 9Y0 G . -3.36 -12.66 -13.34
H18 9Y0 G . -2.23 -14.04 -13.47
H19 9Y0 G . -3.05 -13.05 -10.74
H20 9Y0 G . -2.37 -14.63 -11.22
H21 9Y0 G . -5.20 -13.61 -11.40
H22 9Y0 G . -4.62 -14.55 -12.78
H23 9Y0 G . -5.14 -15.43 -9.92
H24 9Y0 G . -3.84 -16.24 -10.81
H25 9Y0 G . -3.41 -4.67 -24.03
H26 9Y0 G . -4.11 -3.89 -22.59
H27 9Y0 G . -6.82 -16.34 -11.21
H28 9Y0 G . -5.85 -16.23 -12.69
H29 9Y0 G . -4.05 -6.16 -20.44
H30 9Y0 G . -5.09 -5.09 -19.50
H31 9Y0 G . -5.33 -8.14 -19.57
H32 9Y0 G . -6.26 -7.04 -18.54
H33 9Y0 G . -3.33 -7.81 -18.35
H34 9Y0 G . -3.85 -6.20 -17.78
H35 9Y0 G . -5.20 -8.83 -16.98
H36 9Y0 G . -5.55 -7.21 -16.32
H37 9Y0 G . -3.11 -7.11 -15.56
H38 9Y0 G . -2.96 -8.83 -16.03
H39 9Y0 G . -4.95 -9.33 -14.53
H40 9Y0 G . -4.90 -7.64 -13.97
H41 9Y0 G . -2.26 -9.04 -13.94
H42 9Y0 G . -3.47 -9.70 -12.81
H43 9Y0 G . -3.88 -7.37 -11.94
H44 9Y0 G . -2.58 -6.77 -13.01
H45 9Y0 G . -4.75 0.03 -24.71
H46 9Y0 G . -3.32 0.47 -25.67
H47 9Y0 G . -1.71 -9.15 -11.52
H48 9Y0 G . -0.97 -7.53 -11.58
H49 9Y0 G . -3.49 -8.06 -9.94
H50 9Y0 G . -2.31 -6.73 -9.79
H51 9Y0 G . -0.66 -8.90 -9.43
H52 9Y0 G . -2.19 -9.54 -8.76
H53 9Y0 G . -0.40 -7.43 -7.85
H54 9Y0 G . -2.09 -6.94 -7.69
H55 9Y0 G . -0.48 -8.55 -5.95
H56 9Y0 G . -1.53 -9.72 -6.76
H57 9Y0 G . -3.25 -7.53 -6.08
H58 9Y0 G . -3.23 -9.14 -5.38
H59 9Y0 G . -2.35 -8.38 -3.44
H60 9Y0 G . -1.06 -7.47 -4.27
H61 9Y0 G . -2.65 -6.75 -4.05
H62 9Y0 G . -4.53 -18.20 -11.05
H63 9Y0 G . -6.24 -18.49 -10.76
H64 9Y0 G . -6.21 -18.04 -13.12
H65 9Y0 G . -4.55 -18.97 -12.59
H66 9Y0 G . -5.21 -18.68 -13.78
H67 9Y0 G . -2.57 0.19 -22.88
H68 9Y0 G . -2.44 1.63 -23.93
H69 9Y0 G . -1.19 -8.13 -20.82
H70 9Y0 G . -2.93 -8.28 -20.49
H71 9Y0 G . -2.46 -10.08 -22.60
H72 9Y0 G . -1.03 -10.31 -21.56
H73 9Y0 G . -3.58 -10.14 -20.02
H74 9Y0 G . -3.70 -11.34 -21.30
H75 9Y0 G . -2.63 -12.80 -19.91
H76 9Y0 G . -1.14 -11.87 -20.20
MG MG H . 42.83 10.77 -4.58
BE BEF I . 42.20 14.32 -3.87
F1 BEF I . 42.91 15.39 -4.35
F2 BEF I . 42.97 13.18 -3.90
F3 BEF I . 41.72 14.55 -2.62
#